data_9B69
#
_entry.id   9B69
#
_cell.length_a   1.00
_cell.length_b   1.00
_cell.length_c   1.00
_cell.angle_alpha   90.00
_cell.angle_beta   90.00
_cell.angle_gamma   90.00
#
_symmetry.space_group_name_H-M   'P 1'
#
loop_
_entity.id
_entity.type
_entity.pdbx_description
1 polymer 'Isoform Flip of Glutamate receptor 2'
2 branched 2-acetamido-2-deoxy-beta-D-glucopyranose-(1-4)-2-acetamido-2-deoxy-beta-D-glucopyranose
3 branched beta-D-mannopyranose-(1-4)-2-acetamido-2-deoxy-beta-D-glucopyranose-(1-4)-2-acetamido-2-deoxy-beta-D-glucopyranose
4 non-polymer 2-acetamido-2-deoxy-beta-D-glucopyranose
#
_entity_poly.entity_id   1
_entity_poly.type   'polypeptide(L)'
_entity_poly.pdbx_seq_one_letter_code
;MQKIMHISVLLSPVLWGLIFGVSSNSIQIGGLFPRGADQEYSAFRVGMVQFSTSEFRLTPHIDNLEVANSFAVTNAFCSQ
FSRGVYAIFGFYDKKSVNTITSFCGTLHVSFITPSFPTDGTHPFVIQMRPDLKGALLSLIEYYQWDKFAYLYDSDRGLST
LQAVLDSAAEKKWQVTAINVGNINNDKKDETYRSLFQDLELKKERRVILDCERDKVNDIVDQVITIGKHVKGYHYIIANL
GFTDGDLLKIQFGGANVSGFQIVDYDDSLVSKFIERWSTLEEKEYPGAHTATIKYTSALTYDAVQVMTEAFRNLRKQRIE
ISRRGNAGDCLANPAVPWGQGVEIERALKQVQVEGLSGNIKFDQNGKRINYTINIMELKTNGPRKIGYWSEVDKMVVTLT
ELPSGNDTSGLENKTVVVTTILESPYVMMKKNHEMLEGNERYEGYCVDLAAEIAKHCGFKYKLTIVGDGKYGARDADTKI
WNGMVGELVYGKADIAIAPLTITLVREEVIDFSKPFMSLGISIMIKKPQKSKPGVFSFLDPLAYEIWMCIVFAYIGVSVV
LFLVSRFSPYEWHTEEFEDGRETQSSESTNEFGIFNSLWFSLGAFMQQGCDISPRSLSGRIVGGVWWFFTLIIISSYTAN
LAAFLTVERMVSPIESAEDLSKQTEIAYGTLDSGSTKEFFRRSKIAVFDKMWTYMRSAEPSVFVRTTAEGVARVRKSKGK
YAYLLESTMNEYIEQRKPCDTMKVGGNLDSKGYDIATPKGSSLGTPVNLAVLKLSEQGVLDKLKNKWWYDKGECGAKDSG
SKEKTSALSLSNVAGVFYILVGGLGLAMLVALIEFCYKSRAEAKRMKVAKNPQNINPSSSQNSQNFATDYKDDDDKEGYN
VYGIESVKI
;
_entity_poly.pdbx_strand_id   C,A,B,D
#
loop_
_chem_comp.id
_chem_comp.type
_chem_comp.name
_chem_comp.formula
BMA D-saccharide, beta linking beta-D-mannopyranose 'C6 H12 O6'
NAG D-saccharide, beta linking 2-acetamido-2-deoxy-beta-D-glucopyranose 'C8 H15 N O6'
#
# COMPACT_ATOMS: atom_id res chain seq x y z
N ASN A 25 29.65 57.11 11.11
CA ASN A 25 30.45 56.69 12.27
C ASN A 25 29.67 56.91 13.56
N SER A 26 28.33 56.80 13.47
CA SER A 26 27.44 56.93 14.63
C SER A 26 26.39 55.83 14.50
N ILE A 27 26.67 54.68 15.10
CA ILE A 27 25.80 53.52 14.98
C ILE A 27 24.82 53.50 16.15
N GLN A 28 23.54 53.41 15.83
CA GLN A 28 22.47 53.36 16.82
C GLN A 28 22.00 51.91 16.95
N ILE A 29 22.17 51.33 18.13
CA ILE A 29 21.77 49.96 18.41
C ILE A 29 20.64 49.96 19.43
N GLY A 30 19.97 48.83 19.54
CA GLY A 30 18.82 48.68 20.43
C GLY A 30 19.12 47.67 21.52
N GLY A 31 18.55 47.90 22.70
CA GLY A 31 18.75 47.02 23.82
C GLY A 31 17.47 46.64 24.54
N LEU A 32 17.19 45.34 24.62
CA LEU A 32 16.03 44.83 25.33
C LEU A 32 16.52 44.09 26.57
N PHE A 33 16.05 44.52 27.74
CA PHE A 33 16.47 43.92 28.99
C PHE A 33 15.27 43.66 29.88
N PRO A 34 15.29 42.56 30.64
CA PRO A 34 14.17 42.27 31.53
C PRO A 34 14.03 43.30 32.64
N ARG A 35 12.79 43.49 33.08
CA ARG A 35 12.47 44.41 34.16
C ARG A 35 12.95 43.80 35.47
N GLY A 36 14.18 44.15 35.86
CA GLY A 36 14.80 43.58 37.03
C GLY A 36 16.20 43.09 36.73
N ALA A 37 16.70 43.39 35.53
CA ALA A 37 18.03 43.00 35.11
C ALA A 37 19.01 44.11 35.44
N ASP A 38 19.98 43.81 36.31
CA ASP A 38 20.97 44.78 36.73
C ASP A 38 22.39 44.39 36.33
N GLN A 39 22.79 43.15 36.60
CA GLN A 39 24.14 42.73 36.29
C GLN A 39 24.40 42.74 34.79
N GLU A 40 23.42 42.30 33.99
CA GLU A 40 23.58 42.30 32.54
C GLU A 40 23.71 43.71 31.99
N TYR A 41 22.90 44.64 32.50
CA TYR A 41 23.03 46.04 32.05
C TYR A 41 24.37 46.64 32.47
N SER A 42 24.82 46.31 33.69
CA SER A 42 26.13 46.79 34.13
C SER A 42 27.24 46.27 33.25
N ALA A 43 27.18 44.99 32.89
CA ALA A 43 28.18 44.43 31.98
C ALA A 43 28.07 45.07 30.59
N PHE A 44 26.85 45.36 30.15
CA PHE A 44 26.65 46.03 28.86
C PHE A 44 27.35 47.38 28.84
N ARG A 45 27.11 48.20 29.85
CA ARG A 45 27.73 49.53 29.87
C ARG A 45 29.24 49.44 30.10
N VAL A 46 29.70 48.44 30.87
CA VAL A 46 31.13 48.25 31.05
C VAL A 46 31.79 47.93 29.72
N GLY A 47 31.20 47.02 28.96
CA GLY A 47 31.74 46.69 27.64
C GLY A 47 31.68 47.88 26.70
N MET A 48 30.60 48.66 26.76
CA MET A 48 30.48 49.82 25.89
C MET A 48 31.58 50.84 26.18
N VAL A 49 31.85 51.11 27.46
CA VAL A 49 32.89 52.08 27.78
C VAL A 49 34.28 51.50 27.56
N GLN A 50 34.42 50.17 27.62
CA GLN A 50 35.73 49.56 27.39
C GLN A 50 36.08 49.57 25.90
N PHE A 51 35.11 49.26 25.04
CA PHE A 51 35.35 49.16 23.61
C PHE A 51 34.89 50.41 22.86
N SER A 52 34.86 51.56 23.53
CA SER A 52 34.46 52.82 22.91
C SER A 52 35.60 53.31 22.03
N THR A 53 35.61 52.82 20.79
CA THR A 53 36.64 53.22 19.83
C THR A 53 36.50 54.71 19.50
N SER A 54 37.65 55.37 19.35
CA SER A 54 37.64 56.79 18.99
C SER A 54 37.12 57.02 17.58
N GLU A 55 37.10 55.99 16.73
CA GLU A 55 36.59 56.15 15.38
C GLU A 55 35.08 56.33 15.38
N PHE A 56 34.37 55.48 16.13
CA PHE A 56 32.92 55.55 16.17
C PHE A 56 32.43 55.03 17.51
N ARG A 57 31.22 55.46 17.88
CA ARG A 57 30.60 55.05 19.14
C ARG A 57 29.21 54.48 18.85
N LEU A 58 28.81 53.50 19.65
CA LEU A 58 27.52 52.86 19.53
C LEU A 58 26.57 53.47 20.55
N THR A 59 25.51 54.12 20.06
CA THR A 59 24.52 54.72 20.94
C THR A 59 23.38 53.74 21.17
N PRO A 60 23.18 53.23 22.37
CA PRO A 60 22.13 52.25 22.60
C PRO A 60 20.82 52.87 23.03
N HIS A 61 19.73 52.24 22.60
CA HIS A 61 18.38 52.57 23.06
C HIS A 61 17.90 51.40 23.90
N ILE A 62 17.93 51.57 25.21
CA ILE A 62 17.64 50.49 26.15
C ILE A 62 16.17 50.54 26.52
N ASP A 63 15.50 49.39 26.41
CA ASP A 63 14.11 49.24 26.81
C ASP A 63 14.03 48.15 27.88
N ASN A 64 13.41 48.48 29.01
CA ASN A 64 13.19 47.53 30.09
C ASN A 64 11.73 47.09 30.07
N LEU A 65 11.50 45.79 30.09
CA LEU A 65 10.17 45.25 29.88
C LEU A 65 10.10 43.83 30.45
N GLU A 66 8.87 43.30 30.47
CA GLU A 66 8.66 41.90 30.81
C GLU A 66 8.87 41.07 29.56
N VAL A 67 9.98 40.33 29.52
CA VAL A 67 10.34 39.56 28.34
C VAL A 67 9.31 38.47 28.07
N ALA A 68 8.67 37.95 29.13
CA ALA A 68 7.67 36.90 28.97
C ALA A 68 6.42 37.37 28.23
N ASN A 69 6.24 38.68 28.05
CA ASN A 69 5.09 39.22 27.36
C ASN A 69 5.44 39.38 25.88
N SER A 70 4.84 38.55 25.04
CA SER A 70 5.10 38.62 23.61
C SER A 70 4.60 39.92 23.02
N PHE A 71 3.49 40.47 23.53
CA PHE A 71 3.01 41.76 23.07
C PHE A 71 4.02 42.86 23.37
N ALA A 72 4.57 42.85 24.59
CA ALA A 72 5.57 43.85 24.96
C ALA A 72 6.83 43.70 24.11
N VAL A 73 7.26 42.46 23.88
CA VAL A 73 8.43 42.23 23.04
C VAL A 73 8.20 42.76 21.63
N THR A 74 7.02 42.47 21.06
CA THR A 74 6.70 42.96 19.73
C THR A 74 6.65 44.49 19.69
N ASN A 75 6.06 45.10 20.73
CA ASN A 75 6.00 46.56 20.78
C ASN A 75 7.40 47.16 20.78
N ALA A 76 8.29 46.63 21.62
CA ALA A 76 9.65 47.14 21.70
C ALA A 76 10.39 46.93 20.38
N PHE A 77 10.27 45.73 19.79
CA PHE A 77 10.95 45.46 18.54
C PHE A 77 10.46 46.40 17.43
N CYS A 78 9.16 46.63 17.37
CA CYS A 78 8.61 47.50 16.33
C CYS A 78 9.03 48.95 16.55
N SER A 79 9.06 49.42 17.80
CA SER A 79 9.52 50.78 18.07
C SER A 79 10.98 50.94 17.68
N GLN A 80 11.83 49.96 18.03
CA GLN A 80 13.24 50.04 17.66
C GLN A 80 13.43 49.99 16.15
N PHE A 81 12.64 49.16 15.45
CA PHE A 81 12.74 49.12 14.00
C PHE A 81 12.31 50.43 13.37
N SER A 82 11.24 51.04 13.89
CA SER A 82 10.79 52.34 13.37
C SER A 82 11.84 53.41 13.62
N ARG A 83 12.50 53.35 14.78
CA ARG A 83 13.56 54.31 15.08
C ARG A 83 14.79 54.13 14.18
N GLY A 84 14.87 53.03 13.44
CA GLY A 84 15.98 52.80 12.54
C GLY A 84 17.22 52.26 13.22
N VAL A 85 17.11 51.05 13.75
CA VAL A 85 18.20 50.39 14.46
C VAL A 85 18.75 49.27 13.58
N TYR A 86 20.07 49.25 13.38
CA TYR A 86 20.68 48.25 12.51
C TYR A 86 20.81 46.89 13.19
N ALA A 87 21.16 46.88 14.47
CA ALA A 87 21.33 45.63 15.20
C ALA A 87 20.71 45.75 16.59
N ILE A 88 20.00 44.71 17.00
CA ILE A 88 19.24 44.71 18.24
C ILE A 88 19.83 43.67 19.18
N PHE A 89 20.12 44.08 20.42
CA PHE A 89 20.57 43.19 21.47
C PHE A 89 19.45 43.03 22.49
N GLY A 90 19.24 41.81 22.95
CA GLY A 90 18.17 41.58 23.90
C GLY A 90 18.17 40.15 24.39
N PHE A 91 17.07 39.80 25.07
CA PHE A 91 16.88 38.47 25.64
C PHE A 91 15.51 37.95 25.21
N TYR A 92 15.33 36.63 25.33
CA TYR A 92 14.04 36.02 25.10
C TYR A 92 13.94 34.74 25.91
N ASP A 93 12.70 34.30 26.13
CA ASP A 93 12.41 33.04 26.79
C ASP A 93 11.59 32.15 25.86
N LYS A 94 11.12 31.02 26.38
CA LYS A 94 10.37 30.09 25.56
C LYS A 94 9.07 30.69 25.05
N LYS A 95 8.53 31.70 25.74
CA LYS A 95 7.29 32.34 25.35
C LYS A 95 7.50 33.56 24.46
N SER A 96 8.75 33.94 24.17
CA SER A 96 9.00 35.11 23.34
C SER A 96 10.14 34.90 22.35
N VAL A 97 10.48 33.65 22.03
CA VAL A 97 11.58 33.38 21.11
C VAL A 97 11.10 33.32 19.66
N ASN A 98 9.94 32.70 19.44
CA ASN A 98 9.44 32.52 18.08
C ASN A 98 9.12 33.87 17.43
N THR A 99 8.50 34.78 18.18
CA THR A 99 8.18 36.09 17.61
C THR A 99 9.45 36.85 17.24
N ILE A 100 10.47 36.81 18.10
CA ILE A 100 11.72 37.50 17.81
C ILE A 100 12.37 36.91 16.58
N THR A 101 12.44 35.58 16.50
CA THR A 101 13.08 34.94 15.36
C THR A 101 12.34 35.25 14.06
N SER A 102 11.00 35.18 14.09
CA SER A 102 10.22 35.45 12.88
C SER A 102 10.38 36.90 12.43
N PHE A 103 10.30 37.84 13.38
CA PHE A 103 10.44 39.25 13.02
C PHE A 103 11.82 39.53 12.46
N CYS A 104 12.86 38.97 13.07
CA CYS A 104 14.22 39.20 12.58
C CYS A 104 14.41 38.59 11.20
N GLY A 105 13.97 37.35 11.01
CA GLY A 105 14.11 36.70 9.72
C GLY A 105 13.29 37.32 8.62
N THR A 106 12.22 38.03 8.96
CA THR A 106 11.43 38.71 7.94
C THR A 106 11.98 40.10 7.62
N LEU A 107 12.23 40.91 8.64
CA LEU A 107 12.69 42.28 8.43
C LEU A 107 14.19 42.38 8.18
N HIS A 108 14.92 41.27 8.22
CA HIS A 108 16.35 41.24 7.97
C HIS A 108 17.10 42.14 8.95
N VAL A 109 16.84 41.93 10.24
CA VAL A 109 17.48 42.66 11.32
C VAL A 109 18.23 41.65 12.19
N SER A 110 19.52 41.93 12.42
CA SER A 110 20.35 41.01 13.19
C SER A 110 20.01 41.14 14.68
N PHE A 111 19.84 39.99 15.33
CA PHE A 111 19.54 39.93 16.75
C PHE A 111 20.67 39.21 17.47
N ILE A 112 21.19 39.83 18.53
CA ILE A 112 22.28 39.27 19.32
C ILE A 112 21.75 39.06 20.74
N THR A 113 21.83 37.83 21.22
CA THR A 113 21.27 37.49 22.52
C THR A 113 22.21 36.54 23.27
N PRO A 114 22.23 36.63 24.60
CA PRO A 114 22.91 35.61 25.41
C PRO A 114 21.99 34.48 25.87
N SER A 115 20.73 34.49 25.46
CA SER A 115 19.77 33.51 25.94
C SER A 115 19.99 32.15 25.27
N PHE A 116 19.09 31.22 25.56
CA PHE A 116 19.24 29.87 25.05
C PHE A 116 19.15 29.86 23.53
N PRO A 117 19.95 29.04 22.85
CA PRO A 117 19.83 28.93 21.40
C PRO A 117 18.48 28.36 21.00
N THR A 118 17.96 28.82 19.88
CA THR A 118 16.70 28.31 19.36
C THR A 118 16.90 26.93 18.75
N ASP A 119 15.90 26.08 18.92
CA ASP A 119 15.93 24.73 18.35
C ASP A 119 15.72 24.85 16.85
N GLY A 120 16.81 24.77 16.09
CA GLY A 120 16.78 24.86 14.65
C GLY A 120 17.77 25.90 14.16
N THR A 121 17.64 26.26 12.89
CA THR A 121 18.52 27.23 12.24
C THR A 121 17.68 28.46 11.88
N HIS A 122 17.65 29.43 12.79
CA HIS A 122 16.88 30.66 12.59
C HIS A 122 17.82 31.77 12.14
N PRO A 123 17.64 32.33 10.94
CA PRO A 123 18.56 33.37 10.47
C PRO A 123 18.38 34.67 11.24
N PHE A 124 19.41 35.51 11.14
CA PHE A 124 19.42 36.86 11.73
C PHE A 124 19.32 36.81 13.25
N VAL A 125 19.78 35.72 13.86
CA VAL A 125 19.86 35.58 15.30
C VAL A 125 21.27 35.14 15.65
N ILE A 126 21.95 35.92 16.50
CA ILE A 126 23.29 35.59 16.96
C ILE A 126 23.17 35.04 18.37
N GLN A 127 23.51 33.77 18.54
CA GLN A 127 23.34 33.07 19.81
C GLN A 127 24.73 32.81 20.38
N MET A 128 25.06 33.49 21.49
CA MET A 128 26.37 33.33 22.10
C MET A 128 26.36 32.41 23.31
N ARG A 129 25.22 31.85 23.68
CA ARG A 129 25.22 30.85 24.73
C ARG A 129 25.51 29.49 24.10
N PRO A 130 26.63 28.85 24.45
CA PRO A 130 26.92 27.54 23.88
C PRO A 130 25.90 26.50 24.32
N ASP A 131 25.65 25.53 23.44
CA ASP A 131 24.73 24.46 23.79
C ASP A 131 25.33 23.58 24.88
N LEU A 132 24.45 23.00 25.68
CA LEU A 132 24.87 22.17 26.80
C LEU A 132 24.49 20.70 26.67
N LYS A 133 23.72 20.33 25.64
CA LYS A 133 23.31 18.94 25.51
C LYS A 133 24.50 18.01 25.31
N GLY A 134 25.41 18.38 24.41
CA GLY A 134 26.56 17.53 24.15
C GLY A 134 27.46 17.38 25.36
N ALA A 135 27.74 18.51 26.04
CA ALA A 135 28.58 18.46 27.22
C ALA A 135 27.93 17.65 28.33
N LEU A 136 26.61 17.81 28.52
CA LEU A 136 25.91 17.05 29.54
C LEU A 136 25.96 15.55 29.26
N LEU A 137 25.73 15.16 28.01
CA LEU A 137 25.80 13.75 27.67
C LEU A 137 27.21 13.20 27.85
N SER A 138 28.22 13.98 27.45
CA SER A 138 29.60 13.53 27.62
C SER A 138 29.93 13.36 29.10
N LEU A 139 29.49 14.29 29.95
CA LEU A 139 29.75 14.17 31.38
C LEU A 139 29.02 12.98 31.97
N ILE A 140 27.80 12.71 31.50
CA ILE A 140 27.05 11.56 31.98
C ILE A 140 27.78 10.27 31.64
N GLU A 141 28.26 10.16 30.40
CA GLU A 141 29.02 8.98 30.01
C GLU A 141 30.31 8.85 30.80
N TYR A 142 30.98 9.97 31.07
CA TYR A 142 32.21 9.94 31.86
C TYR A 142 31.93 9.45 33.28
N TYR A 143 30.85 9.91 33.89
CA TYR A 143 30.50 9.49 35.24
C TYR A 143 29.96 8.07 35.28
N GLN A 144 29.74 7.45 34.12
CA GLN A 144 29.24 6.07 34.03
C GLN A 144 27.88 5.94 34.74
N TRP A 145 26.91 6.67 34.22
CA TRP A 145 25.57 6.71 34.79
C TRP A 145 24.64 5.83 33.95
N ASP A 146 23.85 5.00 34.61
CA ASP A 146 22.86 4.16 33.96
C ASP A 146 21.43 4.61 34.27
N LYS A 147 21.12 4.82 35.55
CA LYS A 147 19.81 5.30 35.97
C LYS A 147 19.98 6.57 36.78
N PHE A 148 19.18 7.59 36.46
CA PHE A 148 19.26 8.87 37.15
C PHE A 148 17.96 9.61 36.97
N ALA A 149 17.77 10.65 37.77
CA ALA A 149 16.62 11.54 37.67
C ALA A 149 17.03 12.81 36.94
N TYR A 150 16.06 13.42 36.26
CA TYR A 150 16.29 14.62 35.46
C TYR A 150 15.22 15.64 35.81
N LEU A 151 15.56 16.57 36.71
CA LEU A 151 14.67 17.65 37.08
C LEU A 151 14.91 18.83 36.14
N TYR A 152 13.89 19.17 35.36
CA TYR A 152 14.02 20.20 34.33
C TYR A 152 12.97 21.28 34.53
N ASP A 153 13.10 22.36 33.76
CA ASP A 153 12.16 23.46 33.77
C ASP A 153 11.75 23.78 32.34
N SER A 154 10.49 24.20 32.18
CA SER A 154 9.92 24.48 30.87
C SER A 154 10.06 25.94 30.46
N ASP A 155 10.75 26.75 31.26
CA ASP A 155 10.91 28.17 30.97
C ASP A 155 12.12 28.46 30.08
N ARG A 156 12.80 27.41 29.60
CA ARG A 156 13.99 27.59 28.79
C ARG A 156 13.97 26.74 27.52
N GLY A 157 13.04 25.83 27.38
CA GLY A 157 12.98 24.94 26.24
C GLY A 157 13.25 23.50 26.63
N LEU A 158 12.68 22.58 25.85
CA LEU A 158 12.78 21.15 26.12
C LEU A 158 13.78 20.46 25.20
N SER A 159 14.64 21.22 24.52
CA SER A 159 15.63 20.61 23.64
C SER A 159 16.59 19.71 24.41
N THR A 160 17.04 20.17 25.58
CA THR A 160 17.93 19.35 26.40
C THR A 160 17.22 18.09 26.88
N LEU A 161 15.95 18.20 27.26
CA LEU A 161 15.20 17.02 27.69
C LEU A 161 15.05 16.02 26.55
N GLN A 162 14.75 16.51 25.34
CA GLN A 162 14.63 15.62 24.20
C GLN A 162 15.96 14.95 23.89
N ALA A 163 17.06 15.69 23.96
CA ALA A 163 18.37 15.10 23.72
C ALA A 163 18.70 14.04 24.76
N VAL A 164 18.39 14.31 26.03
CA VAL A 164 18.64 13.34 27.09
C VAL A 164 17.81 12.08 26.87
N LEU A 165 16.53 12.26 26.49
CA LEU A 165 15.68 11.10 26.24
C LEU A 165 16.18 10.27 25.06
N ASP A 166 16.60 10.93 23.98
CA ASP A 166 17.12 10.21 22.83
C ASP A 166 18.39 9.44 23.19
N SER A 167 19.29 10.09 23.94
CA SER A 167 20.51 9.41 24.37
C SER A 167 20.20 8.23 25.29
N ALA A 168 19.19 8.40 26.17
CA ALA A 168 18.80 7.31 27.04
C ALA A 168 18.24 6.13 26.25
N ALA A 169 17.42 6.42 25.24
CA ALA A 169 16.89 5.35 24.40
C ALA A 169 18.02 4.65 23.64
N GLU A 170 19.00 5.41 23.16
CA GLU A 170 20.10 4.82 22.40
C GLU A 170 21.00 3.96 23.29
N LYS A 171 21.35 4.46 24.48
CA LYS A 171 22.33 3.82 25.33
C LYS A 171 21.72 3.00 26.46
N LYS A 172 20.41 2.77 26.43
CA LYS A 172 19.72 1.95 27.41
C LYS A 172 19.90 2.50 28.83
N TRP A 173 19.41 3.73 29.03
CA TRP A 173 19.41 4.37 30.33
C TRP A 173 18.02 4.29 30.95
N GLN A 174 17.96 4.60 32.24
CA GLN A 174 16.70 4.66 32.99
C GLN A 174 16.60 6.05 33.60
N VAL A 175 16.07 6.99 32.82
CA VAL A 175 15.99 8.39 33.23
C VAL A 175 14.58 8.71 33.68
N THR A 176 14.47 9.41 34.81
CA THR A 176 13.20 9.83 35.38
C THR A 176 13.07 11.34 35.17
N ALA A 177 12.34 11.73 34.14
CA ALA A 177 12.18 13.14 33.79
C ALA A 177 11.02 13.73 34.59
N ILE A 178 11.34 14.67 35.47
CA ILE A 178 10.36 15.31 36.34
C ILE A 178 10.42 16.81 36.13
N ASN A 179 9.25 17.43 35.95
CA ASN A 179 9.15 18.87 35.72
C ASN A 179 8.91 19.57 37.05
N VAL A 180 9.66 20.64 37.29
CA VAL A 180 9.55 21.39 38.54
C VAL A 180 9.26 22.86 38.25
N GLY A 181 8.70 23.13 37.08
CA GLY A 181 8.42 24.50 36.68
C GLY A 181 6.97 24.91 36.76
N ASN A 182 6.09 23.98 37.14
CA ASN A 182 4.65 24.23 37.17
C ASN A 182 4.08 24.25 38.58
N ILE A 183 4.91 24.54 39.58
CA ILE A 183 4.48 24.56 40.96
C ILE A 183 4.76 25.93 41.56
N ASN A 184 3.89 26.36 42.47
CA ASN A 184 4.04 27.62 43.17
C ASN A 184 5.05 27.47 44.31
N ASN A 185 5.12 28.47 45.18
CA ASN A 185 6.02 28.44 46.32
C ASN A 185 5.33 28.21 47.65
N ASP A 186 4.05 28.55 47.77
CA ASP A 186 3.33 28.33 49.03
C ASP A 186 3.18 26.85 49.32
N LYS A 187 2.88 26.05 48.30
CA LYS A 187 2.79 24.60 48.44
C LYS A 187 4.08 23.89 48.07
N LYS A 188 5.18 24.64 47.90
CA LYS A 188 6.44 24.05 47.48
C LYS A 188 6.94 23.04 48.50
N ASP A 189 6.81 23.35 49.79
CA ASP A 189 7.27 22.42 50.82
C ASP A 189 6.67 21.03 50.62
N GLU A 190 5.34 20.94 50.67
CA GLU A 190 4.68 19.65 50.54
C GLU A 190 4.91 19.03 49.17
N THR A 191 4.86 19.84 48.10
CA THR A 191 4.99 19.29 46.76
C THR A 191 6.36 18.66 46.55
N TYR A 192 7.43 19.37 46.91
CA TYR A 192 8.77 18.83 46.73
C TYR A 192 9.07 17.73 47.75
N ARG A 193 8.45 17.77 48.93
CA ARG A 193 8.61 16.65 49.86
C ARG A 193 8.02 15.38 49.27
N SER A 194 6.83 15.48 48.67
CA SER A 194 6.24 14.32 48.01
C SER A 194 7.09 13.88 46.83
N LEU A 195 7.62 14.83 46.06
CA LEU A 195 8.48 14.50 44.93
C LEU A 195 9.70 13.71 45.38
N PHE A 196 10.37 14.16 46.44
CA PHE A 196 11.57 13.48 46.89
C PHE A 196 11.24 12.15 47.56
N GLN A 197 10.10 12.06 48.23
CA GLN A 197 9.67 10.76 48.77
C GLN A 197 9.43 9.76 47.66
N ASP A 198 8.81 10.20 46.56
CA ASP A 198 8.62 9.32 45.40
C ASP A 198 9.96 8.96 44.78
N LEU A 199 10.90 9.92 44.75
CA LEU A 199 12.23 9.63 44.20
C LEU A 199 12.97 8.61 45.06
N GLU A 200 12.74 8.61 46.37
CA GLU A 200 13.38 7.63 47.24
C GLU A 200 12.74 6.24 47.15
N LEU A 201 11.58 6.12 46.50
CA LEU A 201 10.98 4.81 46.30
C LEU A 201 11.85 3.93 45.42
N LYS A 202 12.46 4.51 44.39
CA LYS A 202 13.37 3.80 43.52
C LYS A 202 14.81 3.85 43.98
N LYS A 203 15.07 4.45 45.16
CA LYS A 203 16.42 4.61 45.70
C LYS A 203 17.30 5.37 44.71
N GLU A 204 16.78 6.51 44.25
CA GLU A 204 17.49 7.34 43.29
C GLU A 204 18.48 8.25 44.02
N ARG A 205 19.77 8.08 43.72
CA ARG A 205 20.81 8.88 44.33
C ARG A 205 21.50 9.81 43.33
N ARG A 206 21.16 9.74 42.05
CA ARG A 206 21.77 10.57 41.03
C ARG A 206 20.68 11.37 40.33
N VAL A 207 20.77 12.69 40.40
CA VAL A 207 19.80 13.58 39.79
C VAL A 207 20.54 14.64 38.98
N ILE A 208 19.82 15.25 38.04
CA ILE A 208 20.33 16.33 37.22
C ILE A 208 19.39 17.52 37.37
N LEU A 209 19.94 18.68 37.68
CA LEU A 209 19.16 19.89 37.92
C LEU A 209 19.29 20.81 36.71
N ASP A 210 18.41 20.62 35.75
CA ASP A 210 18.35 21.48 34.56
C ASP A 210 17.28 22.54 34.74
N CYS A 211 17.50 23.43 35.70
CA CYS A 211 16.53 24.45 36.08
C CYS A 211 17.19 25.82 36.06
N GLU A 212 16.36 26.85 36.18
CA GLU A 212 16.85 28.22 36.26
C GLU A 212 17.55 28.46 37.60
N ARG A 213 18.04 29.68 37.80
CA ARG A 213 18.82 29.97 38.99
C ARG A 213 17.98 29.93 40.25
N ASP A 214 16.83 30.61 40.25
CA ASP A 214 15.96 30.59 41.42
C ASP A 214 15.44 29.18 41.68
N LYS A 215 15.10 28.45 40.62
CA LYS A 215 14.61 27.09 40.79
C LYS A 215 15.69 26.19 41.40
N VAL A 216 16.92 26.27 40.92
CA VAL A 216 17.98 25.41 41.46
C VAL A 216 18.35 25.82 42.87
N ASN A 217 18.25 27.11 43.20
CA ASN A 217 18.45 27.53 44.58
C ASN A 217 17.37 26.94 45.48
N ASP A 218 16.12 26.92 45.02
CA ASP A 218 15.07 26.27 45.78
C ASP A 218 15.34 24.77 45.95
N ILE A 219 15.80 24.12 44.87
CA ILE A 219 16.10 22.69 44.95
C ILE A 219 17.17 22.43 45.99
N VAL A 220 18.27 23.19 45.95
CA VAL A 220 19.36 22.91 46.88
C VAL A 220 18.97 23.24 48.31
N ASP A 221 18.20 24.32 48.51
CA ASP A 221 17.76 24.67 49.85
C ASP A 221 16.87 23.57 50.43
N GLN A 222 15.88 23.13 49.65
CA GLN A 222 14.96 22.12 50.15
C GLN A 222 15.63 20.76 50.27
N VAL A 223 16.67 20.49 49.47
CA VAL A 223 17.48 19.29 49.67
C VAL A 223 18.18 19.36 51.02
N ILE A 224 18.73 20.53 51.37
CA ILE A 224 19.36 20.68 52.67
C ILE A 224 18.36 20.46 53.79
N THR A 225 17.15 21.04 53.66
CA THR A 225 16.14 20.84 54.69
C THR A 225 15.73 19.37 54.82
N ILE A 226 15.51 18.69 53.68
CA ILE A 226 15.06 17.30 53.74
C ILE A 226 16.20 16.37 54.17
N GLY A 227 17.45 16.82 54.10
CA GLY A 227 18.56 16.01 54.54
C GLY A 227 19.06 15.01 53.55
N LYS A 228 18.79 15.19 52.26
CA LYS A 228 19.25 14.28 51.23
C LYS A 228 20.57 14.72 50.61
N HIS A 229 21.24 15.72 51.19
CA HIS A 229 22.53 16.18 50.71
C HIS A 229 23.70 15.40 51.32
N VAL A 230 23.42 14.25 51.93
CA VAL A 230 24.46 13.42 52.54
C VAL A 230 25.21 12.69 51.44
N LYS A 231 26.34 12.07 51.79
CA LYS A 231 27.15 11.37 50.81
C LYS A 231 26.34 10.27 50.12
N GLY A 232 26.77 9.95 48.89
CA GLY A 232 26.06 8.97 48.08
C GLY A 232 25.17 9.62 47.04
N TYR A 233 24.59 10.76 47.39
CA TYR A 233 23.75 11.49 46.45
C TYR A 233 24.60 12.32 45.51
N HIS A 234 24.30 12.23 44.21
CA HIS A 234 25.06 12.93 43.18
C HIS A 234 24.15 13.96 42.51
N TYR A 235 24.62 15.21 42.46
CA TYR A 235 23.86 16.31 41.89
C TYR A 235 24.66 16.95 40.76
N ILE A 236 23.98 17.25 39.65
CA ILE A 236 24.57 17.93 38.51
C ILE A 236 23.75 19.18 38.23
N ILE A 237 24.43 20.33 38.15
CA ILE A 237 23.78 21.59 37.82
C ILE A 237 23.92 21.81 36.32
N ALA A 238 22.82 21.65 35.59
CA ALA A 238 22.85 21.71 34.13
C ALA A 238 22.68 23.15 33.65
N ASN A 239 23.72 23.94 33.90
CA ASN A 239 23.81 25.30 33.37
C ASN A 239 25.27 25.72 33.37
N LEU A 240 25.56 26.78 32.60
CA LEU A 240 26.93 27.28 32.52
C LEU A 240 27.34 28.04 33.77
N GLY A 241 26.38 28.47 34.60
CA GLY A 241 26.71 29.18 35.82
C GLY A 241 26.71 28.29 37.05
N PHE A 242 27.89 27.87 37.49
CA PHE A 242 28.03 26.97 38.63
C PHE A 242 28.50 27.66 39.90
N THR A 243 29.37 28.68 39.78
CA THR A 243 29.94 29.36 40.93
C THR A 243 29.14 30.58 41.35
N ASP A 244 28.01 30.86 40.70
CA ASP A 244 27.22 32.03 41.00
C ASP A 244 26.30 31.83 42.19
N GLY A 245 25.89 30.60 42.48
CA GLY A 245 24.92 30.31 43.51
C GLY A 245 25.53 30.02 44.86
N ASP A 246 24.70 29.51 45.76
CA ASP A 246 25.12 29.17 47.13
C ASP A 246 25.75 27.78 47.14
N LEU A 247 26.94 27.70 46.54
CA LEU A 247 27.68 26.44 46.55
C LEU A 247 28.13 26.07 47.95
N LEU A 248 28.33 27.05 48.83
CA LEU A 248 28.74 26.78 50.20
C LEU A 248 27.62 26.13 51.01
N LYS A 249 26.36 26.39 50.66
CA LYS A 249 25.25 25.84 51.42
C LYS A 249 25.26 24.32 51.40
N ILE A 250 25.57 23.72 50.25
CA ILE A 250 25.64 22.27 50.12
C ILE A 250 27.08 21.80 49.91
N GLN A 251 28.05 22.66 50.21
CA GLN A 251 29.45 22.26 50.08
C GLN A 251 29.81 21.16 51.06
N PHE A 252 29.32 21.25 52.29
CA PHE A 252 29.62 20.28 53.33
C PHE A 252 28.56 19.18 53.33
N GLY A 253 29.02 17.93 53.43
CA GLY A 253 28.11 16.80 53.41
C GLY A 253 28.67 15.61 52.67
N GLY A 254 29.68 15.85 51.83
CA GLY A 254 30.34 14.79 51.10
C GLY A 254 29.62 14.32 49.85
N ALA A 255 28.47 14.88 49.53
CA ALA A 255 27.74 14.48 48.33
C ALA A 255 28.44 15.01 47.09
N ASN A 256 28.46 14.19 46.03
CA ASN A 256 29.03 14.63 44.77
C ASN A 256 28.19 15.77 44.19
N VAL A 257 28.86 16.84 43.79
CA VAL A 257 28.23 17.96 43.09
C VAL A 257 29.12 18.34 41.93
N SER A 258 28.55 18.35 40.73
CA SER A 258 29.29 18.65 39.51
C SER A 258 28.51 19.65 38.67
N GLY A 259 29.23 20.37 37.82
CA GLY A 259 28.60 21.37 36.99
C GLY A 259 29.52 21.82 35.88
N PHE A 260 29.13 22.93 35.25
CA PHE A 260 29.86 23.49 34.13
C PHE A 260 30.09 24.98 34.37
N GLN A 261 31.16 25.50 33.77
CA GLN A 261 31.48 26.92 33.90
C GLN A 261 32.11 27.38 32.60
N ILE A 262 31.39 28.23 31.86
CA ILE A 262 31.91 28.75 30.60
C ILE A 262 33.08 29.70 30.86
N VAL A 263 32.98 30.50 31.92
CA VAL A 263 34.02 31.48 32.24
C VAL A 263 35.15 30.80 33.01
N ASP A 264 36.39 31.19 32.69
CA ASP A 264 37.57 30.69 33.37
C ASP A 264 38.14 31.84 34.20
N TYR A 265 37.83 31.84 35.50
CA TYR A 265 38.25 32.94 36.37
C TYR A 265 39.76 33.00 36.54
N ASP A 266 40.48 31.94 36.19
CA ASP A 266 41.94 31.93 36.30
C ASP A 266 42.65 32.50 35.09
N ASP A 267 41.92 32.83 34.02
CA ASP A 267 42.54 33.40 32.84
C ASP A 267 43.01 34.83 33.11
N SER A 268 44.05 35.24 32.38
CA SER A 268 44.63 36.55 32.59
C SER A 268 43.65 37.67 32.26
N LEU A 269 42.98 37.55 31.09
CA LEU A 269 42.02 38.57 30.70
C LEU A 269 40.83 38.61 31.66
N VAL A 270 40.36 37.44 32.09
CA VAL A 270 39.24 37.39 33.03
C VAL A 270 39.62 38.02 34.36
N SER A 271 40.82 37.74 34.85
CA SER A 271 41.27 38.35 36.10
C SER A 271 41.42 39.86 35.97
N LYS A 272 41.98 40.32 34.85
CA LYS A 272 42.13 41.75 34.64
C LYS A 272 40.78 42.45 34.59
N PHE A 273 39.81 41.83 33.91
CA PHE A 273 38.46 42.41 33.87
C PHE A 273 37.81 42.38 35.25
N ILE A 274 37.97 41.29 35.99
CA ILE A 274 37.28 41.14 37.27
C ILE A 274 37.86 42.08 38.32
N GLU A 275 39.15 42.43 38.20
CA GLU A 275 39.71 43.41 39.12
C GLU A 275 39.01 44.75 38.99
N ARG A 276 38.90 45.26 37.75
CA ARG A 276 38.19 46.50 37.51
C ARG A 276 36.72 46.37 37.90
N TRP A 277 36.11 45.22 37.58
CA TRP A 277 34.69 45.01 37.90
C TRP A 277 34.44 45.09 39.39
N SER A 278 35.31 44.48 40.19
CA SER A 278 35.20 44.60 41.64
C SER A 278 35.46 46.01 42.12
N THR A 279 36.38 46.73 41.47
CA THR A 279 36.66 48.10 41.91
C THR A 279 35.55 49.08 41.54
N LEU A 280 34.67 48.73 40.61
CA LEU A 280 33.56 49.63 40.29
C LEU A 280 32.63 49.76 41.49
N GLU A 281 31.98 50.92 41.59
CA GLU A 281 31.04 51.18 42.66
C GLU A 281 29.70 50.48 42.39
N GLU A 282 28.81 50.55 43.37
CA GLU A 282 27.50 49.90 43.29
C GLU A 282 26.38 50.86 42.92
N LYS A 283 26.51 52.14 43.24
CA LYS A 283 25.44 53.10 42.96
C LYS A 283 25.18 53.22 41.47
N GLU A 284 26.20 53.68 40.72
CA GLU A 284 26.04 53.83 39.27
C GLU A 284 26.10 52.50 38.53
N TYR A 285 26.68 51.47 39.12
CA TYR A 285 26.82 50.16 38.49
C TYR A 285 26.25 49.10 39.43
N PRO A 286 24.94 48.88 39.39
CA PRO A 286 24.33 47.89 40.29
C PRO A 286 24.85 46.48 40.01
N GLY A 287 24.98 45.70 41.08
CA GLY A 287 25.45 44.34 40.96
C GLY A 287 26.85 44.21 40.38
N ALA A 288 27.77 45.07 40.83
CA ALA A 288 29.12 45.09 40.29
C ALA A 288 30.21 44.87 41.32
N HIS A 289 30.01 45.29 42.57
CA HIS A 289 31.06 45.18 43.59
C HIS A 289 31.04 43.77 44.19
N THR A 290 31.55 42.83 43.39
CA THR A 290 31.63 41.43 43.80
C THR A 290 32.68 40.74 42.95
N ALA A 291 33.11 39.56 43.40
CA ALA A 291 34.15 38.78 42.74
C ALA A 291 33.59 37.64 41.90
N THR A 292 32.31 37.69 41.55
CA THR A 292 31.69 36.66 40.74
C THR A 292 30.71 37.30 39.77
N ILE A 293 30.89 37.05 38.48
CA ILE A 293 30.05 37.62 37.44
C ILE A 293 29.23 36.51 36.80
N LYS A 294 27.94 36.77 36.61
CA LYS A 294 27.05 35.80 35.99
C LYS A 294 27.44 35.59 34.53
N TYR A 295 27.22 34.35 34.05
CA TYR A 295 27.57 34.03 32.67
C TYR A 295 26.74 34.84 31.68
N THR A 296 25.52 35.22 32.06
CA THR A 296 24.73 36.11 31.19
C THR A 296 25.40 37.47 31.05
N SER A 297 25.91 38.02 32.16
CA SER A 297 26.62 39.29 32.09
C SER A 297 27.92 39.15 31.28
N ALA A 298 28.63 38.05 31.46
CA ALA A 298 29.83 37.82 30.67
C ALA A 298 29.50 37.77 29.17
N LEU A 299 28.44 37.04 28.82
CA LEU A 299 28.02 36.97 27.43
C LEU A 299 27.57 38.32 26.89
N THR A 300 26.96 39.16 27.74
CA THR A 300 26.64 40.51 27.33
C THR A 300 27.91 41.30 27.03
N TYR A 301 28.95 41.13 27.85
CA TYR A 301 30.23 41.78 27.60
C TYR A 301 30.80 41.34 26.26
N ASP A 302 30.83 40.04 25.99
CA ASP A 302 31.33 39.58 24.71
C ASP A 302 30.40 40.01 23.57
N ALA A 303 29.12 40.23 23.86
CA ALA A 303 28.21 40.74 22.84
C ALA A 303 28.59 42.16 22.43
N VAL A 304 28.89 43.00 23.42
CA VAL A 304 29.38 44.34 23.10
C VAL A 304 30.66 44.25 22.29
N GLN A 305 31.57 43.36 22.71
CA GLN A 305 32.84 43.22 22.01
C GLN A 305 32.63 42.81 20.56
N VAL A 306 31.76 41.83 20.33
CA VAL A 306 31.55 41.32 18.97
C VAL A 306 30.82 42.35 18.12
N MET A 307 29.93 43.14 18.73
CA MET A 307 29.27 44.20 17.98
C MET A 307 30.29 45.24 17.51
N THR A 308 31.18 45.68 18.40
CA THR A 308 32.21 46.63 18.00
C THR A 308 33.13 46.03 16.95
N GLU A 309 33.51 44.76 17.10
CA GLU A 309 34.37 44.12 16.12
C GLU A 309 33.72 44.05 14.74
N ALA A 310 32.44 43.66 14.70
CA ALA A 310 31.74 43.57 13.42
C ALA A 310 31.59 44.94 12.77
N PHE A 311 31.30 45.98 13.57
CA PHE A 311 31.15 47.30 12.99
C PHE A 311 32.49 47.86 12.52
N ARG A 312 33.59 47.55 13.22
CA ARG A 312 34.91 47.93 12.73
C ARG A 312 35.21 47.22 11.42
N ASN A 313 34.86 45.94 11.31
CA ASN A 313 35.06 45.21 10.06
C ASN A 313 34.26 45.84 8.92
N LEU A 314 33.01 46.22 9.21
CA LEU A 314 32.18 46.86 8.19
C LEU A 314 32.78 48.19 7.76
N ARG A 315 33.28 48.99 8.72
CA ARG A 315 33.90 50.26 8.37
C ARG A 315 35.17 50.05 7.54
N LYS A 316 35.97 49.04 7.90
CA LYS A 316 37.20 48.78 7.17
C LYS A 316 36.95 48.16 5.81
N GLN A 317 35.77 47.58 5.59
CA GLN A 317 35.43 47.00 4.30
C GLN A 317 34.93 48.03 3.29
N ARG A 318 34.75 49.28 3.73
CA ARG A 318 34.28 50.38 2.87
C ARG A 318 32.94 50.03 2.22
N ILE A 319 31.95 49.79 3.08
CA ILE A 319 30.59 49.45 2.66
C ILE A 319 29.64 50.48 3.25
N GLU A 320 28.76 51.03 2.40
CA GLU A 320 27.82 52.06 2.82
C GLU A 320 26.56 51.39 3.35
N ILE A 321 26.26 51.61 4.63
CA ILE A 321 25.07 51.05 5.26
C ILE A 321 24.24 52.20 5.84
N SER A 322 24.26 53.34 5.17
CA SER A 322 23.57 54.53 5.64
C SER A 322 22.08 54.27 5.79
N ARG A 323 21.60 54.33 7.04
CA ARG A 323 20.18 54.16 7.34
C ARG A 323 19.80 55.12 8.45
N ARG A 324 18.51 55.45 8.50
CA ARG A 324 17.99 56.39 9.48
C ARG A 324 16.50 56.10 9.67
N GLY A 325 15.79 57.05 10.30
CA GLY A 325 14.38 56.90 10.54
C GLY A 325 13.52 57.08 9.30
N ASN A 326 13.79 56.26 8.28
CA ASN A 326 13.02 56.31 7.04
C ASN A 326 12.71 54.94 6.46
N ALA A 327 13.05 53.85 7.16
CA ALA A 327 12.77 52.52 6.64
C ALA A 327 11.28 52.24 6.57
N GLY A 328 10.51 52.77 7.52
CA GLY A 328 9.08 52.55 7.53
C GLY A 328 8.57 52.11 8.90
N ASP A 329 7.39 51.50 8.92
CA ASP A 329 6.81 51.01 10.15
C ASP A 329 7.06 49.51 10.31
N CYS A 330 6.53 48.95 11.38
CA CYS A 330 6.76 47.54 11.69
C CYS A 330 5.85 46.62 10.89
N LEU A 331 4.58 46.99 10.74
CA LEU A 331 3.57 46.12 10.13
C LEU A 331 3.29 46.50 8.69
N ALA A 332 4.31 46.93 7.94
CA ALA A 332 4.12 47.27 6.54
C ALA A 332 3.64 46.06 5.76
N ASN A 333 2.63 46.26 4.91
CA ASN A 333 2.07 45.19 4.10
C ASN A 333 2.22 45.53 2.62
N PRO A 334 3.11 44.85 1.89
CA PRO A 334 4.00 43.78 2.34
C PRO A 334 5.24 44.32 3.03
N ALA A 335 5.82 43.55 3.96
CA ALA A 335 7.00 43.98 4.69
C ALA A 335 8.23 43.75 3.81
N VAL A 336 8.76 44.84 3.25
CA VAL A 336 9.95 44.75 2.40
C VAL A 336 11.19 44.88 3.27
N PRO A 337 12.17 43.98 3.11
CA PRO A 337 13.42 44.11 3.88
C PRO A 337 14.38 45.08 3.22
N TRP A 338 15.59 45.19 3.77
CA TRP A 338 16.62 46.05 3.22
C TRP A 338 17.86 45.21 2.92
N GLY A 339 18.56 45.58 1.84
CA GLY A 339 19.67 44.77 1.36
C GLY A 339 20.89 44.76 2.27
N GLN A 340 21.04 45.77 3.12
CA GLN A 340 22.18 45.81 4.02
C GLN A 340 22.06 44.82 5.17
N GLY A 341 20.88 44.24 5.38
CA GLY A 341 20.71 43.29 6.47
C GLY A 341 21.53 42.03 6.29
N VAL A 342 21.56 41.49 5.07
CA VAL A 342 22.32 40.27 4.83
C VAL A 342 23.82 40.54 4.97
N GLU A 343 24.27 41.73 4.56
CA GLU A 343 25.68 42.07 4.74
C GLU A 343 26.02 42.26 6.22
N ILE A 344 25.12 42.86 7.00
CA ILE A 344 25.35 42.99 8.43
C ILE A 344 25.42 41.61 9.07
N GLU A 345 24.53 40.69 8.67
CA GLU A 345 24.58 39.33 9.18
C GLU A 345 25.90 38.65 8.82
N ARG A 346 26.36 38.81 7.57
CA ARG A 346 27.63 38.22 7.17
C ARG A 346 28.78 38.77 8.00
N ALA A 347 28.76 40.08 8.25
CA ALA A 347 29.81 40.69 9.09
C ALA A 347 29.76 40.17 10.51
N LEU A 348 28.55 40.03 11.07
CA LEU A 348 28.41 39.59 12.46
C LEU A 348 28.83 38.14 12.63
N LYS A 349 28.52 37.29 11.65
CA LYS A 349 28.74 35.86 11.77
C LYS A 349 30.09 35.41 11.26
N GLN A 350 30.97 36.33 10.88
CA GLN A 350 32.28 35.99 10.31
C GLN A 350 33.39 36.70 11.07
N VAL A 351 33.35 36.64 12.40
CA VAL A 351 34.40 37.19 13.24
C VAL A 351 34.88 36.12 14.21
N GLN A 352 36.11 36.31 14.70
CA GLN A 352 36.71 35.40 15.66
C GLN A 352 37.49 36.22 16.67
N VAL A 353 36.92 36.40 17.87
CA VAL A 353 37.53 37.17 18.94
C VAL A 353 37.63 36.29 20.17
N GLU A 354 38.18 36.86 21.25
CA GLU A 354 38.31 36.17 22.52
C GLU A 354 37.82 37.10 23.62
N GLY A 355 36.98 36.57 24.50
CA GLY A 355 36.43 37.31 25.62
C GLY A 355 36.46 36.49 26.89
N LEU A 356 35.56 36.84 27.80
CA LEU A 356 35.45 36.10 29.05
C LEU A 356 35.03 34.66 28.80
N SER A 357 34.12 34.44 27.85
CA SER A 357 33.67 33.11 27.51
C SER A 357 34.71 32.30 26.75
N GLY A 358 35.80 32.92 26.31
CA GLY A 358 36.81 32.21 25.56
C GLY A 358 36.76 32.53 24.08
N ASN A 359 37.16 31.56 23.24
CA ASN A 359 37.15 31.77 21.80
C ASN A 359 35.72 31.88 21.30
N ILE A 360 35.50 32.82 20.38
CA ILE A 360 34.18 33.11 19.83
C ILE A 360 34.24 32.93 18.33
N LYS A 361 33.42 32.02 17.80
CA LYS A 361 33.38 31.77 16.37
C LYS A 361 32.02 31.17 16.02
N PHE A 362 31.23 31.89 15.25
CA PHE A 362 29.88 31.48 14.90
C PHE A 362 29.88 30.75 13.56
N ASP A 363 28.78 30.02 13.32
CA ASP A 363 28.58 29.29 12.08
C ASP A 363 27.65 30.08 11.17
N GLN A 364 27.24 29.45 10.06
CA GLN A 364 26.29 30.09 9.16
C GLN A 364 24.93 30.29 9.79
N ASN A 365 24.59 29.53 10.84
CA ASN A 365 23.32 29.68 11.54
C ASN A 365 23.37 30.73 12.63
N GLY A 366 24.51 30.88 13.31
CA GLY A 366 24.65 31.87 14.34
C GLY A 366 24.99 31.29 15.70
N LYS A 367 25.52 30.07 15.71
CA LYS A 367 25.87 29.38 16.94
C LYS A 367 27.39 29.16 17.00
N ARG A 368 27.93 29.20 18.22
CA ARG A 368 29.36 29.09 18.41
C ARG A 368 29.85 27.69 18.07
N ILE A 369 31.11 27.60 17.66
CA ILE A 369 31.64 26.36 17.11
C ILE A 369 32.75 25.78 17.98
N ASN A 370 33.84 26.53 18.15
CA ASN A 370 35.05 26.03 18.81
C ASN A 370 35.13 26.41 20.28
N TYR A 371 33.98 26.68 20.91
CA TYR A 371 33.95 27.04 22.31
C TYR A 371 34.54 25.94 23.18
N THR A 372 34.86 26.29 24.43
CA THR A 372 35.34 25.35 25.42
C THR A 372 34.56 25.53 26.71
N ILE A 373 34.17 24.42 27.33
CA ILE A 373 33.40 24.43 28.56
C ILE A 373 34.24 23.80 29.67
N ASN A 374 34.39 24.53 30.78
CA ASN A 374 35.18 24.06 31.91
C ASN A 374 34.26 23.35 32.89
N ILE A 375 34.57 22.10 33.20
CA ILE A 375 33.79 21.28 34.12
C ILE A 375 34.43 21.32 35.49
N MET A 376 33.65 21.64 36.51
CA MET A 376 34.14 21.71 37.88
C MET A 376 33.31 20.81 38.78
N GLU A 377 33.98 20.28 39.81
CA GLU A 377 33.33 19.51 40.86
C GLU A 377 33.47 20.25 42.18
N LEU A 378 32.49 20.08 43.05
CA LEU A 378 32.46 20.76 44.34
C LEU A 378 32.92 19.81 45.43
N LYS A 379 33.91 20.25 46.21
CA LYS A 379 34.44 19.48 47.32
C LYS A 379 34.33 20.30 48.61
N THR A 380 34.79 19.70 49.71
CA THR A 380 34.75 20.39 51.00
C THR A 380 35.65 21.62 50.99
N ASN A 381 36.84 21.51 50.37
CA ASN A 381 37.73 22.66 50.29
C ASN A 381 37.12 23.77 49.45
N GLY A 382 36.48 23.42 48.34
CA GLY A 382 35.86 24.39 47.48
C GLY A 382 35.74 23.88 46.06
N PRO A 383 35.15 24.69 45.18
CA PRO A 383 35.03 24.29 43.77
C PRO A 383 36.39 24.14 43.11
N ARG A 384 36.49 23.20 42.19
CA ARG A 384 37.75 22.93 41.51
C ARG A 384 37.45 22.27 40.16
N LYS A 385 38.02 22.82 39.10
CA LYS A 385 37.83 22.25 37.77
C LYS A 385 38.51 20.90 37.65
N ILE A 386 37.82 19.96 37.01
CA ILE A 386 38.37 18.63 36.78
C ILE A 386 38.75 18.40 35.32
N GLY A 387 38.30 19.24 34.40
CA GLY A 387 38.62 19.06 33.00
C GLY A 387 37.86 20.04 32.14
N TYR A 388 38.03 19.89 30.83
CA TYR A 388 37.41 20.77 29.86
C TYR A 388 36.72 19.94 28.79
N TRP A 389 35.72 20.55 28.15
CA TRP A 389 34.97 19.92 27.09
C TRP A 389 34.94 20.84 25.87
N SER A 390 35.04 20.25 24.69
CA SER A 390 35.03 21.01 23.44
C SER A 390 34.15 20.26 22.44
N GLU A 391 34.20 20.71 21.18
CA GLU A 391 33.44 20.07 20.12
C GLU A 391 34.21 18.94 19.46
N VAL A 392 35.43 19.22 18.99
CA VAL A 392 36.25 18.19 18.35
C VAL A 392 36.67 17.13 19.36
N ASP A 393 36.91 17.52 20.60
CA ASP A 393 37.35 16.61 21.65
C ASP A 393 36.26 16.43 22.68
N LYS A 394 36.14 15.21 23.20
CA LYS A 394 35.18 14.90 24.25
C LYS A 394 35.74 15.37 25.59
N MET A 395 35.12 14.94 26.69
CA MET A 395 35.58 15.33 28.01
C MET A 395 37.03 14.92 28.23
N VAL A 396 37.83 15.85 28.74
CA VAL A 396 39.26 15.66 28.96
C VAL A 396 39.51 15.70 30.47
N VAL A 397 40.37 14.80 30.95
CA VAL A 397 40.73 14.73 32.36
C VAL A 397 42.15 15.27 32.51
N THR A 398 42.33 16.17 33.48
CA THR A 398 43.63 16.77 33.73
C THR A 398 44.56 15.77 34.40
N ASN B 25 -42.70 -27.60 -46.25
CA ASN B 25 -41.86 -26.90 -45.30
C ASN B 25 -40.78 -27.83 -44.74
N SER B 26 -39.56 -27.33 -44.64
CA SER B 26 -38.45 -28.10 -44.08
C SER B 26 -37.42 -27.14 -43.52
N ILE B 27 -36.57 -27.66 -42.64
CA ILE B 27 -35.50 -26.91 -42.01
C ILE B 27 -34.19 -27.65 -42.25
N GLN B 28 -33.19 -26.92 -42.75
CA GLN B 28 -31.87 -27.49 -42.98
C GLN B 28 -31.04 -27.41 -41.71
N ILE B 29 -30.42 -28.53 -41.32
CA ILE B 29 -29.55 -28.58 -40.15
C ILE B 29 -28.21 -29.14 -40.58
N GLY B 30 -27.21 -28.92 -39.75
CA GLY B 30 -25.84 -29.33 -40.03
C GLY B 30 -25.38 -30.43 -39.09
N GLY B 31 -24.55 -31.33 -39.60
CA GLY B 31 -24.03 -32.42 -38.81
C GLY B 31 -22.53 -32.57 -38.90
N LEU B 32 -21.85 -32.43 -37.76
CA LEU B 32 -20.40 -32.58 -37.67
C LEU B 32 -20.10 -33.91 -37.00
N PHE B 33 -19.38 -34.78 -37.70
CA PHE B 33 -19.08 -36.10 -37.17
C PHE B 33 -17.61 -36.43 -37.39
N PRO B 34 -16.97 -37.10 -36.44
CA PRO B 34 -15.56 -37.47 -36.61
C PRO B 34 -15.42 -38.64 -37.58
N ARG B 35 -14.18 -38.89 -37.97
CA ARG B 35 -13.85 -39.97 -38.89
C ARG B 35 -13.79 -41.27 -38.11
N GLY B 36 -14.90 -42.02 -38.12
CA GLY B 36 -14.97 -43.27 -37.39
C GLY B 36 -16.22 -43.38 -36.54
N ALA B 37 -17.02 -42.31 -36.53
CA ALA B 37 -18.26 -42.29 -35.74
C ALA B 37 -19.39 -42.89 -36.56
N ASP B 38 -19.15 -44.11 -37.04
CA ASP B 38 -20.13 -44.80 -37.87
C ASP B 38 -21.40 -45.10 -37.09
N GLN B 39 -21.27 -45.63 -35.87
CA GLN B 39 -22.46 -45.91 -35.08
C GLN B 39 -23.14 -44.62 -34.63
N GLU B 40 -22.36 -43.56 -34.39
CA GLU B 40 -22.97 -42.27 -34.05
C GLU B 40 -23.84 -41.77 -35.20
N TYR B 41 -23.33 -41.87 -36.42
CA TYR B 41 -24.09 -41.46 -37.60
C TYR B 41 -25.32 -42.36 -37.79
N SER B 42 -25.15 -43.66 -37.55
CA SER B 42 -26.29 -44.58 -37.65
C SER B 42 -27.38 -44.23 -36.64
N ALA B 43 -26.99 -43.91 -35.40
CA ALA B 43 -27.97 -43.50 -34.40
C ALA B 43 -28.62 -42.20 -34.78
N PHE B 44 -27.86 -41.27 -35.37
CA PHE B 44 -28.43 -40.01 -35.82
C PHE B 44 -29.50 -40.25 -36.89
N ARG B 45 -29.21 -41.13 -37.85
CA ARG B 45 -30.18 -41.39 -38.92
C ARG B 45 -31.38 -42.18 -38.39
N VAL B 46 -31.15 -43.07 -37.42
CA VAL B 46 -32.27 -43.79 -36.80
C VAL B 46 -33.20 -42.81 -36.09
N GLY B 47 -32.62 -41.86 -35.35
CA GLY B 47 -33.44 -40.84 -34.73
C GLY B 47 -34.18 -39.99 -35.74
N MET B 48 -33.51 -39.65 -36.84
CA MET B 48 -34.14 -38.84 -37.87
C MET B 48 -35.34 -39.56 -38.49
N VAL B 49 -35.17 -40.84 -38.83
CA VAL B 49 -36.27 -41.57 -39.46
C VAL B 49 -37.38 -41.84 -38.45
N GLN B 50 -37.04 -42.04 -37.17
CA GLN B 50 -38.06 -42.30 -36.16
C GLN B 50 -38.88 -41.04 -35.87
N PHE B 51 -38.24 -39.88 -35.83
CA PHE B 51 -38.91 -38.63 -35.49
C PHE B 51 -39.31 -37.82 -36.71
N SER B 52 -39.17 -38.37 -37.91
CA SER B 52 -39.61 -37.68 -39.11
C SER B 52 -41.11 -37.46 -39.07
N THR B 53 -41.53 -36.19 -39.15
CA THR B 53 -42.93 -35.83 -39.12
C THR B 53 -43.35 -35.26 -40.47
N SER B 54 -44.62 -35.50 -40.83
CA SER B 54 -45.14 -35.00 -42.09
C SER B 54 -45.25 -33.48 -42.12
N GLU B 55 -45.26 -32.83 -40.95
CA GLU B 55 -45.30 -31.37 -40.91
C GLU B 55 -44.04 -30.79 -41.54
N PHE B 56 -42.88 -31.33 -41.18
CA PHE B 56 -41.62 -30.93 -41.80
C PHE B 56 -40.59 -32.02 -41.56
N ARG B 57 -39.74 -32.26 -42.56
CA ARG B 57 -38.67 -33.24 -42.47
C ARG B 57 -37.34 -32.52 -42.63
N LEU B 58 -36.47 -32.64 -41.62
CA LEU B 58 -35.20 -31.96 -41.66
C LEU B 58 -34.26 -32.64 -42.66
N THR B 59 -33.31 -31.86 -43.17
CA THR B 59 -32.35 -32.32 -44.17
C THR B 59 -30.94 -32.03 -43.66
N PRO B 60 -30.43 -32.86 -42.75
CA PRO B 60 -29.07 -32.64 -42.24
C PRO B 60 -28.03 -32.80 -43.33
N HIS B 61 -26.99 -31.96 -43.25
CA HIS B 61 -25.84 -32.04 -44.15
C HIS B 61 -24.65 -32.49 -43.32
N ILE B 62 -24.30 -33.76 -43.45
CA ILE B 62 -23.30 -34.39 -42.60
C ILE B 62 -21.92 -34.15 -43.18
N ASP B 63 -20.99 -33.70 -42.33
CA ASP B 63 -19.61 -33.45 -42.71
C ASP B 63 -18.72 -34.38 -41.89
N ASN B 64 -17.81 -35.07 -42.56
CA ASN B 64 -16.87 -35.97 -41.91
C ASN B 64 -15.49 -35.33 -41.92
N LEU B 65 -14.89 -35.21 -40.74
CA LEU B 65 -13.60 -34.55 -40.61
C LEU B 65 -12.95 -34.93 -39.30
N GLU B 66 -11.66 -34.62 -39.18
CA GLU B 66 -10.97 -34.76 -37.90
C GLU B 66 -11.42 -33.64 -36.97
N VAL B 67 -12.18 -34.01 -35.93
CA VAL B 67 -12.75 -33.00 -35.04
C VAL B 67 -11.67 -32.25 -34.29
N ALA B 68 -10.51 -32.87 -34.09
CA ALA B 68 -9.40 -32.20 -33.42
C ALA B 68 -8.76 -31.13 -34.30
N ASN B 69 -9.05 -31.12 -35.59
CA ASN B 69 -8.50 -30.13 -36.51
C ASN B 69 -9.36 -28.88 -36.46
N SER B 70 -8.84 -27.83 -35.81
CA SER B 70 -9.61 -26.60 -35.66
C SER B 70 -9.87 -25.94 -37.00
N PHE B 71 -8.89 -25.97 -37.90
CA PHE B 71 -9.09 -25.38 -39.23
C PHE B 71 -10.21 -26.08 -39.99
N ALA B 72 -10.20 -27.41 -39.99
CA ALA B 72 -11.27 -28.15 -40.66
C ALA B 72 -12.61 -27.89 -40.00
N VAL B 73 -12.63 -27.83 -38.67
CA VAL B 73 -13.88 -27.60 -37.95
C VAL B 73 -14.48 -26.24 -38.33
N THR B 74 -13.64 -25.19 -38.30
CA THR B 74 -14.17 -23.86 -38.62
C THR B 74 -14.50 -23.73 -40.10
N ASN B 75 -13.76 -24.42 -40.98
CA ASN B 75 -14.11 -24.40 -42.40
C ASN B 75 -15.47 -25.03 -42.64
N ALA B 76 -15.73 -26.17 -42.00
CA ALA B 76 -17.04 -26.80 -42.13
C ALA B 76 -18.14 -25.92 -41.52
N PHE B 77 -17.86 -25.30 -40.37
CA PHE B 77 -18.85 -24.43 -39.75
C PHE B 77 -19.19 -23.25 -40.66
N CYS B 78 -18.18 -22.65 -41.29
CA CYS B 78 -18.45 -21.53 -42.18
C CYS B 78 -19.15 -21.98 -43.46
N SER B 79 -18.83 -23.18 -43.96
CA SER B 79 -19.57 -23.71 -45.10
C SER B 79 -21.04 -23.89 -44.77
N GLN B 80 -21.33 -24.43 -43.59
CA GLN B 80 -22.72 -24.55 -43.16
C GLN B 80 -23.36 -23.17 -43.02
N PHE B 81 -22.65 -22.21 -42.43
CA PHE B 81 -23.23 -20.89 -42.24
C PHE B 81 -23.55 -20.23 -43.58
N SER B 82 -22.67 -20.39 -44.55
CA SER B 82 -22.94 -19.87 -45.89
C SER B 82 -24.09 -20.61 -46.56
N ARG B 83 -24.25 -21.90 -46.24
CA ARG B 83 -25.35 -22.67 -46.82
C ARG B 83 -26.71 -22.15 -46.37
N GLY B 84 -26.78 -21.45 -45.25
CA GLY B 84 -28.05 -21.01 -44.72
C GLY B 84 -28.66 -22.04 -43.78
N VAL B 85 -27.88 -22.47 -42.80
CA VAL B 85 -28.29 -23.46 -41.80
C VAL B 85 -28.61 -22.75 -40.50
N TYR B 86 -29.72 -23.15 -39.89
CA TYR B 86 -30.25 -22.48 -38.72
C TYR B 86 -29.67 -23.02 -37.42
N ALA B 87 -29.58 -24.35 -37.30
CA ALA B 87 -29.03 -25.00 -36.13
C ALA B 87 -27.96 -26.00 -36.55
N ILE B 88 -26.92 -26.12 -35.73
CA ILE B 88 -25.79 -26.99 -36.03
C ILE B 88 -25.68 -28.05 -34.94
N PHE B 89 -25.56 -29.30 -35.36
CA PHE B 89 -25.34 -30.42 -34.46
C PHE B 89 -23.99 -31.06 -34.77
N GLY B 90 -23.30 -31.51 -33.74
CA GLY B 90 -22.02 -32.16 -33.95
C GLY B 90 -21.26 -32.30 -32.65
N PHE B 91 -20.03 -32.78 -32.80
CA PHE B 91 -19.12 -32.98 -31.70
C PHE B 91 -18.01 -31.93 -31.75
N TYR B 92 -17.35 -31.72 -30.61
CA TYR B 92 -16.14 -30.93 -30.57
C TYR B 92 -15.15 -31.60 -29.62
N ASP B 93 -13.87 -31.31 -29.86
CA ASP B 93 -12.77 -31.85 -29.06
C ASP B 93 -12.24 -30.75 -28.14
N LYS B 94 -11.23 -31.09 -27.35
CA LYS B 94 -10.58 -30.10 -26.49
C LYS B 94 -9.92 -29.01 -27.32
N LYS B 95 -9.52 -29.32 -28.54
CA LYS B 95 -8.82 -28.38 -29.41
C LYS B 95 -9.75 -27.65 -30.37
N SER B 96 -11.07 -27.87 -30.28
CA SER B 96 -12.03 -27.20 -31.13
C SER B 96 -13.23 -26.64 -30.38
N VAL B 97 -13.37 -26.93 -29.08
CA VAL B 97 -14.50 -26.41 -28.31
C VAL B 97 -14.47 -24.90 -28.29
N ASN B 98 -13.28 -24.32 -28.13
CA ASN B 98 -13.16 -22.87 -28.02
C ASN B 98 -13.61 -22.17 -29.30
N THR B 99 -13.11 -22.63 -30.44
CA THR B 99 -13.49 -22.00 -31.70
C THR B 99 -14.97 -22.24 -32.01
N ILE B 100 -15.48 -23.43 -31.70
CA ILE B 100 -16.89 -23.71 -31.94
C ILE B 100 -17.77 -22.77 -31.13
N THR B 101 -17.47 -22.65 -29.83
CA THR B 101 -18.27 -21.79 -28.96
C THR B 101 -18.16 -20.33 -29.38
N SER B 102 -16.95 -19.88 -29.74
CA SER B 102 -16.77 -18.49 -30.15
C SER B 102 -17.56 -18.18 -31.42
N PHE B 103 -17.48 -19.07 -32.42
CA PHE B 103 -18.23 -18.83 -33.65
C PHE B 103 -19.73 -18.85 -33.40
N CYS B 104 -20.22 -19.81 -32.61
CA CYS B 104 -21.65 -19.87 -32.35
C CYS B 104 -22.13 -18.63 -31.58
N GLY B 105 -21.36 -18.19 -30.59
CA GLY B 105 -21.72 -17.01 -29.84
C GLY B 105 -21.70 -15.74 -30.66
N THR B 106 -20.72 -15.61 -31.55
CA THR B 106 -20.61 -14.39 -32.36
C THR B 106 -21.67 -14.35 -33.45
N LEU B 107 -21.94 -15.48 -34.10
CA LEU B 107 -22.92 -15.52 -35.18
C LEU B 107 -24.33 -15.82 -34.70
N HIS B 108 -24.53 -15.98 -33.39
CA HIS B 108 -25.84 -16.23 -32.81
C HIS B 108 -26.50 -17.45 -33.43
N VAL B 109 -25.71 -18.52 -33.58
CA VAL B 109 -26.19 -19.79 -34.11
C VAL B 109 -26.17 -20.82 -32.99
N SER B 110 -27.27 -21.56 -32.86
CA SER B 110 -27.41 -22.57 -31.82
C SER B 110 -26.62 -23.82 -32.19
N PHE B 111 -25.90 -24.36 -31.21
CA PHE B 111 -25.10 -25.57 -31.40
C PHE B 111 -25.55 -26.60 -30.37
N ILE B 112 -25.87 -27.81 -30.85
CA ILE B 112 -26.27 -28.92 -29.98
C ILE B 112 -25.19 -29.98 -30.08
N THR B 113 -24.65 -30.38 -28.92
CA THR B 113 -23.56 -31.32 -28.89
C THR B 113 -23.78 -32.37 -27.80
N PRO B 114 -23.31 -33.60 -28.01
CA PRO B 114 -23.27 -34.59 -26.93
C PRO B 114 -21.92 -34.72 -26.23
N SER B 115 -20.96 -33.88 -26.56
CA SER B 115 -19.61 -33.99 -26.01
C SER B 115 -19.57 -33.42 -24.59
N PHE B 116 -18.37 -33.26 -24.06
CA PHE B 116 -18.23 -32.84 -22.66
C PHE B 116 -18.79 -31.43 -22.47
N PRO B 117 -19.37 -31.14 -21.32
CA PRO B 117 -19.82 -29.76 -21.06
C PRO B 117 -18.64 -28.81 -21.04
N THR B 118 -18.89 -27.59 -21.51
CA THR B 118 -17.83 -26.59 -21.55
C THR B 118 -17.43 -26.19 -20.14
N ASP B 119 -16.12 -25.96 -19.95
CA ASP B 119 -15.59 -25.53 -18.66
C ASP B 119 -15.94 -24.06 -18.42
N GLY B 120 -17.23 -23.83 -18.18
CA GLY B 120 -17.76 -22.50 -18.02
C GLY B 120 -18.97 -22.27 -18.91
N THR B 121 -19.65 -21.16 -18.64
CA THR B 121 -20.85 -20.81 -19.39
C THR B 121 -20.47 -20.30 -20.78
N HIS B 122 -21.21 -20.75 -21.78
CA HIS B 122 -21.02 -20.31 -23.15
C HIS B 122 -22.37 -20.21 -23.86
N PRO B 123 -22.75 -19.03 -24.33
CA PRO B 123 -24.06 -18.88 -24.98
C PRO B 123 -24.12 -19.63 -26.30
N PHE B 124 -25.36 -19.93 -26.71
CA PHE B 124 -25.67 -20.55 -28.00
C PHE B 124 -25.06 -21.93 -28.15
N VAL B 125 -24.80 -22.63 -27.04
CA VAL B 125 -24.31 -23.99 -27.05
C VAL B 125 -25.18 -24.81 -26.11
N ILE B 126 -25.64 -25.97 -26.59
CA ILE B 126 -26.48 -26.87 -25.81
C ILE B 126 -25.66 -28.10 -25.46
N GLN B 127 -25.42 -28.32 -24.17
CA GLN B 127 -24.62 -29.43 -23.69
C GLN B 127 -25.56 -30.54 -23.23
N MET B 128 -25.64 -31.62 -24.00
CA MET B 128 -26.51 -32.74 -23.67
C MET B 128 -25.86 -33.73 -22.72
N ARG B 129 -24.56 -33.66 -22.51
CA ARG B 129 -23.89 -34.58 -21.60
C ARG B 129 -23.96 -34.05 -20.18
N PRO B 130 -24.57 -34.77 -19.25
CA PRO B 130 -24.65 -34.28 -17.87
C PRO B 130 -23.27 -34.24 -17.21
N ASP B 131 -23.15 -33.37 -16.22
CA ASP B 131 -21.90 -33.21 -15.50
C ASP B 131 -21.61 -34.47 -14.66
N LEU B 132 -20.32 -34.68 -14.40
CA LEU B 132 -19.87 -35.84 -13.64
C LEU B 132 -19.08 -35.49 -12.39
N LYS B 133 -18.63 -34.25 -12.23
CA LYS B 133 -17.80 -33.89 -11.08
C LYS B 133 -18.57 -34.07 -9.78
N GLY B 134 -19.82 -33.58 -9.73
CA GLY B 134 -20.60 -33.71 -8.51
C GLY B 134 -20.90 -35.14 -8.15
N ALA B 135 -21.28 -35.95 -9.14
CA ALA B 135 -21.56 -37.36 -8.89
C ALA B 135 -20.30 -38.09 -8.41
N LEU B 136 -19.16 -37.80 -9.03
CA LEU B 136 -17.92 -38.43 -8.62
C LEU B 136 -17.53 -38.05 -7.19
N LEU B 137 -17.67 -36.77 -6.84
CA LEU B 137 -17.34 -36.34 -5.49
C LEU B 137 -18.30 -36.97 -4.47
N SER B 138 -19.59 -37.06 -4.80
CA SER B 138 -20.54 -37.70 -3.90
C SER B 138 -20.22 -39.17 -3.72
N LEU B 139 -19.85 -39.86 -4.80
CA LEU B 139 -19.47 -41.27 -4.69
C LEU B 139 -18.22 -41.42 -3.83
N ILE B 140 -17.24 -40.54 -3.99
CA ILE B 140 -16.03 -40.61 -3.18
C ILE B 140 -16.36 -40.40 -1.71
N GLU B 141 -17.23 -39.42 -1.42
CA GLU B 141 -17.64 -39.17 -0.04
C GLU B 141 -18.37 -40.37 0.55
N TYR B 142 -19.28 -40.98 -0.21
CA TYR B 142 -20.01 -42.13 0.29
C TYR B 142 -19.11 -43.34 0.46
N TYR B 143 -18.06 -43.45 -0.33
CA TYR B 143 -17.17 -44.60 -0.29
C TYR B 143 -16.09 -44.47 0.76
N GLN B 144 -16.08 -43.37 1.51
CA GLN B 144 -15.10 -43.12 2.58
C GLN B 144 -13.68 -43.21 2.05
N TRP B 145 -13.37 -42.33 1.11
CA TRP B 145 -12.05 -42.27 0.48
C TRP B 145 -11.30 -41.05 0.98
N ASP B 146 -10.06 -41.25 1.43
CA ASP B 146 -9.22 -40.15 1.87
C ASP B 146 -7.84 -40.14 1.23
N LYS B 147 -7.48 -41.17 0.46
CA LYS B 147 -6.19 -41.22 -0.22
C LYS B 147 -6.34 -42.12 -1.43
N PHE B 148 -6.08 -41.59 -2.61
CA PHE B 148 -6.27 -42.33 -3.85
C PHE B 148 -5.42 -41.70 -4.93
N ALA B 149 -5.50 -42.25 -6.14
CA ALA B 149 -4.81 -41.74 -7.30
C ALA B 149 -5.83 -41.35 -8.37
N TYR B 150 -5.60 -40.24 -9.03
CA TYR B 150 -6.50 -39.71 -10.05
C TYR B 150 -5.78 -39.75 -11.40
N LEU B 151 -5.89 -40.88 -12.08
CA LEU B 151 -5.32 -41.03 -13.41
C LEU B 151 -6.27 -40.40 -14.43
N TYR B 152 -5.80 -39.36 -15.12
CA TYR B 152 -6.65 -38.57 -16.00
C TYR B 152 -5.95 -38.36 -17.33
N ASP B 153 -6.74 -37.94 -18.32
CA ASP B 153 -6.26 -37.62 -19.64
C ASP B 153 -6.82 -36.25 -20.05
N SER B 154 -6.00 -35.47 -20.76
CA SER B 154 -6.40 -34.13 -21.19
C SER B 154 -7.13 -34.22 -22.53
N ASP B 155 -8.36 -34.71 -22.47
CA ASP B 155 -9.21 -34.81 -23.65
C ASP B 155 -10.58 -34.17 -23.44
N ARG B 156 -11.15 -34.28 -22.24
CA ARG B 156 -12.44 -33.69 -21.93
C ARG B 156 -12.32 -32.46 -21.05
N GLY B 157 -11.15 -31.83 -21.02
CA GLY B 157 -10.91 -30.70 -20.15
C GLY B 157 -10.44 -31.12 -18.77
N LEU B 158 -10.05 -30.12 -17.99
CA LEU B 158 -9.54 -30.33 -16.65
C LEU B 158 -10.51 -29.87 -15.57
N SER B 159 -11.80 -29.73 -15.90
CA SER B 159 -12.78 -29.31 -14.91
C SER B 159 -12.90 -30.34 -13.79
N THR B 160 -12.94 -31.62 -14.14
CA THR B 160 -13.02 -32.66 -13.12
C THR B 160 -11.77 -32.69 -12.26
N LEU B 161 -10.59 -32.51 -12.88
CA LEU B 161 -9.35 -32.48 -12.12
C LEU B 161 -9.34 -31.31 -11.14
N GLN B 162 -9.76 -30.13 -11.58
CA GLN B 162 -9.81 -28.98 -10.69
C GLN B 162 -10.81 -29.21 -9.57
N ALA B 163 -11.96 -29.81 -9.88
CA ALA B 163 -12.98 -30.07 -8.87
C ALA B 163 -12.46 -31.04 -7.81
N VAL B 164 -11.81 -32.12 -8.24
CA VAL B 164 -11.31 -33.09 -7.27
C VAL B 164 -10.16 -32.51 -6.47
N LEU B 165 -9.31 -31.67 -7.09
CA LEU B 165 -8.24 -31.04 -6.33
C LEU B 165 -8.79 -30.09 -5.27
N ASP B 166 -9.78 -29.28 -5.63
CA ASP B 166 -10.38 -28.37 -4.66
C ASP B 166 -11.09 -29.13 -3.54
N SER B 167 -11.81 -30.21 -3.89
CA SER B 167 -12.45 -31.02 -2.87
C SER B 167 -11.44 -31.70 -1.96
N ALA B 168 -10.32 -32.15 -2.51
CA ALA B 168 -9.26 -32.74 -1.69
C ALA B 168 -8.65 -31.70 -0.76
N ALA B 169 -8.46 -30.48 -1.24
CA ALA B 169 -7.96 -29.41 -0.37
C ALA B 169 -8.96 -29.12 0.75
N GLU B 170 -10.26 -29.17 0.43
CA GLU B 170 -11.27 -28.89 1.45
C GLU B 170 -11.38 -30.00 2.48
N LYS B 171 -11.31 -31.25 2.05
CA LYS B 171 -11.57 -32.40 2.92
C LYS B 171 -10.31 -33.14 3.36
N LYS B 172 -9.13 -32.57 3.11
CA LYS B 172 -7.85 -33.14 3.53
C LYS B 172 -7.66 -34.56 2.98
N TRP B 173 -7.56 -34.62 1.66
CA TRP B 173 -7.28 -35.85 0.94
C TRP B 173 -5.88 -35.80 0.32
N GLN B 174 -5.18 -36.92 0.38
CA GLN B 174 -3.83 -37.03 -0.20
C GLN B 174 -3.92 -37.67 -1.58
N VAL B 175 -4.47 -36.91 -2.52
CA VAL B 175 -4.67 -37.40 -3.88
C VAL B 175 -3.39 -37.17 -4.68
N THR B 176 -2.98 -38.18 -5.43
CA THR B 176 -1.83 -38.09 -6.32
C THR B 176 -2.34 -38.17 -7.76
N ALA B 177 -2.22 -37.06 -8.49
CA ALA B 177 -2.69 -36.98 -9.86
C ALA B 177 -1.55 -37.28 -10.83
N ILE B 178 -1.77 -38.22 -11.73
CA ILE B 178 -0.78 -38.64 -12.72
C ILE B 178 -1.42 -38.55 -14.09
N ASN B 179 -0.76 -37.83 -15.01
CA ASN B 179 -1.24 -37.68 -16.37
C ASN B 179 -0.67 -38.80 -17.24
N VAL B 180 -1.53 -39.44 -18.01
CA VAL B 180 -1.13 -40.56 -18.87
C VAL B 180 -1.31 -40.26 -20.36
N GLY B 181 -1.93 -39.13 -20.72
CA GLY B 181 -2.10 -38.82 -22.13
C GLY B 181 -0.80 -38.52 -22.83
N ASN B 182 0.12 -37.82 -22.15
CA ASN B 182 1.37 -37.42 -22.79
C ASN B 182 2.33 -38.58 -22.99
N ILE B 183 2.19 -39.65 -22.21
CA ILE B 183 3.11 -40.78 -22.32
C ILE B 183 2.79 -41.58 -23.58
N ASN B 184 3.82 -41.81 -24.40
CA ASN B 184 3.65 -42.57 -25.63
C ASN B 184 3.35 -44.04 -25.32
N ASN B 185 2.55 -44.65 -26.19
CA ASN B 185 2.14 -46.04 -25.96
C ASN B 185 3.32 -47.00 -26.05
N ASP B 186 4.31 -46.69 -26.89
CA ASP B 186 5.45 -47.60 -27.05
C ASP B 186 6.25 -47.71 -25.76
N LYS B 187 6.47 -46.61 -25.06
CA LYS B 187 7.27 -46.60 -23.84
C LYS B 187 6.42 -46.71 -22.59
N LYS B 188 5.11 -46.93 -22.71
CA LYS B 188 4.24 -47.01 -21.55
C LYS B 188 4.17 -48.42 -20.98
N ASP B 189 5.35 -49.00 -20.73
CA ASP B 189 5.46 -50.26 -20.01
C ASP B 189 6.35 -50.17 -18.79
N GLU B 190 7.59 -49.71 -18.95
CA GLU B 190 8.50 -49.54 -17.83
C GLU B 190 8.02 -48.45 -16.86
N THR B 191 7.57 -47.31 -17.40
CA THR B 191 7.01 -46.27 -16.55
C THR B 191 5.73 -46.75 -15.87
N TYR B 192 4.92 -47.54 -16.57
CA TYR B 192 3.72 -48.11 -15.96
C TYR B 192 4.09 -48.99 -14.78
N ARG B 193 5.06 -49.88 -14.97
CA ARG B 193 5.49 -50.76 -13.88
C ARG B 193 6.06 -49.96 -12.72
N SER B 194 6.86 -48.93 -13.02
CA SER B 194 7.44 -48.11 -11.97
C SER B 194 6.36 -47.40 -11.15
N LEU B 195 5.39 -46.80 -11.83
CA LEU B 195 4.35 -46.08 -11.10
C LEU B 195 3.47 -47.03 -10.30
N PHE B 196 3.16 -48.20 -10.85
CA PHE B 196 2.34 -49.16 -10.10
C PHE B 196 3.10 -49.73 -8.90
N GLN B 197 4.41 -49.94 -9.03
CA GLN B 197 5.21 -50.34 -7.89
C GLN B 197 5.25 -49.25 -6.83
N ASP B 198 5.33 -47.99 -7.27
CA ASP B 198 5.28 -46.87 -6.33
C ASP B 198 3.96 -46.85 -5.58
N LEU B 199 2.85 -47.06 -6.30
CA LEU B 199 1.54 -47.12 -5.64
C LEU B 199 1.47 -48.28 -4.65
N GLU B 200 2.01 -49.43 -5.04
CA GLU B 200 1.99 -50.59 -4.15
C GLU B 200 2.78 -50.33 -2.88
N LEU B 201 3.97 -49.72 -3.00
CA LEU B 201 4.78 -49.47 -1.81
C LEU B 201 4.21 -48.34 -0.96
N LYS B 202 3.55 -47.37 -1.57
CA LYS B 202 2.93 -46.27 -0.84
C LYS B 202 1.49 -46.57 -0.42
N LYS B 203 1.02 -47.79 -0.68
CA LYS B 203 -0.33 -48.22 -0.30
C LYS B 203 -1.41 -47.37 -0.99
N GLU B 204 -1.10 -46.88 -2.19
CA GLU B 204 -2.07 -46.15 -3.00
C GLU B 204 -2.94 -47.17 -3.75
N ARG B 205 -3.76 -47.87 -2.96
CA ARG B 205 -4.53 -48.99 -3.48
C ARG B 205 -5.73 -48.53 -4.29
N ARG B 206 -6.27 -47.36 -3.99
CA ARG B 206 -7.46 -46.84 -4.65
C ARG B 206 -7.05 -45.91 -5.79
N VAL B 207 -7.67 -46.10 -6.95
CA VAL B 207 -7.36 -45.32 -8.14
C VAL B 207 -8.65 -44.82 -8.79
N ILE B 208 -8.51 -43.77 -9.59
CA ILE B 208 -9.60 -43.21 -10.38
C ILE B 208 -9.12 -43.09 -11.82
N LEU B 209 -9.92 -43.57 -12.77
CA LEU B 209 -9.57 -43.55 -14.18
C LEU B 209 -10.52 -42.58 -14.90
N ASP B 210 -10.09 -41.32 -15.01
CA ASP B 210 -10.83 -40.31 -15.76
C ASP B 210 -10.21 -40.17 -17.15
N CYS B 211 -10.39 -41.21 -17.95
CA CYS B 211 -9.84 -41.29 -19.29
C CYS B 211 -10.91 -41.75 -20.27
N GLU B 212 -10.58 -41.68 -21.55
CA GLU B 212 -11.49 -42.11 -22.59
C GLU B 212 -11.66 -43.63 -22.57
N ARG B 213 -12.60 -44.10 -23.38
CA ARG B 213 -12.90 -45.54 -23.40
C ARG B 213 -11.71 -46.35 -23.86
N ASP B 214 -11.05 -45.91 -24.93
CA ASP B 214 -9.90 -46.65 -25.44
C ASP B 214 -8.75 -46.65 -24.43
N LYS B 215 -8.49 -45.50 -23.81
CA LYS B 215 -7.40 -45.42 -22.85
C LYS B 215 -7.68 -46.28 -21.62
N VAL B 216 -8.92 -46.27 -21.12
CA VAL B 216 -9.23 -47.09 -19.95
C VAL B 216 -9.20 -48.56 -20.32
N ASN B 217 -9.58 -48.92 -21.55
CA ASN B 217 -9.46 -50.31 -22.00
C ASN B 217 -8.00 -50.74 -22.02
N ASP B 218 -7.11 -49.88 -22.53
CA ASP B 218 -5.69 -50.19 -22.50
C ASP B 218 -5.19 -50.35 -21.07
N ILE B 219 -5.67 -49.47 -20.17
CA ILE B 219 -5.22 -49.52 -18.78
C ILE B 219 -5.65 -50.83 -18.12
N VAL B 220 -6.91 -51.24 -18.32
CA VAL B 220 -7.36 -52.48 -17.69
C VAL B 220 -6.67 -53.68 -18.30
N ASP B 221 -6.39 -53.64 -19.62
CA ASP B 221 -5.64 -54.73 -20.23
C ASP B 221 -4.24 -54.84 -19.62
N GLN B 222 -3.58 -53.70 -19.42
CA GLN B 222 -2.26 -53.71 -18.78
C GLN B 222 -2.36 -54.21 -17.34
N VAL B 223 -3.42 -53.84 -16.63
CA VAL B 223 -3.61 -54.30 -15.26
C VAL B 223 -3.77 -55.81 -15.22
N ILE B 224 -4.57 -56.35 -16.14
CA ILE B 224 -4.72 -57.80 -16.23
C ILE B 224 -3.40 -58.47 -16.55
N THR B 225 -2.64 -57.90 -17.48
CA THR B 225 -1.34 -58.48 -17.85
C THR B 225 -0.39 -58.50 -16.65
N ILE B 226 -0.35 -57.41 -15.89
CA ILE B 226 0.60 -57.31 -14.77
C ILE B 226 0.08 -57.95 -13.48
N GLY B 227 -1.19 -58.34 -13.45
CA GLY B 227 -1.75 -58.96 -12.26
C GLY B 227 -1.85 -58.03 -11.07
N LYS B 228 -2.25 -56.78 -11.28
CA LYS B 228 -2.48 -55.82 -10.21
C LYS B 228 -3.96 -55.64 -9.94
N HIS B 229 -4.76 -56.69 -10.17
CA HIS B 229 -6.19 -56.67 -9.95
C HIS B 229 -6.60 -57.53 -8.75
N VAL B 230 -5.66 -57.76 -7.83
CA VAL B 230 -5.90 -58.54 -6.63
C VAL B 230 -6.90 -57.83 -5.74
N LYS B 231 -7.42 -58.54 -4.73
CA LYS B 231 -8.41 -57.96 -3.83
C LYS B 231 -7.88 -56.71 -3.16
N GLY B 232 -8.70 -55.66 -3.15
CA GLY B 232 -8.30 -54.39 -2.60
C GLY B 232 -8.29 -53.28 -3.62
N TYR B 233 -7.94 -53.60 -4.85
CA TYR B 233 -7.88 -52.61 -5.92
C TYR B 233 -9.29 -52.11 -6.22
N HIS B 234 -9.48 -50.80 -6.14
CA HIS B 234 -10.79 -50.17 -6.33
C HIS B 234 -10.67 -49.18 -7.48
N TYR B 235 -10.99 -49.63 -8.68
CA TYR B 235 -10.92 -48.81 -9.87
C TYR B 235 -12.25 -48.11 -10.09
N ILE B 236 -12.20 -46.79 -10.30
CA ILE B 236 -13.38 -46.01 -10.64
C ILE B 236 -13.17 -45.46 -12.05
N ILE B 237 -14.10 -45.76 -12.94
CA ILE B 237 -14.06 -45.29 -14.32
C ILE B 237 -14.94 -44.05 -14.40
N ALA B 238 -14.33 -42.90 -14.62
CA ALA B 238 -15.05 -41.62 -14.61
C ALA B 238 -15.58 -41.30 -16.01
N ASN B 239 -16.54 -42.12 -16.43
CA ASN B 239 -17.24 -41.89 -17.68
C ASN B 239 -18.62 -42.52 -17.59
N LEU B 240 -19.53 -42.04 -18.43
CA LEU B 240 -20.90 -42.52 -18.42
C LEU B 240 -21.07 -43.87 -19.10
N GLY B 241 -20.09 -44.30 -19.88
CA GLY B 241 -20.17 -45.58 -20.56
C GLY B 241 -19.55 -46.71 -19.77
N PHE B 242 -20.12 -47.01 -18.61
CA PHE B 242 -19.57 -48.09 -17.77
C PHE B 242 -19.70 -49.44 -18.45
N THR B 243 -20.89 -49.75 -18.97
CA THR B 243 -21.12 -51.03 -19.63
C THR B 243 -20.64 -51.05 -21.08
N ASP B 244 -20.21 -49.91 -21.62
CA ASP B 244 -19.73 -49.88 -22.99
C ASP B 244 -18.47 -50.71 -23.17
N GLY B 245 -17.54 -50.63 -22.22
CA GLY B 245 -16.28 -51.33 -22.32
C GLY B 245 -16.40 -52.78 -21.91
N ASP B 246 -15.24 -53.45 -21.90
CA ASP B 246 -15.17 -54.87 -21.54
C ASP B 246 -15.02 -54.97 -20.03
N LEU B 247 -16.10 -55.33 -19.34
CA LEU B 247 -16.08 -55.49 -17.90
C LEU B 247 -16.02 -56.94 -17.46
N LEU B 248 -16.30 -57.89 -18.35
CA LEU B 248 -16.24 -59.31 -17.99
C LEU B 248 -14.82 -59.77 -17.69
N LYS B 249 -13.81 -59.03 -18.17
CA LYS B 249 -12.43 -59.40 -17.88
C LYS B 249 -12.14 -59.32 -16.39
N ILE B 250 -12.67 -58.30 -15.71
CA ILE B 250 -12.47 -58.12 -14.28
C ILE B 250 -13.71 -58.50 -13.48
N GLN B 251 -14.64 -59.23 -14.11
CA GLN B 251 -15.87 -59.62 -13.41
C GLN B 251 -15.57 -60.55 -12.24
N PHE B 252 -14.66 -61.50 -12.43
CA PHE B 252 -14.29 -62.47 -11.41
C PHE B 252 -12.92 -62.17 -10.81
N GLY B 253 -12.44 -60.93 -10.92
CA GLY B 253 -11.13 -60.56 -10.44
C GLY B 253 -11.03 -60.28 -8.96
N GLY B 254 -12.16 -60.11 -8.27
CA GLY B 254 -12.12 -59.83 -6.86
C GLY B 254 -11.70 -58.42 -6.50
N ALA B 255 -11.65 -57.51 -7.47
CA ALA B 255 -11.28 -56.12 -7.24
C ALA B 255 -12.49 -55.25 -7.47
N ASN B 256 -12.72 -54.30 -6.56
CA ASN B 256 -13.86 -53.40 -6.68
C ASN B 256 -13.73 -52.55 -7.94
N VAL B 257 -14.84 -52.43 -8.68
CA VAL B 257 -14.89 -51.56 -9.85
C VAL B 257 -16.25 -50.85 -9.84
N SER B 258 -16.22 -49.52 -9.80
CA SER B 258 -17.43 -48.71 -9.75
C SER B 258 -17.46 -47.76 -10.94
N GLY B 259 -18.64 -47.57 -11.51
CA GLY B 259 -18.79 -46.73 -12.67
C GLY B 259 -20.11 -45.99 -12.64
N PHE B 260 -20.36 -45.23 -13.70
CA PHE B 260 -21.57 -44.43 -13.83
C PHE B 260 -22.22 -44.71 -15.18
N GLN B 261 -23.52 -44.45 -15.25
CA GLN B 261 -24.28 -44.66 -16.47
C GLN B 261 -25.43 -43.66 -16.53
N ILE B 262 -25.73 -43.19 -17.73
CA ILE B 262 -26.79 -42.22 -17.93
C ILE B 262 -28.06 -42.82 -18.52
N VAL B 263 -27.96 -43.97 -19.18
CA VAL B 263 -29.10 -44.62 -19.81
C VAL B 263 -29.45 -45.87 -19.02
N ASP B 264 -30.72 -46.00 -18.65
CA ASP B 264 -31.20 -47.12 -17.83
C ASP B 264 -31.84 -48.16 -18.74
N TYR B 265 -31.23 -49.35 -18.80
CA TYR B 265 -31.70 -50.40 -19.70
C TYR B 265 -33.03 -51.00 -19.28
N ASP B 266 -33.49 -50.77 -18.04
CA ASP B 266 -34.75 -51.31 -17.58
C ASP B 266 -35.95 -50.46 -17.97
N ASP B 267 -35.73 -49.24 -18.45
CA ASP B 267 -36.83 -48.38 -18.86
C ASP B 267 -37.53 -48.95 -20.09
N SER B 268 -38.83 -48.69 -20.19
CA SER B 268 -39.60 -49.19 -21.33
C SER B 268 -39.13 -48.55 -22.64
N LEU B 269 -38.90 -47.24 -22.63
CA LEU B 269 -38.44 -46.56 -23.83
C LEU B 269 -37.07 -47.09 -24.26
N VAL B 270 -36.16 -47.25 -23.29
CA VAL B 270 -34.83 -47.75 -23.60
C VAL B 270 -34.89 -49.18 -24.12
N SER B 271 -35.75 -50.02 -23.53
CA SER B 271 -35.87 -51.40 -23.98
C SER B 271 -36.42 -51.46 -25.40
N LYS B 272 -37.45 -50.66 -25.69
CA LYS B 272 -38.00 -50.65 -27.04
C LYS B 272 -36.96 -50.15 -28.05
N PHE B 273 -36.20 -49.12 -27.67
CA PHE B 273 -35.16 -48.61 -28.56
C PHE B 273 -34.08 -49.66 -28.80
N ILE B 274 -33.65 -50.36 -27.75
CA ILE B 274 -32.58 -51.33 -27.94
C ILE B 274 -33.07 -52.52 -28.74
N GLU B 275 -34.35 -52.89 -28.60
CA GLU B 275 -34.90 -53.96 -29.42
C GLU B 275 -34.94 -53.56 -30.90
N ARG B 276 -35.48 -52.37 -31.18
CA ARG B 276 -35.54 -51.90 -32.57
C ARG B 276 -34.14 -51.65 -33.13
N TRP B 277 -33.17 -51.39 -32.26
CA TRP B 277 -31.79 -51.22 -32.70
C TRP B 277 -31.15 -52.56 -33.02
N SER B 278 -31.40 -53.58 -32.19
CA SER B 278 -30.78 -54.88 -32.38
C SER B 278 -31.40 -55.64 -33.54
N THR B 279 -32.67 -55.37 -33.86
CA THR B 279 -33.27 -56.03 -35.02
C THR B 279 -32.70 -55.52 -36.34
N LEU B 280 -31.92 -54.46 -36.33
CA LEU B 280 -31.37 -53.87 -37.55
C LEU B 280 -30.21 -54.71 -38.05
N GLU B 281 -29.54 -54.22 -39.10
CA GLU B 281 -28.46 -54.93 -39.76
C GLU B 281 -27.18 -54.10 -39.73
N GLU B 282 -26.04 -54.78 -39.82
CA GLU B 282 -24.74 -54.11 -39.80
C GLU B 282 -24.30 -53.64 -41.18
N LYS B 283 -25.08 -53.87 -42.22
CA LYS B 283 -24.69 -53.46 -43.56
C LYS B 283 -24.96 -51.97 -43.77
N GLU B 284 -26.22 -51.56 -43.69
CA GLU B 284 -26.58 -50.15 -43.83
C GLU B 284 -26.44 -49.38 -42.52
N TYR B 285 -26.37 -50.08 -41.39
CA TYR B 285 -26.29 -49.46 -40.07
C TYR B 285 -25.05 -50.02 -39.38
N PRO B 286 -23.87 -49.46 -39.67
CA PRO B 286 -22.63 -50.01 -39.08
C PRO B 286 -22.65 -49.96 -37.57
N GLY B 287 -22.17 -51.04 -36.96
CA GLY B 287 -22.10 -51.12 -35.50
C GLY B 287 -23.44 -51.04 -34.81
N ALA B 288 -24.48 -51.64 -35.39
CA ALA B 288 -25.82 -51.57 -34.83
C ALA B 288 -26.46 -52.94 -34.66
N HIS B 289 -25.69 -54.01 -34.71
CA HIS B 289 -26.23 -55.37 -34.57
C HIS B 289 -25.92 -55.96 -33.19
N THR B 290 -25.90 -55.13 -32.15
CA THR B 290 -25.63 -55.59 -30.80
C THR B 290 -26.64 -54.97 -29.84
N ALA B 291 -26.63 -55.44 -28.59
CA ALA B 291 -27.49 -54.90 -27.55
C ALA B 291 -26.79 -53.85 -26.69
N THR B 292 -25.52 -53.56 -26.97
CA THR B 292 -24.77 -52.58 -26.20
C THR B 292 -24.59 -51.32 -27.05
N ILE B 293 -25.05 -50.19 -26.52
CA ILE B 293 -24.92 -48.90 -27.18
C ILE B 293 -24.13 -47.98 -26.27
N LYS B 294 -23.61 -46.90 -26.86
CA LYS B 294 -22.85 -45.92 -26.10
C LYS B 294 -23.73 -44.76 -25.66
N TYR B 295 -23.36 -44.19 -24.50
CA TYR B 295 -24.06 -43.02 -23.99
C TYR B 295 -24.00 -41.87 -24.97
N THR B 296 -22.91 -41.77 -25.73
CA THR B 296 -22.83 -40.73 -26.76
C THR B 296 -23.87 -40.95 -27.86
N SER B 297 -24.08 -42.22 -28.25
CA SER B 297 -25.12 -42.52 -29.23
C SER B 297 -26.50 -42.20 -28.67
N ALA B 298 -26.73 -42.54 -27.39
CA ALA B 298 -28.01 -42.19 -26.76
C ALA B 298 -28.21 -40.69 -26.74
N LEU B 299 -27.15 -39.94 -26.45
CA LEU B 299 -27.24 -38.48 -26.45
C LEU B 299 -27.50 -37.94 -27.84
N THR B 300 -26.93 -38.57 -28.88
CA THR B 300 -27.23 -38.15 -30.25
C THR B 300 -28.71 -38.38 -30.57
N TYR B 301 -29.25 -39.53 -30.16
CA TYR B 301 -30.68 -39.79 -30.35
C TYR B 301 -31.53 -38.74 -29.65
N ASP B 302 -31.21 -38.47 -28.38
CA ASP B 302 -31.97 -37.46 -27.64
C ASP B 302 -31.77 -36.07 -28.22
N ALA B 303 -30.62 -35.81 -28.86
CA ALA B 303 -30.41 -34.53 -29.52
C ALA B 303 -31.30 -34.39 -30.75
N VAL B 304 -31.44 -35.46 -31.52
CA VAL B 304 -32.39 -35.44 -32.63
C VAL B 304 -33.80 -35.19 -32.10
N GLN B 305 -34.15 -35.86 -31.00
CA GLN B 305 -35.49 -35.69 -30.41
C GLN B 305 -35.72 -34.24 -29.98
N VAL B 306 -34.76 -33.66 -29.27
CA VAL B 306 -34.95 -32.30 -28.77
C VAL B 306 -34.93 -31.29 -29.91
N MET B 307 -34.13 -31.53 -30.95
CA MET B 307 -34.17 -30.66 -32.13
C MET B 307 -35.53 -30.68 -32.78
N THR B 308 -36.09 -31.88 -32.97
CA THR B 308 -37.43 -31.98 -33.57
C THR B 308 -38.48 -31.31 -32.70
N GLU B 309 -38.41 -31.52 -31.38
CA GLU B 309 -39.39 -30.91 -30.49
C GLU B 309 -39.29 -29.39 -30.51
N ALA B 310 -38.08 -28.86 -30.50
CA ALA B 310 -37.91 -27.41 -30.53
C ALA B 310 -38.40 -26.82 -31.84
N PHE B 311 -38.11 -27.49 -32.97
CA PHE B 311 -38.61 -26.99 -34.25
C PHE B 311 -40.13 -27.04 -34.31
N ARG B 312 -40.73 -28.10 -33.76
CA ARG B 312 -42.18 -28.18 -33.70
C ARG B 312 -42.76 -27.06 -32.86
N ASN B 313 -42.15 -26.77 -31.71
CA ASN B 313 -42.63 -25.68 -30.86
C ASN B 313 -42.49 -24.34 -31.57
N LEU B 314 -41.37 -24.13 -32.27
CA LEU B 314 -41.19 -22.88 -33.00
C LEU B 314 -42.22 -22.73 -34.10
N ARG B 315 -42.53 -23.80 -34.81
CA ARG B 315 -43.57 -23.75 -35.84
C ARG B 315 -44.93 -23.48 -35.23
N LYS B 316 -45.22 -24.09 -34.08
CA LYS B 316 -46.53 -23.90 -33.44
C LYS B 316 -46.69 -22.50 -32.88
N GLN B 317 -45.59 -21.86 -32.47
CA GLN B 317 -45.66 -20.50 -31.92
C GLN B 317 -45.88 -19.44 -32.98
N ARG B 318 -46.14 -19.84 -34.24
CA ARG B 318 -46.38 -18.90 -35.34
C ARG B 318 -45.20 -17.94 -35.53
N ILE B 319 -43.99 -18.41 -35.28
CA ILE B 319 -42.77 -17.62 -35.43
C ILE B 319 -42.01 -18.16 -36.63
N GLU B 320 -41.84 -17.33 -37.65
CA GLU B 320 -41.13 -17.70 -38.86
C GLU B 320 -39.70 -17.18 -38.76
N ILE B 321 -38.76 -18.09 -38.52
CA ILE B 321 -37.34 -17.73 -38.43
C ILE B 321 -36.70 -17.94 -39.80
N SER B 322 -37.54 -18.08 -40.83
CA SER B 322 -37.03 -18.32 -42.18
C SER B 322 -36.22 -17.14 -42.68
N ARG B 323 -35.10 -17.44 -43.33
CA ARG B 323 -34.23 -16.42 -43.89
C ARG B 323 -34.46 -16.33 -45.39
N ARG B 324 -34.65 -15.09 -45.87
CA ARG B 324 -34.94 -14.89 -47.29
C ARG B 324 -33.74 -15.29 -48.16
N GLY B 325 -32.54 -14.90 -47.76
CA GLY B 325 -31.34 -15.16 -48.52
C GLY B 325 -30.28 -15.88 -47.70
N ASN B 326 -29.15 -16.12 -48.35
CA ASN B 326 -28.03 -16.78 -47.69
C ASN B 326 -27.45 -15.88 -46.58
N ALA B 327 -26.96 -16.52 -45.52
CA ALA B 327 -26.40 -15.79 -44.40
C ALA B 327 -25.11 -15.06 -44.76
N GLY B 328 -24.43 -15.50 -45.83
CA GLY B 328 -23.20 -14.85 -46.26
C GLY B 328 -21.96 -15.60 -45.82
N ASP B 329 -20.87 -14.87 -45.61
CA ASP B 329 -19.60 -15.45 -45.18
C ASP B 329 -19.36 -15.11 -43.73
N CYS B 330 -18.87 -16.10 -42.97
CA CYS B 330 -18.65 -15.88 -41.54
C CYS B 330 -17.54 -14.86 -41.29
N LEU B 331 -16.58 -14.76 -42.21
CA LEU B 331 -15.47 -13.83 -42.04
C LEU B 331 -15.87 -12.37 -42.30
N ALA B 332 -17.14 -12.09 -42.57
CA ALA B 332 -17.57 -10.73 -42.86
C ALA B 332 -17.31 -9.81 -41.67
N ASN B 333 -16.70 -8.66 -41.95
CA ASN B 333 -16.42 -7.65 -40.93
C ASN B 333 -17.25 -6.43 -41.21
N PRO B 334 -18.18 -6.05 -40.33
CA PRO B 334 -18.51 -6.66 -39.04
C PRO B 334 -19.36 -7.93 -39.21
N ALA B 335 -19.63 -8.64 -38.11
CA ALA B 335 -20.39 -9.87 -38.17
C ALA B 335 -21.84 -9.57 -38.59
N VAL B 336 -22.60 -10.65 -38.78
CA VAL B 336 -23.98 -10.54 -39.24
C VAL B 336 -24.90 -11.28 -38.28
N PRO B 337 -25.25 -10.67 -37.15
CA PRO B 337 -26.14 -11.32 -36.19
C PRO B 337 -27.60 -11.29 -36.67
N TRP B 338 -28.44 -12.02 -35.96
CA TRP B 338 -29.85 -12.11 -36.30
C TRP B 338 -30.64 -12.58 -35.08
N GLY B 339 -31.76 -11.92 -34.81
CA GLY B 339 -32.56 -12.23 -33.63
C GLY B 339 -33.32 -13.54 -33.72
N GLN B 340 -33.53 -14.05 -34.93
CA GLN B 340 -34.14 -15.36 -35.04
C GLN B 340 -33.26 -16.45 -34.43
N GLY B 341 -31.94 -16.27 -34.49
CA GLY B 341 -31.06 -17.20 -33.81
C GLY B 341 -31.22 -17.16 -32.30
N VAL B 342 -31.39 -15.95 -31.75
CA VAL B 342 -31.63 -15.83 -30.31
C VAL B 342 -32.96 -16.48 -29.94
N GLU B 343 -33.98 -16.31 -30.78
CA GLU B 343 -35.25 -16.98 -30.54
C GLU B 343 -35.10 -18.49 -30.58
N ILE B 344 -34.29 -18.99 -31.52
CA ILE B 344 -34.03 -20.42 -31.60
C ILE B 344 -33.33 -20.92 -30.34
N GLU B 345 -32.35 -20.16 -29.85
CA GLU B 345 -31.67 -20.55 -28.61
C GLU B 345 -32.66 -20.59 -27.45
N ARG B 346 -33.55 -19.59 -27.37
CA ARG B 346 -34.56 -19.60 -26.32
C ARG B 346 -35.47 -20.81 -26.45
N ALA B 347 -35.78 -21.21 -27.68
CA ALA B 347 -36.61 -22.39 -27.90
C ALA B 347 -35.91 -23.65 -27.41
N LEU B 348 -34.62 -23.81 -27.73
CA LEU B 348 -33.87 -24.97 -27.26
C LEU B 348 -33.75 -24.99 -25.74
N LYS B 349 -33.51 -23.84 -25.12
CA LYS B 349 -33.27 -23.79 -23.68
C LYS B 349 -34.56 -23.81 -22.86
N GLN B 350 -35.69 -24.20 -23.45
CA GLN B 350 -36.96 -24.31 -22.75
C GLN B 350 -37.68 -25.60 -23.16
N VAL B 351 -36.94 -26.70 -23.22
CA VAL B 351 -37.48 -27.99 -23.63
C VAL B 351 -37.28 -28.98 -22.49
N GLN B 352 -38.34 -29.73 -22.17
CA GLN B 352 -38.33 -30.71 -21.09
C GLN B 352 -39.01 -31.98 -21.61
N VAL B 353 -38.22 -32.89 -22.17
CA VAL B 353 -38.70 -34.17 -22.67
C VAL B 353 -37.83 -35.27 -22.09
N GLU B 354 -38.38 -36.48 -22.04
CA GLU B 354 -37.64 -37.65 -21.58
C GLU B 354 -36.92 -38.30 -22.75
N GLY B 355 -35.99 -39.18 -22.42
CA GLY B 355 -35.22 -39.87 -23.44
C GLY B 355 -34.49 -41.06 -22.87
N LEU B 356 -33.61 -41.64 -23.70
CA LEU B 356 -32.83 -42.79 -23.27
C LEU B 356 -31.92 -42.43 -22.10
N SER B 357 -31.28 -41.27 -22.16
CA SER B 357 -30.41 -40.80 -21.09
C SER B 357 -31.17 -40.30 -19.88
N GLY B 358 -32.49 -40.48 -19.84
CA GLY B 358 -33.31 -39.99 -18.75
C GLY B 358 -34.03 -38.70 -19.11
N ASN B 359 -34.41 -37.97 -18.06
CA ASN B 359 -35.06 -36.69 -18.26
C ASN B 359 -34.08 -35.68 -18.83
N ILE B 360 -34.57 -34.83 -19.72
CA ILE B 360 -33.77 -33.80 -20.38
C ILE B 360 -34.38 -32.44 -20.09
N LYS B 361 -33.57 -31.52 -19.58
CA LYS B 361 -34.01 -30.16 -19.31
C LYS B 361 -32.78 -29.27 -19.19
N PHE B 362 -32.82 -28.11 -19.84
CA PHE B 362 -31.69 -27.21 -19.87
C PHE B 362 -31.98 -25.95 -19.07
N ASP B 363 -30.92 -25.40 -18.47
CA ASP B 363 -31.04 -24.19 -17.67
C ASP B 363 -30.82 -22.96 -18.56
N GLN B 364 -30.69 -21.78 -17.93
CA GLN B 364 -30.52 -20.55 -18.69
C GLN B 364 -29.21 -20.56 -19.47
N ASN B 365 -28.13 -21.04 -18.87
CA ASN B 365 -26.84 -21.05 -19.54
C ASN B 365 -26.82 -22.03 -20.70
N GLY B 366 -27.33 -23.24 -20.49
CA GLY B 366 -27.35 -24.24 -21.54
C GLY B 366 -27.02 -25.64 -21.06
N LYS B 367 -26.55 -25.75 -19.81
CA LYS B 367 -26.24 -27.04 -19.25
C LYS B 367 -27.51 -27.84 -18.99
N ARG B 368 -27.36 -29.15 -18.86
CA ARG B 368 -28.48 -30.07 -18.68
C ARG B 368 -28.71 -30.31 -17.20
N ILE B 369 -29.95 -30.11 -16.76
CA ILE B 369 -30.33 -30.34 -15.37
C ILE B 369 -31.49 -31.31 -15.32
N ASN B 370 -31.99 -31.59 -14.11
CA ASN B 370 -33.08 -32.54 -13.90
C ASN B 370 -32.73 -33.92 -14.47
N TYR B 371 -31.54 -34.39 -14.13
CA TYR B 371 -31.02 -35.65 -14.65
C TYR B 371 -30.63 -36.56 -13.49
N THR B 372 -30.59 -37.86 -13.77
CA THR B 372 -30.18 -38.86 -12.81
C THR B 372 -29.11 -39.75 -13.42
N ILE B 373 -28.15 -40.16 -12.59
CA ILE B 373 -27.04 -41.00 -13.03
C ILE B 373 -27.08 -42.29 -12.22
N ASN B 374 -27.13 -43.42 -12.92
CA ASN B 374 -27.22 -44.72 -12.29
C ASN B 374 -25.82 -45.28 -12.04
N ILE B 375 -25.50 -45.53 -10.79
CA ILE B 375 -24.17 -46.02 -10.40
C ILE B 375 -24.23 -47.54 -10.27
N MET B 376 -23.31 -48.22 -10.94
CA MET B 376 -23.16 -49.66 -10.77
C MET B 376 -21.76 -49.99 -10.30
N GLU B 377 -21.67 -50.99 -9.42
CA GLU B 377 -20.41 -51.57 -8.97
C GLU B 377 -20.32 -52.99 -9.50
N LEU B 378 -19.19 -53.34 -10.10
CA LEU B 378 -19.05 -54.65 -10.72
C LEU B 378 -19.08 -55.76 -9.67
N LYS B 379 -19.77 -56.84 -10.01
CA LYS B 379 -19.91 -58.00 -9.15
C LYS B 379 -19.62 -59.27 -9.96
N THR B 380 -19.66 -60.42 -9.29
CA THR B 380 -19.37 -61.67 -9.97
C THR B 380 -20.46 -62.04 -10.98
N ASN B 381 -21.67 -61.50 -10.81
CA ASN B 381 -22.76 -61.74 -11.75
C ASN B 381 -22.85 -60.66 -12.82
N GLY B 382 -21.96 -59.67 -12.80
CA GLY B 382 -21.99 -58.59 -13.76
C GLY B 382 -22.30 -57.26 -13.11
N PRO B 383 -22.32 -56.20 -13.91
CA PRO B 383 -22.66 -54.88 -13.35
C PRO B 383 -24.08 -54.86 -12.80
N ARG B 384 -24.26 -54.14 -11.70
CA ARG B 384 -25.56 -54.03 -11.05
C ARG B 384 -25.69 -52.66 -10.43
N LYS B 385 -26.80 -51.98 -10.71
CA LYS B 385 -27.01 -50.63 -10.21
C LYS B 385 -27.15 -50.64 -8.69
N ILE B 386 -26.17 -50.03 -8.01
CA ILE B 386 -26.19 -49.94 -6.55
C ILE B 386 -26.89 -48.69 -6.06
N GLY B 387 -27.29 -47.80 -6.95
CA GLY B 387 -27.95 -46.57 -6.55
C GLY B 387 -27.96 -45.58 -7.68
N TYR B 388 -28.54 -44.42 -7.39
CA TYR B 388 -28.65 -43.33 -8.35
C TYR B 388 -28.27 -42.02 -7.69
N TRP B 389 -27.81 -41.08 -8.51
CA TRP B 389 -27.42 -39.75 -8.06
C TRP B 389 -28.20 -38.69 -8.81
N SER B 390 -28.51 -37.61 -8.11
CA SER B 390 -29.24 -36.48 -8.69
C SER B 390 -28.66 -35.18 -8.14
N GLU B 391 -29.28 -34.07 -8.50
CA GLU B 391 -28.85 -32.75 -8.04
C GLU B 391 -29.75 -32.17 -6.96
N VAL B 392 -31.05 -32.47 -7.01
CA VAL B 392 -31.94 -32.02 -5.95
C VAL B 392 -31.71 -32.78 -4.66
N ASP B 393 -30.97 -33.89 -4.72
CA ASP B 393 -30.67 -34.70 -3.54
C ASP B 393 -29.28 -35.31 -3.71
N LYS B 394 -28.70 -35.73 -2.59
CA LYS B 394 -27.41 -36.39 -2.62
C LYS B 394 -27.55 -37.79 -3.22
N MET B 395 -26.45 -38.54 -3.22
CA MET B 395 -26.47 -39.89 -3.75
C MET B 395 -27.39 -40.77 -2.90
N VAL B 396 -28.18 -41.61 -3.58
CA VAL B 396 -29.18 -42.45 -2.94
C VAL B 396 -28.80 -43.91 -3.17
N VAL B 397 -28.91 -44.72 -2.11
CA VAL B 397 -28.58 -46.14 -2.16
C VAL B 397 -29.88 -46.93 -2.18
N THR B 398 -29.98 -47.87 -3.12
CA THR B 398 -31.16 -48.71 -3.23
C THR B 398 -30.83 -50.17 -2.89
N ASN C 25 14.14 -4.21 -51.03
CA ASN C 25 12.94 -5.02 -51.15
C ASN C 25 11.88 -4.58 -50.14
N SER C 26 10.68 -5.13 -50.29
CA SER C 26 9.57 -4.81 -49.39
C SER C 26 8.86 -6.12 -49.03
N ILE C 27 8.90 -6.48 -47.75
CA ILE C 27 8.30 -7.70 -47.25
C ILE C 27 7.21 -7.33 -46.25
N GLN C 28 6.02 -7.89 -46.44
CA GLN C 28 4.88 -7.60 -45.57
C GLN C 28 4.66 -8.73 -44.59
N ILE C 29 4.36 -8.37 -43.34
CA ILE C 29 4.05 -9.32 -42.28
C ILE C 29 2.73 -8.92 -41.64
N GLY C 30 2.35 -9.64 -40.59
CA GLY C 30 1.11 -9.38 -39.90
C GLY C 30 1.33 -9.12 -38.43
N GLY C 31 0.32 -8.52 -37.81
CA GLY C 31 0.36 -8.22 -36.39
C GLY C 31 -0.95 -8.53 -35.69
N LEU C 32 -0.87 -9.32 -34.62
CA LEU C 32 -2.06 -9.71 -33.86
C LEU C 32 -1.98 -9.21 -32.42
N PHE C 33 -1.58 -7.96 -32.24
CA PHE C 33 -1.43 -7.41 -30.90
C PHE C 33 -2.80 -7.29 -30.24
N PRO C 34 -2.90 -7.59 -28.94
CA PRO C 34 -4.19 -7.49 -28.25
C PRO C 34 -4.55 -6.05 -27.98
N ARG C 35 -5.81 -5.84 -27.58
CA ARG C 35 -6.33 -4.51 -27.26
C ARG C 35 -5.96 -4.19 -25.82
N GLY C 36 -4.83 -3.50 -25.66
CA GLY C 36 -4.35 -3.13 -24.34
C GLY C 36 -2.87 -3.38 -24.16
N ALA C 37 -2.22 -3.95 -25.17
CA ALA C 37 -0.79 -4.26 -25.11
C ALA C 37 -0.02 -3.11 -25.75
N ASP C 38 0.06 -2.00 -25.03
CA ASP C 38 0.76 -0.82 -25.51
C ASP C 38 2.27 -0.95 -25.44
N GLN C 39 2.80 -1.52 -24.34
CA GLN C 39 4.24 -1.67 -24.21
C GLN C 39 4.80 -2.64 -25.25
N GLU C 40 4.08 -3.73 -25.51
CA GLU C 40 4.53 -4.68 -26.52
C GLU C 40 4.54 -4.06 -27.91
N TYR C 41 3.52 -3.28 -28.23
CA TYR C 41 3.49 -2.58 -29.52
C TYR C 41 4.63 -1.56 -29.63
N SER C 42 4.90 -0.84 -28.53
CA SER C 42 6.00 0.11 -28.54
C SER C 42 7.33 -0.60 -28.76
N ALA C 43 7.54 -1.74 -28.10
CA ALA C 43 8.75 -2.52 -28.30
C ALA C 43 8.84 -3.02 -29.74
N PHE C 44 7.71 -3.44 -30.31
CA PHE C 44 7.68 -3.86 -31.71
C PHE C 44 8.12 -2.72 -32.62
N ARG C 45 7.59 -1.52 -32.40
CA ARG C 45 7.94 -0.38 -33.23
C ARG C 45 9.43 -0.04 -33.08
N VAL C 46 9.94 -0.09 -31.84
CA VAL C 46 11.34 0.23 -31.60
C VAL C 46 12.24 -0.78 -32.30
N GLY C 47 11.91 -2.07 -32.18
CA GLY C 47 12.68 -3.08 -32.88
C GLY C 47 12.66 -2.91 -34.38
N MET C 48 11.49 -2.57 -34.93
CA MET C 48 11.39 -2.31 -36.36
C MET C 48 12.28 -1.16 -36.79
N VAL C 49 12.16 -0.02 -36.11
CA VAL C 49 12.92 1.16 -36.50
C VAL C 49 14.40 1.02 -36.21
N GLN C 50 14.79 0.06 -35.35
CA GLN C 50 16.20 -0.14 -35.07
C GLN C 50 16.84 -1.14 -36.03
N PHE C 51 16.17 -2.26 -36.31
CA PHE C 51 16.73 -3.27 -37.18
C PHE C 51 16.42 -3.03 -38.66
N SER C 52 15.60 -2.03 -38.98
CA SER C 52 15.34 -1.71 -40.38
C SER C 52 16.61 -1.15 -41.02
N THR C 53 16.87 -1.58 -42.26
CA THR C 53 18.05 -1.14 -43.00
C THR C 53 17.62 -0.79 -44.41
N SER C 54 18.60 -0.41 -45.23
CA SER C 54 18.35 -0.09 -46.63
C SER C 54 18.20 -1.32 -47.51
N GLU C 55 18.60 -2.50 -47.02
CA GLU C 55 18.46 -3.71 -47.82
C GLU C 55 17.00 -4.03 -48.10
N PHE C 56 16.15 -3.94 -47.07
CA PHE C 56 14.73 -4.17 -47.23
C PHE C 56 13.99 -3.51 -46.07
N ARG C 57 12.68 -3.36 -46.24
CA ARG C 57 11.81 -2.79 -45.22
C ARG C 57 10.63 -3.73 -44.98
N LEU C 58 10.16 -3.76 -43.74
CA LEU C 58 9.06 -4.63 -43.34
C LEU C 58 7.81 -3.80 -43.13
N THR C 59 6.70 -4.24 -43.75
CA THR C 59 5.42 -3.53 -43.67
C THR C 59 4.45 -4.35 -42.84
N PRO C 60 4.19 -4.00 -41.59
CA PRO C 60 3.26 -4.78 -40.77
C PRO C 60 1.82 -4.28 -40.85
N HIS C 61 0.90 -5.21 -40.64
CA HIS C 61 -0.52 -4.90 -40.51
C HIS C 61 -0.91 -5.18 -39.05
N ILE C 62 -1.01 -4.12 -38.27
CA ILE C 62 -1.30 -4.24 -36.85
C ILE C 62 -2.82 -4.18 -36.64
N ASP C 63 -3.37 -5.25 -36.07
CA ASP C 63 -4.80 -5.33 -35.77
C ASP C 63 -4.96 -5.54 -34.27
N ASN C 64 -5.66 -4.63 -33.61
CA ASN C 64 -5.94 -4.74 -32.19
C ASN C 64 -7.30 -5.39 -32.00
N LEU C 65 -7.33 -6.46 -31.21
CA LEU C 65 -8.53 -7.27 -31.07
C LEU C 65 -8.52 -7.98 -29.73
N GLU C 66 -9.69 -8.47 -29.35
CA GLU C 66 -9.83 -9.31 -28.15
C GLU C 66 -9.23 -10.67 -28.46
N VAL C 67 -7.99 -10.90 -28.01
CA VAL C 67 -7.27 -12.11 -28.37
C VAL C 67 -7.93 -13.36 -27.80
N ALA C 68 -8.82 -13.21 -26.81
CA ALA C 68 -9.57 -14.36 -26.31
C ALA C 68 -10.71 -14.76 -27.24
N ASN C 69 -11.05 -13.92 -28.21
CA ASN C 69 -12.13 -14.21 -29.14
C ASN C 69 -11.56 -14.98 -30.34
N SER C 70 -11.85 -16.29 -30.40
CA SER C 70 -11.37 -17.09 -31.50
C SER C 70 -11.95 -16.64 -32.84
N PHE C 71 -13.18 -16.13 -32.83
CA PHE C 71 -13.77 -15.62 -34.07
C PHE C 71 -12.98 -14.41 -34.59
N ALA C 72 -12.66 -13.46 -33.70
CA ALA C 72 -11.90 -12.30 -34.11
C ALA C 72 -10.49 -12.70 -34.55
N VAL C 73 -9.88 -13.65 -33.83
CA VAL C 73 -8.55 -14.12 -34.21
C VAL C 73 -8.58 -14.74 -35.61
N THR C 74 -9.59 -15.57 -35.88
CA THR C 74 -9.72 -16.18 -37.20
C THR C 74 -9.94 -15.13 -38.28
N ASN C 75 -10.77 -14.12 -37.99
CA ASN C 75 -11.03 -13.07 -38.96
C ASN C 75 -9.74 -12.31 -39.30
N ALA C 76 -8.99 -11.93 -38.27
CA ALA C 76 -7.75 -11.19 -38.50
C ALA C 76 -6.73 -12.05 -39.26
N PHE C 77 -6.62 -13.32 -38.88
CA PHE C 77 -5.71 -14.23 -39.58
C PHE C 77 -6.10 -14.37 -41.04
N CYS C 78 -7.39 -14.52 -41.33
CA CYS C 78 -7.84 -14.66 -42.70
C CYS C 78 -7.57 -13.39 -43.51
N SER C 79 -7.83 -12.22 -42.91
CA SER C 79 -7.55 -10.97 -43.62
C SER C 79 -6.06 -10.82 -43.92
N GLN C 80 -5.21 -11.10 -42.94
CA GLN C 80 -3.77 -10.95 -43.15
C GLN C 80 -3.24 -11.97 -44.16
N PHE C 81 -3.79 -13.18 -44.16
CA PHE C 81 -3.43 -14.13 -45.21
C PHE C 81 -3.91 -13.66 -46.57
N SER C 82 -5.11 -13.07 -46.63
CA SER C 82 -5.65 -12.60 -47.90
C SER C 82 -4.83 -11.46 -48.47
N ARG C 83 -4.21 -10.63 -47.61
CA ARG C 83 -3.30 -9.62 -48.14
C ARG C 83 -2.13 -10.27 -48.87
N GLY C 84 -1.57 -11.34 -48.30
CA GLY C 84 -0.44 -12.01 -48.90
C GLY C 84 0.84 -11.89 -48.09
N VAL C 85 0.71 -11.86 -46.77
CA VAL C 85 1.89 -11.73 -45.91
C VAL C 85 2.68 -13.04 -45.92
N TYR C 86 3.94 -12.94 -45.52
CA TYR C 86 4.84 -14.08 -45.47
C TYR C 86 4.98 -14.68 -44.08
N ALA C 87 4.94 -13.86 -43.03
CA ALA C 87 5.00 -14.33 -41.66
C ALA C 87 4.02 -13.52 -40.82
N ILE C 88 3.58 -14.12 -39.72
CA ILE C 88 2.60 -13.51 -38.84
C ILE C 88 3.18 -13.44 -37.43
N PHE C 89 3.02 -12.28 -36.78
CA PHE C 89 3.43 -12.07 -35.40
C PHE C 89 2.22 -11.66 -34.58
N GLY C 90 2.14 -12.16 -33.36
CA GLY C 90 1.02 -11.81 -32.51
C GLY C 90 1.01 -12.65 -31.25
N PHE C 91 -0.13 -12.58 -30.55
CA PHE C 91 -0.32 -13.22 -29.27
C PHE C 91 -1.51 -14.18 -29.35
N TYR C 92 -1.58 -15.09 -28.38
CA TYR C 92 -2.74 -15.94 -28.23
C TYR C 92 -2.83 -16.39 -26.78
N ASP C 93 -4.03 -16.79 -26.38
CA ASP C 93 -4.30 -17.33 -25.06
C ASP C 93 -4.70 -18.79 -25.17
N LYS C 94 -5.06 -19.38 -24.02
CA LYS C 94 -5.48 -20.77 -24.00
C LYS C 94 -6.76 -21.00 -24.81
N LYS C 95 -7.55 -19.95 -25.02
CA LYS C 95 -8.80 -20.06 -25.76
C LYS C 95 -8.65 -19.78 -27.24
N SER C 96 -7.45 -19.41 -27.70
CA SER C 96 -7.25 -19.12 -29.12
C SER C 96 -5.93 -19.68 -29.65
N VAL C 97 -5.28 -20.58 -28.91
CA VAL C 97 -4.01 -21.13 -29.38
C VAL C 97 -4.25 -22.24 -30.39
N ASN C 98 -5.27 -23.07 -30.15
CA ASN C 98 -5.53 -24.21 -31.03
C ASN C 98 -5.89 -23.78 -32.43
N THR C 99 -6.74 -22.75 -32.55
CA THR C 99 -7.13 -22.27 -33.88
C THR C 99 -5.94 -21.69 -34.63
N ILE C 100 -5.10 -20.92 -33.94
CA ILE C 100 -3.93 -20.33 -34.58
C ILE C 100 -2.99 -21.43 -35.05
N THR C 101 -2.72 -22.42 -34.19
CA THR C 101 -1.80 -23.49 -34.55
C THR C 101 -2.34 -24.30 -35.71
N SER C 102 -3.64 -24.63 -35.70
CA SER C 102 -4.22 -25.41 -36.78
C SER C 102 -4.20 -24.64 -38.09
N PHE C 103 -4.54 -23.35 -38.06
CA PHE C 103 -4.53 -22.55 -39.27
C PHE C 103 -3.12 -22.45 -39.84
N CYS C 104 -2.14 -22.20 -38.98
CA CYS C 104 -0.76 -22.10 -39.46
C CYS C 104 -0.27 -23.42 -40.04
N GLY C 105 -0.58 -24.54 -39.36
CA GLY C 105 -0.16 -25.83 -39.87
C GLY C 105 -0.80 -26.17 -41.21
N THR C 106 -2.07 -25.83 -41.38
CA THR C 106 -2.75 -26.16 -42.63
C THR C 106 -2.32 -25.24 -43.76
N LEU C 107 -2.08 -23.96 -43.47
CA LEU C 107 -1.76 -22.99 -44.50
C LEU C 107 -0.27 -22.81 -44.72
N HIS C 108 0.58 -23.53 -43.98
CA HIS C 108 2.03 -23.48 -44.14
C HIS C 108 2.56 -22.06 -43.98
N VAL C 109 1.98 -21.30 -43.06
CA VAL C 109 2.40 -19.93 -42.77
C VAL C 109 2.95 -19.88 -41.35
N SER C 110 4.14 -19.32 -41.19
CA SER C 110 4.79 -19.28 -39.89
C SER C 110 4.11 -18.26 -38.97
N PHE C 111 4.28 -18.48 -37.67
CA PHE C 111 3.68 -17.61 -36.66
C PHE C 111 4.66 -17.48 -35.51
N ILE C 112 5.26 -16.31 -35.35
CA ILE C 112 6.21 -16.03 -34.28
C ILE C 112 5.44 -15.35 -33.15
N THR C 113 5.58 -15.87 -31.94
CA THR C 113 4.84 -15.34 -30.80
C THR C 113 5.72 -15.31 -29.57
N PRO C 114 5.48 -14.37 -28.66
CA PRO C 114 6.08 -14.43 -27.32
C PRO C 114 5.21 -15.08 -26.26
N SER C 115 4.08 -15.67 -26.64
CA SER C 115 3.16 -16.26 -25.68
C SER C 115 3.72 -17.58 -25.15
N PHE C 116 2.93 -18.23 -24.30
CA PHE C 116 3.37 -19.47 -23.67
C PHE C 116 3.57 -20.56 -24.72
N PRO C 117 4.57 -21.41 -24.56
CA PRO C 117 4.78 -22.50 -25.53
C PRO C 117 3.62 -23.48 -25.49
N THR C 118 3.34 -24.06 -26.66
CA THR C 118 2.26 -25.02 -26.77
C THR C 118 2.61 -26.33 -26.07
N ASP C 119 1.58 -27.00 -25.53
CA ASP C 119 1.76 -28.27 -24.85
C ASP C 119 1.77 -29.40 -25.87
N GLY C 120 2.81 -29.41 -26.69
CA GLY C 120 2.96 -30.41 -27.72
C GLY C 120 3.88 -29.90 -28.82
N THR C 121 3.84 -30.62 -29.94
CA THR C 121 4.62 -30.28 -31.12
C THR C 121 3.69 -29.67 -32.17
N HIS C 122 4.03 -28.47 -32.62
CA HIS C 122 3.23 -27.80 -33.63
C HIS C 122 4.13 -27.12 -34.66
N PRO C 123 4.01 -27.50 -35.93
CA PRO C 123 4.86 -26.87 -36.96
C PRO C 123 4.39 -25.47 -37.30
N PHE C 124 5.29 -24.72 -37.93
CA PHE C 124 5.05 -23.36 -38.41
C PHE C 124 4.70 -22.40 -37.27
N VAL C 125 5.07 -22.73 -36.04
CA VAL C 125 4.87 -21.87 -34.90
C VAL C 125 6.20 -21.66 -34.20
N ILE C 126 6.69 -20.43 -34.19
CA ILE C 126 7.93 -20.08 -33.51
C ILE C 126 7.57 -19.46 -32.18
N GLN C 127 8.08 -20.04 -31.09
CA GLN C 127 7.73 -19.64 -29.74
C GLN C 127 8.95 -18.99 -29.09
N MET C 128 8.82 -17.71 -28.74
CA MET C 128 9.93 -16.96 -28.17
C MET C 128 10.02 -17.07 -26.65
N ARG C 129 9.03 -17.67 -25.99
CA ARG C 129 9.05 -17.78 -24.55
C ARG C 129 9.70 -19.09 -24.14
N PRO C 130 10.81 -19.07 -23.41
CA PRO C 130 11.41 -20.33 -22.94
C PRO C 130 10.54 -21.01 -21.90
N ASP C 131 10.68 -22.32 -21.82
CA ASP C 131 9.90 -23.11 -20.87
C ASP C 131 10.32 -22.80 -19.43
N LEU C 132 9.35 -22.90 -18.52
CA LEU C 132 9.57 -22.59 -17.12
C LEU C 132 9.41 -23.79 -16.20
N LYS C 133 8.82 -24.89 -16.68
CA LYS C 133 8.56 -26.03 -15.80
C LYS C 133 9.85 -26.61 -15.25
N GLY C 134 10.87 -26.77 -16.11
CA GLY C 134 12.13 -27.34 -15.64
C GLY C 134 12.81 -26.47 -14.61
N ALA C 135 12.87 -25.17 -14.87
CA ALA C 135 13.49 -24.24 -13.91
C ALA C 135 12.73 -24.23 -12.60
N LEU C 136 11.40 -24.24 -12.67
CA LEU C 136 10.59 -24.24 -11.44
C LEU C 136 10.84 -25.51 -10.63
N LEU C 137 10.86 -26.67 -11.29
CA LEU C 137 11.12 -27.90 -10.57
C LEU C 137 12.51 -27.92 -9.97
N SER C 138 13.51 -27.43 -10.70
CA SER C 138 14.86 -27.39 -10.19
C SER C 138 14.96 -26.45 -8.98
N LEU C 139 14.28 -25.30 -9.03
CA LEU C 139 14.28 -24.39 -7.89
C LEU C 139 13.60 -25.01 -6.68
N ILE C 140 12.49 -25.71 -6.90
CA ILE C 140 11.80 -26.37 -5.79
C ILE C 140 12.71 -27.43 -5.16
N GLU C 141 13.39 -28.22 -5.99
CA GLU C 141 14.32 -29.21 -5.46
C GLU C 141 15.46 -28.54 -4.70
N TYR C 142 15.98 -27.42 -5.23
CA TYR C 142 17.06 -26.70 -4.56
C TYR C 142 16.64 -26.19 -3.20
N TYR C 143 15.41 -25.68 -3.10
CA TYR C 143 14.89 -25.21 -1.82
C TYR C 143 14.44 -26.35 -0.92
N GLN C 144 14.31 -27.57 -1.45
CA GLN C 144 13.96 -28.76 -0.67
C GLN C 144 12.63 -28.59 0.04
N TRP C 145 11.58 -28.43 -0.76
CA TRP C 145 10.23 -28.29 -0.24
C TRP C 145 9.52 -29.64 -0.24
N ASP C 146 8.62 -29.82 0.72
CA ASP C 146 7.83 -31.04 0.83
C ASP C 146 6.33 -30.78 0.84
N LYS C 147 5.89 -29.72 1.52
CA LYS C 147 4.47 -29.37 1.59
C LYS C 147 4.32 -27.90 1.26
N PHE C 148 3.85 -27.60 0.05
CA PHE C 148 3.72 -26.24 -0.42
C PHE C 148 2.42 -26.08 -1.20
N ALA C 149 1.93 -24.85 -1.25
CA ALA C 149 0.75 -24.52 -2.03
C ALA C 149 1.14 -24.12 -3.44
N TYR C 150 0.16 -24.09 -4.34
CA TYR C 150 0.40 -23.74 -5.73
C TYR C 150 -0.82 -22.98 -6.23
N LEU C 151 -0.74 -21.64 -6.21
CA LEU C 151 -1.83 -20.81 -6.69
C LEU C 151 -1.69 -20.66 -8.20
N TYR C 152 -2.67 -21.21 -8.93
CA TYR C 152 -2.68 -21.15 -10.39
C TYR C 152 -3.95 -20.45 -10.86
N ASP C 153 -3.87 -19.91 -12.07
CA ASP C 153 -5.04 -19.33 -12.74
C ASP C 153 -5.28 -20.09 -14.04
N SER C 154 -6.53 -20.51 -14.24
CA SER C 154 -6.88 -21.26 -15.44
C SER C 154 -6.72 -20.42 -16.70
N ASP C 155 -6.81 -19.10 -16.60
CA ASP C 155 -6.69 -18.24 -17.78
C ASP C 155 -5.32 -18.37 -18.43
N ARG C 156 -4.26 -18.39 -17.62
CA ARG C 156 -2.92 -18.51 -18.16
C ARG C 156 -2.67 -19.90 -18.73
N GLY C 157 -3.09 -20.93 -18.02
CA GLY C 157 -2.88 -22.30 -18.44
C GLY C 157 -2.74 -23.21 -17.24
N LEU C 158 -2.52 -24.49 -17.54
CA LEU C 158 -2.38 -25.49 -16.49
C LEU C 158 -1.27 -26.50 -16.76
N SER C 159 -0.43 -26.27 -17.79
CA SER C 159 0.64 -27.21 -18.08
C SER C 159 1.66 -27.28 -16.95
N THR C 160 2.01 -26.12 -16.38
CA THR C 160 2.94 -26.11 -15.27
C THR C 160 2.35 -26.80 -14.05
N LEU C 161 1.06 -26.62 -13.80
CA LEU C 161 0.41 -27.32 -12.69
C LEU C 161 0.43 -28.82 -12.92
N GLN C 162 0.17 -29.26 -14.15
CA GLN C 162 0.23 -30.69 -14.44
C GLN C 162 1.64 -31.23 -14.22
N ALA C 163 2.66 -30.49 -14.66
CA ALA C 163 4.03 -30.94 -14.47
C ALA C 163 4.39 -31.03 -12.99
N VAL C 164 4.01 -30.03 -12.20
CA VAL C 164 4.34 -30.06 -10.78
C VAL C 164 3.56 -31.16 -10.06
N LEU C 165 2.32 -31.43 -10.48
CA LEU C 165 1.57 -32.54 -9.89
C LEU C 165 2.23 -33.88 -10.21
N ASP C 166 2.67 -34.06 -11.46
CA ASP C 166 3.37 -35.29 -11.81
C ASP C 166 4.66 -35.45 -11.01
N SER C 167 5.42 -34.36 -10.86
CA SER C 167 6.65 -34.43 -10.07
C SER C 167 6.34 -34.76 -8.61
N ALA C 168 5.29 -34.16 -8.05
CA ALA C 168 4.91 -34.44 -6.67
C ALA C 168 4.53 -35.90 -6.51
N ALA C 169 3.76 -36.45 -7.46
CA ALA C 169 3.43 -37.86 -7.39
C ALA C 169 4.67 -38.74 -7.53
N GLU C 170 5.67 -38.27 -8.27
CA GLU C 170 6.92 -39.01 -8.44
C GLU C 170 7.96 -38.68 -7.39
N LYS C 171 7.68 -37.74 -6.48
CA LYS C 171 8.65 -37.38 -5.46
C LYS C 171 8.04 -37.21 -4.07
N LYS C 172 6.77 -37.59 -3.88
CA LYS C 172 6.11 -37.56 -2.58
C LYS C 172 6.11 -36.15 -1.98
N TRP C 173 5.42 -35.25 -2.66
CA TRP C 173 5.19 -33.89 -2.18
C TRP C 173 3.74 -33.73 -1.74
N GLN C 174 3.48 -32.63 -1.05
CA GLN C 174 2.14 -32.27 -0.60
C GLN C 174 1.78 -30.93 -1.23
N VAL C 175 1.19 -31.00 -2.43
CA VAL C 175 0.85 -29.82 -3.21
C VAL C 175 -0.64 -29.52 -3.02
N THR C 176 -0.95 -28.26 -2.72
CA THR C 176 -2.32 -27.80 -2.51
C THR C 176 -2.64 -26.81 -3.63
N ALA C 177 -3.09 -27.33 -4.77
CA ALA C 177 -3.39 -26.49 -5.92
C ALA C 177 -4.67 -25.70 -5.68
N ILE C 178 -4.62 -24.40 -5.95
CA ILE C 178 -5.75 -23.50 -5.77
C ILE C 178 -5.94 -22.67 -7.03
N ASN C 179 -7.17 -22.58 -7.50
CA ASN C 179 -7.51 -21.76 -8.66
C ASN C 179 -7.91 -20.36 -8.20
N VAL C 180 -7.32 -19.34 -8.83
CA VAL C 180 -7.59 -17.96 -8.45
C VAL C 180 -8.02 -17.17 -9.68
N GLY C 181 -8.33 -17.87 -10.77
CA GLY C 181 -8.72 -17.21 -12.00
C GLY C 181 -10.21 -16.98 -12.14
N ASN C 182 -11.00 -17.65 -11.29
CA ASN C 182 -12.45 -17.54 -11.35
C ASN C 182 -13.00 -16.44 -10.45
N ILE C 183 -12.15 -15.70 -9.75
CA ILE C 183 -12.60 -14.67 -8.82
C ILE C 183 -12.90 -13.39 -9.61
N ASN C 184 -14.12 -12.89 -9.48
CA ASN C 184 -14.48 -11.63 -10.10
C ASN C 184 -13.85 -10.46 -9.35
N ASN C 185 -13.48 -9.43 -10.10
CA ASN C 185 -12.76 -8.29 -9.54
C ASN C 185 -13.63 -7.39 -8.67
N ASP C 186 -14.96 -7.58 -8.69
CA ASP C 186 -15.82 -6.71 -7.88
C ASP C 186 -15.66 -6.97 -6.39
N LYS C 187 -15.36 -8.21 -6.01
CA LYS C 187 -15.21 -8.58 -4.61
C LYS C 187 -14.00 -9.49 -4.42
N LYS C 188 -12.89 -9.15 -5.05
CA LYS C 188 -11.68 -9.97 -4.96
C LYS C 188 -10.77 -9.50 -3.82
N ASP C 189 -11.34 -9.30 -2.64
CA ASP C 189 -10.58 -9.06 -1.42
C ASP C 189 -10.88 -10.09 -0.35
N GLU C 190 -12.16 -10.27 -0.01
CA GLU C 190 -12.54 -11.28 0.97
C GLU C 190 -12.19 -12.68 0.49
N THR C 191 -12.22 -12.91 -0.82
CA THR C 191 -11.86 -14.21 -1.36
C THR C 191 -10.40 -14.53 -1.04
N TYR C 192 -9.49 -13.59 -1.33
CA TYR C 192 -8.08 -13.81 -1.03
C TYR C 192 -7.85 -13.92 0.48
N ARG C 193 -8.55 -13.09 1.26
CA ARG C 193 -8.37 -13.13 2.71
C ARG C 193 -8.79 -14.50 3.26
N SER C 194 -9.94 -15.00 2.82
CA SER C 194 -10.39 -16.32 3.27
C SER C 194 -9.49 -17.42 2.76
N LEU C 195 -8.96 -17.28 1.54
CA LEU C 195 -8.04 -18.29 1.01
C LEU C 195 -6.78 -18.38 1.86
N PHE C 196 -6.22 -17.24 2.23
CA PHE C 196 -5.01 -17.28 3.04
C PHE C 196 -5.32 -17.66 4.49
N GLN C 197 -6.53 -17.38 4.97
CA GLN C 197 -6.94 -17.91 6.26
C GLN C 197 -7.00 -19.43 6.23
N ASP C 198 -7.53 -20.00 5.15
CA ASP C 198 -7.54 -21.45 5.00
C ASP C 198 -6.12 -22.01 4.91
N LEU C 199 -5.24 -21.30 4.20
CA LEU C 199 -3.84 -21.73 4.13
C LEU C 199 -3.20 -21.72 5.51
N GLU C 200 -3.48 -20.70 6.32
CA GLU C 200 -2.97 -20.66 7.68
C GLU C 200 -3.54 -21.79 8.54
N LEU C 201 -4.84 -22.07 8.37
CA LEU C 201 -5.44 -23.20 9.08
C LEU C 201 -4.79 -24.52 8.67
N LYS C 202 -4.35 -24.63 7.43
CA LYS C 202 -3.62 -25.80 6.96
C LYS C 202 -2.12 -25.72 7.27
N LYS C 203 -1.68 -24.66 7.94
CA LYS C 203 -0.27 -24.47 8.30
C LYS C 203 0.62 -24.47 7.06
N GLU C 204 0.19 -23.72 6.04
CA GLU C 204 0.92 -23.60 4.79
C GLU C 204 1.81 -22.36 4.86
N ARG C 205 3.12 -22.56 4.72
CA ARG C 205 4.08 -21.47 4.79
C ARG C 205 4.71 -21.12 3.46
N ARG C 206 4.81 -22.07 2.54
CA ARG C 206 5.46 -21.87 1.25
C ARG C 206 4.41 -21.87 0.15
N VAL C 207 4.39 -20.80 -0.65
CA VAL C 207 3.39 -20.62 -1.69
C VAL C 207 4.11 -20.34 -3.00
N ILE C 208 3.64 -20.98 -4.08
CA ILE C 208 4.14 -20.74 -5.42
C ILE C 208 3.08 -19.95 -6.18
N LEU C 209 3.43 -18.74 -6.60
CA LEU C 209 2.52 -17.87 -7.34
C LEU C 209 2.78 -18.04 -8.83
N ASP C 210 1.89 -18.76 -9.51
CA ASP C 210 1.97 -18.97 -10.95
C ASP C 210 0.78 -18.23 -11.56
N CYS C 211 0.96 -16.94 -11.82
CA CYS C 211 -0.12 -16.10 -12.32
C CYS C 211 0.47 -15.04 -13.25
N GLU C 212 -0.40 -14.15 -13.73
CA GLU C 212 0.03 -13.04 -14.56
C GLU C 212 0.53 -11.90 -13.68
N ARG C 213 0.98 -10.82 -14.32
CA ARG C 213 1.53 -9.70 -13.57
C ARG C 213 0.47 -9.03 -12.70
N ASP C 214 -0.70 -8.75 -13.26
CA ASP C 214 -1.75 -8.12 -12.48
C ASP C 214 -2.22 -9.03 -11.35
N LYS C 215 -2.38 -10.33 -11.63
CA LYS C 215 -2.85 -11.24 -10.61
C LYS C 215 -1.82 -11.37 -9.48
N VAL C 216 -0.53 -11.46 -9.81
CA VAL C 216 0.47 -11.57 -8.77
C VAL C 216 0.57 -10.26 -7.98
N ASN C 217 0.37 -9.11 -8.64
CA ASN C 217 0.35 -7.86 -7.90
C ASN C 217 -0.81 -7.81 -6.92
N ASP C 218 -2.00 -8.26 -7.35
CA ASP C 218 -3.14 -8.29 -6.44
C ASP C 218 -2.90 -9.25 -5.28
N ILE C 219 -2.30 -10.42 -5.57
CA ILE C 219 -2.03 -11.38 -4.51
C ILE C 219 -1.04 -10.81 -3.51
N VAL C 220 0.01 -10.14 -3.99
CA VAL C 220 1.00 -9.54 -3.09
C VAL C 220 0.35 -8.43 -2.26
N ASP C 221 -0.51 -7.62 -2.88
CA ASP C 221 -1.21 -6.58 -2.13
C ASP C 221 -2.06 -7.17 -1.02
N GLN C 222 -2.80 -8.24 -1.32
CA GLN C 222 -3.61 -8.88 -0.30
C GLN C 222 -2.74 -9.50 0.79
N VAL C 223 -1.61 -10.10 0.41
CA VAL C 223 -0.70 -10.69 1.38
C VAL C 223 -0.19 -9.64 2.36
N ILE C 224 0.22 -8.49 1.82
CA ILE C 224 0.70 -7.40 2.67
C ILE C 224 -0.43 -6.87 3.55
N THR C 225 -1.64 -6.76 2.98
CA THR C 225 -2.78 -6.26 3.76
C THR C 225 -3.07 -7.17 4.94
N ILE C 226 -3.03 -8.49 4.74
CA ILE C 226 -3.29 -9.43 5.84
C ILE C 226 -2.04 -9.71 6.67
N GLY C 227 -0.94 -9.02 6.38
CA GLY C 227 0.28 -9.20 7.16
C GLY C 227 0.88 -10.59 7.04
N LYS C 228 0.96 -11.10 5.82
CA LYS C 228 1.53 -12.42 5.56
C LYS C 228 2.82 -12.33 4.73
N HIS C 229 3.56 -11.24 4.89
CA HIS C 229 4.85 -11.07 4.23
C HIS C 229 5.99 -10.93 5.23
N VAL C 230 5.75 -11.28 6.50
CA VAL C 230 6.78 -11.20 7.54
C VAL C 230 7.66 -12.44 7.46
N LYS C 231 8.77 -12.42 8.20
CA LYS C 231 9.70 -13.53 8.21
C LYS C 231 8.99 -14.82 8.63
N GLY C 232 9.30 -15.91 7.91
CA GLY C 232 8.67 -17.19 8.13
C GLY C 232 7.88 -17.72 6.95
N TYR C 233 7.57 -16.88 5.96
CA TYR C 233 6.85 -17.29 4.77
C TYR C 233 7.79 -17.29 3.57
N HIS C 234 7.47 -18.12 2.58
CA HIS C 234 8.23 -18.20 1.35
C HIS C 234 7.30 -18.06 0.16
N TYR C 235 7.72 -17.27 -0.82
CA TYR C 235 6.94 -17.05 -2.04
C TYR C 235 7.84 -17.20 -3.25
N ILE C 236 7.37 -17.90 -4.26
CA ILE C 236 8.08 -18.05 -5.53
C ILE C 236 7.17 -17.54 -6.63
N ILE C 237 7.57 -16.46 -7.29
CA ILE C 237 6.81 -15.89 -8.39
C ILE C 237 7.17 -16.70 -9.64
N ALA C 238 6.31 -17.66 -9.98
CA ALA C 238 6.59 -18.62 -11.05
C ALA C 238 6.25 -18.00 -12.41
N ASN C 239 7.08 -17.03 -12.80
CA ASN C 239 7.01 -16.44 -14.14
C ASN C 239 8.34 -15.78 -14.43
N LEU C 240 8.59 -15.57 -15.72
CA LEU C 240 9.85 -14.96 -16.14
C LEU C 240 9.94 -13.48 -15.79
N GLY C 241 8.83 -12.83 -15.48
CA GLY C 241 8.83 -11.44 -15.11
C GLY C 241 8.92 -11.20 -13.61
N PHE C 242 10.07 -11.49 -13.02
CA PHE C 242 10.23 -11.33 -11.57
C PHE C 242 10.16 -9.86 -11.17
N THR C 243 10.87 -8.99 -11.89
CA THR C 243 10.98 -7.60 -11.51
C THR C 243 9.94 -6.69 -12.17
N ASP C 244 9.12 -7.22 -13.08
CA ASP C 244 8.11 -6.39 -13.73
C ASP C 244 7.08 -5.88 -12.73
N GLY C 245 6.64 -6.74 -11.82
CA GLY C 245 5.70 -6.31 -10.81
C GLY C 245 6.33 -5.38 -9.80
N ASP C 246 5.48 -4.65 -9.08
CA ASP C 246 5.96 -3.72 -8.08
C ASP C 246 6.40 -4.50 -6.84
N LEU C 247 7.69 -4.83 -6.78
CA LEU C 247 8.23 -5.66 -5.72
C LEU C 247 8.70 -4.87 -4.51
N LEU C 248 8.71 -3.54 -4.59
CA LEU C 248 9.24 -2.74 -3.49
C LEU C 248 8.35 -2.81 -2.26
N LYS C 249 7.04 -2.98 -2.45
CA LYS C 249 6.12 -2.99 -1.32
C LYS C 249 6.34 -4.20 -0.41
N ILE C 250 6.83 -5.30 -0.96
CA ILE C 250 7.07 -6.53 -0.20
C ILE C 250 8.54 -6.75 0.08
N GLN C 251 9.42 -5.86 -0.39
CA GLN C 251 10.86 -6.07 -0.26
C GLN C 251 11.30 -6.04 1.20
N PHE C 252 10.76 -5.12 1.99
CA PHE C 252 11.18 -4.93 3.37
C PHE C 252 10.35 -5.72 4.37
N GLY C 253 9.42 -6.56 3.92
CA GLY C 253 8.61 -7.32 4.85
C GLY C 253 9.42 -8.32 5.66
N GLY C 254 10.34 -9.02 5.00
CA GLY C 254 11.17 -10.00 5.67
C GLY C 254 10.94 -11.44 5.27
N ALA C 255 10.05 -11.71 4.31
CA ALA C 255 9.77 -13.06 3.86
C ALA C 255 10.54 -13.36 2.58
N ASN C 256 10.89 -14.63 2.39
CA ASN C 256 11.56 -15.05 1.17
C ASN C 256 10.67 -14.80 -0.03
N VAL C 257 11.23 -14.19 -1.07
CA VAL C 257 10.51 -13.95 -2.32
C VAL C 257 11.49 -14.27 -3.46
N SER C 258 11.33 -15.43 -4.06
CA SER C 258 12.18 -15.88 -5.16
C SER C 258 11.42 -15.81 -6.48
N GLY C 259 12.16 -15.91 -7.57
CA GLY C 259 11.54 -15.83 -8.87
C GLY C 259 12.53 -16.13 -9.97
N PHE C 260 12.08 -15.90 -11.21
CA PHE C 260 12.89 -16.13 -12.39
C PHE C 260 12.89 -14.88 -13.25
N GLN C 261 14.02 -14.61 -13.90
CA GLN C 261 14.14 -13.48 -14.80
C GLN C 261 14.88 -13.91 -16.06
N ILE C 262 14.35 -13.53 -17.21
CA ILE C 262 14.90 -13.96 -18.49
C ILE C 262 15.81 -12.88 -19.06
N VAL C 263 15.54 -11.62 -18.70
CA VAL C 263 16.32 -10.48 -19.19
C VAL C 263 17.33 -10.08 -18.12
N ASP C 264 18.61 -10.01 -18.50
CA ASP C 264 19.69 -9.69 -17.58
C ASP C 264 20.03 -8.22 -17.74
N TYR C 265 19.61 -7.40 -16.76
CA TYR C 265 19.74 -5.96 -16.88
C TYR C 265 21.18 -5.47 -16.80
N ASP C 266 22.12 -6.30 -16.32
CA ASP C 266 23.51 -5.89 -16.20
C ASP C 266 24.32 -6.16 -17.47
N ASP C 267 23.72 -6.79 -18.48
CA ASP C 267 24.43 -7.06 -19.72
C ASP C 267 24.60 -5.78 -20.53
N SER C 268 25.65 -5.77 -21.35
CA SER C 268 25.95 -4.59 -22.16
C SER C 268 24.83 -4.29 -23.15
N LEU C 269 24.33 -5.32 -23.83
CA LEU C 269 23.27 -5.11 -24.82
C LEU C 269 22.00 -4.60 -24.16
N VAL C 270 21.63 -5.18 -23.02
CA VAL C 270 20.42 -4.76 -22.33
C VAL C 270 20.58 -3.33 -21.81
N SER C 271 21.74 -3.00 -21.24
CA SER C 271 21.96 -1.65 -20.75
C SER C 271 21.91 -0.64 -21.88
N LYS C 272 22.49 -0.96 -23.02
CA LYS C 272 22.42 -0.07 -24.18
C LYS C 272 20.98 0.09 -24.65
N PHE C 273 20.19 -0.99 -24.60
CA PHE C 273 18.79 -0.90 -24.99
C PHE C 273 18.02 0.03 -24.07
N ILE C 274 18.21 -0.11 -22.76
CA ILE C 274 17.50 0.76 -21.82
C ILE C 274 17.96 2.21 -21.94
N GLU C 275 19.23 2.42 -22.28
CA GLU C 275 19.74 3.78 -22.45
C GLU C 275 18.90 4.56 -23.46
N ARG C 276 18.41 3.88 -24.50
CA ARG C 276 17.53 4.51 -25.48
C ARG C 276 16.07 4.40 -25.09
N TRP C 277 15.68 3.29 -24.45
CA TRP C 277 14.28 3.05 -24.12
C TRP C 277 13.76 4.03 -23.09
N SER C 278 14.58 4.41 -22.11
CA SER C 278 14.15 5.30 -21.05
C SER C 278 13.87 6.72 -21.53
N THR C 279 14.27 7.07 -22.76
CA THR C 279 14.10 8.42 -23.27
C THR C 279 13.32 8.41 -24.59
N LEU C 280 12.21 7.69 -24.61
CA LEU C 280 11.49 7.42 -25.86
C LEU C 280 10.18 8.18 -25.97
N GLU C 281 10.02 9.28 -25.24
CA GLU C 281 8.87 10.18 -25.39
C GLU C 281 7.56 9.42 -25.20
N GLU C 282 7.36 8.97 -23.95
CA GLU C 282 6.26 8.10 -23.56
C GLU C 282 4.93 8.42 -24.23
N LYS C 283 4.67 9.70 -24.50
CA LYS C 283 3.48 10.06 -25.26
C LYS C 283 3.51 9.45 -26.65
N GLU C 284 4.66 9.50 -27.32
CA GLU C 284 4.78 8.89 -28.65
C GLU C 284 4.88 7.37 -28.55
N TYR C 285 5.62 6.86 -27.57
CA TYR C 285 5.79 5.42 -27.36
C TYR C 285 5.24 5.08 -25.99
N PRO C 286 3.98 4.62 -25.91
CA PRO C 286 3.38 4.33 -24.61
C PRO C 286 4.14 3.22 -23.88
N GLY C 287 4.23 3.38 -22.55
CA GLY C 287 4.91 2.38 -21.73
C GLY C 287 6.38 2.23 -22.05
N ALA C 288 7.08 3.33 -22.28
CA ALA C 288 8.50 3.29 -22.62
C ALA C 288 9.38 4.11 -21.70
N HIS C 289 8.87 5.21 -21.14
CA HIS C 289 9.68 6.09 -20.29
C HIS C 289 9.83 5.45 -18.91
N THR C 290 10.62 4.38 -18.87
CA THR C 290 10.88 3.67 -17.62
C THR C 290 12.15 2.84 -17.80
N ALA C 291 12.72 2.43 -16.67
CA ALA C 291 13.91 1.60 -16.66
C ALA C 291 13.60 0.12 -16.60
N THR C 292 12.32 -0.26 -16.58
CA THR C 292 11.91 -1.65 -16.52
C THR C 292 11.10 -1.99 -17.76
N ILE C 293 11.42 -3.12 -18.38
CA ILE C 293 10.74 -3.58 -19.58
C ILE C 293 10.17 -4.96 -19.30
N LYS C 294 8.89 -5.15 -19.64
CA LYS C 294 8.25 -6.44 -19.47
C LYS C 294 8.92 -7.50 -20.33
N TYR C 295 8.98 -8.72 -19.79
CA TYR C 295 9.63 -9.81 -20.53
C TYR C 295 8.89 -10.12 -21.82
N THR C 296 7.57 -9.92 -21.86
CA THR C 296 6.84 -10.12 -23.10
C THR C 296 7.26 -9.12 -24.17
N SER C 297 7.43 -7.85 -23.79
CA SER C 297 7.90 -6.85 -24.75
C SER C 297 9.34 -7.12 -25.18
N ALA C 298 10.17 -7.57 -24.25
CA ALA C 298 11.54 -7.95 -24.61
C ALA C 298 11.54 -9.10 -25.60
N LEU C 299 10.68 -10.09 -25.38
CA LEU C 299 10.57 -11.20 -26.32
C LEU C 299 10.04 -10.73 -27.67
N THR C 300 9.14 -9.74 -27.67
CA THR C 300 8.68 -9.17 -28.94
C THR C 300 9.83 -8.52 -29.70
N TYR C 301 10.68 -7.76 -28.98
CA TYR C 301 11.84 -7.14 -29.63
C TYR C 301 12.78 -8.20 -30.19
N ASP C 302 13.07 -9.24 -29.41
CA ASP C 302 13.93 -10.31 -29.90
C ASP C 302 13.28 -11.04 -31.08
N ALA C 303 11.95 -11.20 -31.07
CA ALA C 303 11.27 -11.83 -32.18
C ALA C 303 11.40 -11.00 -33.45
N VAL C 304 11.28 -9.68 -33.33
CA VAL C 304 11.53 -8.81 -34.47
C VAL C 304 12.94 -9.01 -34.98
N GLN C 305 13.91 -9.09 -34.06
CA GLN C 305 15.30 -9.31 -34.46
C GLN C 305 15.45 -10.61 -35.23
N VAL C 306 14.86 -11.70 -34.73
CA VAL C 306 15.05 -13.00 -35.37
C VAL C 306 14.33 -13.05 -36.71
N MET C 307 13.17 -12.43 -36.84
CA MET C 307 12.49 -12.47 -38.13
C MET C 307 13.24 -11.63 -39.16
N THR C 308 13.77 -10.47 -38.74
CA THR C 308 14.60 -9.69 -39.66
C THR C 308 15.82 -10.48 -40.09
N GLU C 309 16.49 -11.16 -39.16
CA GLU C 309 17.67 -11.95 -39.50
C GLU C 309 17.31 -13.08 -40.45
N ALA C 310 16.18 -13.76 -40.20
CA ALA C 310 15.78 -14.87 -41.05
C ALA C 310 15.44 -14.40 -42.45
N PHE C 311 14.73 -13.28 -42.58
CA PHE C 311 14.42 -12.77 -43.91
C PHE C 311 15.67 -12.30 -44.64
N ARG C 312 16.61 -11.67 -43.92
CA ARG C 312 17.87 -11.27 -44.55
C ARG C 312 18.65 -12.48 -45.03
N ASN C 313 18.71 -13.54 -44.22
CA ASN C 313 19.42 -14.75 -44.63
C ASN C 313 18.73 -15.40 -45.84
N LEU C 314 17.40 -15.42 -45.85
CA LEU C 314 16.67 -15.98 -46.98
C LEU C 314 16.96 -15.19 -48.25
N ARG C 315 16.99 -13.86 -48.15
CA ARG C 315 17.34 -13.04 -49.30
C ARG C 315 18.78 -13.25 -49.74
N LYS C 316 19.68 -13.53 -48.79
CA LYS C 316 21.08 -13.79 -49.08
C LYS C 316 21.35 -15.23 -49.48
N GLN C 317 20.31 -15.98 -49.85
CA GLN C 317 20.47 -17.36 -50.29
C GLN C 317 20.08 -17.57 -51.75
N ARG C 318 19.69 -16.51 -52.46
CA ARG C 318 19.31 -16.58 -53.87
C ARG C 318 18.14 -17.53 -54.08
N ILE C 319 17.04 -17.24 -53.39
CA ILE C 319 15.80 -18.01 -53.48
C ILE C 319 14.69 -17.08 -53.91
N GLU C 320 13.88 -17.52 -54.86
CA GLU C 320 12.74 -16.74 -55.35
C GLU C 320 11.61 -16.81 -54.34
N ILE C 321 11.32 -15.69 -53.70
CA ILE C 321 10.25 -15.62 -52.70
C ILE C 321 9.18 -14.66 -53.19
N SER C 322 8.99 -14.60 -54.50
CA SER C 322 8.00 -13.70 -55.09
C SER C 322 6.63 -14.35 -55.03
N ARG C 323 5.69 -13.68 -54.36
CA ARG C 323 4.31 -14.15 -54.28
C ARG C 323 3.37 -12.97 -54.55
N ARG C 324 2.40 -13.18 -55.43
CA ARG C 324 1.44 -12.15 -55.78
C ARG C 324 0.15 -12.36 -54.99
N GLY C 325 -0.88 -11.58 -55.32
CA GLY C 325 -2.16 -11.69 -54.65
C GLY C 325 -2.98 -12.88 -55.10
N ASN C 326 -2.36 -14.06 -55.09
CA ASN C 326 -3.03 -15.29 -55.50
C ASN C 326 -3.44 -16.14 -54.31
N ALA C 327 -3.37 -15.60 -53.08
CA ALA C 327 -3.76 -16.37 -51.91
C ALA C 327 -5.24 -16.70 -51.94
N GLY C 328 -6.08 -15.76 -52.37
CA GLY C 328 -7.51 -15.99 -52.45
C GLY C 328 -8.21 -15.88 -51.12
N ASP C 329 -8.68 -17.01 -50.59
CA ASP C 329 -9.39 -17.05 -49.33
C ASP C 329 -8.76 -18.08 -48.41
N CYS C 330 -8.95 -17.87 -47.11
CA CYS C 330 -8.39 -18.76 -46.10
C CYS C 330 -9.13 -20.09 -46.01
N LEU C 331 -10.39 -20.14 -46.43
CA LEU C 331 -11.19 -21.37 -46.43
C LEU C 331 -11.37 -21.94 -47.83
N ALA C 332 -10.33 -21.92 -48.65
CA ALA C 332 -10.38 -22.59 -49.94
C ALA C 332 -10.69 -24.07 -49.75
N ASN C 333 -11.57 -24.58 -50.59
CA ASN C 333 -11.99 -25.99 -50.54
C ASN C 333 -11.63 -26.68 -51.85
N PRO C 334 -10.56 -27.49 -51.89
CA PRO C 334 -9.65 -27.82 -50.78
C PRO C 334 -8.63 -26.72 -50.51
N ALA C 335 -8.09 -26.67 -49.31
CA ALA C 335 -7.12 -25.64 -48.92
C ALA C 335 -5.73 -26.13 -49.31
N VAL C 336 -5.21 -25.62 -50.42
CA VAL C 336 -3.88 -25.96 -50.90
C VAL C 336 -2.92 -24.87 -50.44
N PRO C 337 -1.93 -25.19 -49.61
CA PRO C 337 -1.00 -24.17 -49.11
C PRO C 337 0.05 -23.85 -50.17
N TRP C 338 0.86 -22.83 -49.88
CA TRP C 338 1.93 -22.40 -50.76
C TRP C 338 3.25 -22.95 -50.25
N GLY C 339 3.97 -23.66 -51.12
CA GLY C 339 5.19 -24.34 -50.73
C GLY C 339 6.35 -23.43 -50.37
N GLN C 340 6.22 -22.13 -50.63
CA GLN C 340 7.29 -21.19 -50.29
C GLN C 340 7.38 -20.93 -48.78
N GLY C 341 6.42 -21.42 -48.00
CA GLY C 341 6.46 -21.19 -46.56
C GLY C 341 7.37 -22.12 -45.79
N VAL C 342 7.69 -23.29 -46.36
CA VAL C 342 8.56 -24.23 -45.65
C VAL C 342 9.98 -23.68 -45.55
N GLU C 343 10.45 -22.99 -46.60
CA GLU C 343 11.75 -22.34 -46.51
C GLU C 343 11.73 -21.21 -45.50
N ILE C 344 10.61 -20.49 -45.40
CA ILE C 344 10.48 -19.44 -44.39
C ILE C 344 10.58 -20.05 -42.99
N GLU C 345 9.88 -21.16 -42.76
CA GLU C 345 9.94 -21.82 -41.47
C GLU C 345 11.35 -22.31 -41.16
N ARG C 346 12.02 -22.90 -42.15
CA ARG C 346 13.38 -23.39 -41.93
C ARG C 346 14.33 -22.26 -41.60
N ALA C 347 14.21 -21.13 -42.30
CA ALA C 347 15.05 -19.97 -42.02
C ALA C 347 14.76 -19.42 -40.62
N LEU C 348 13.48 -19.39 -40.23
CA LEU C 348 13.14 -18.89 -38.90
C LEU C 348 13.69 -19.81 -37.81
N LYS C 349 13.68 -21.12 -38.04
CA LYS C 349 14.21 -22.07 -37.07
C LYS C 349 15.72 -22.27 -37.20
N GLN C 350 16.37 -21.54 -38.10
CA GLN C 350 17.81 -21.59 -38.28
C GLN C 350 18.45 -20.26 -37.90
N VAL C 351 18.00 -19.69 -36.77
CA VAL C 351 18.47 -18.39 -36.30
C VAL C 351 19.16 -18.60 -34.95
N GLN C 352 20.40 -18.11 -34.85
CA GLN C 352 21.18 -18.16 -33.61
C GLN C 352 21.73 -16.75 -33.38
N VAL C 353 20.96 -15.94 -32.66
CA VAL C 353 21.33 -14.56 -32.38
C VAL C 353 21.11 -14.27 -30.91
N GLU C 354 21.73 -13.21 -30.43
CA GLU C 354 21.57 -12.76 -29.05
C GLU C 354 20.53 -11.66 -28.98
N GLY C 355 20.02 -11.43 -27.77
CA GLY C 355 19.01 -10.42 -27.58
C GLY C 355 18.78 -10.13 -26.12
N LEU C 356 17.67 -9.45 -25.84
CA LEU C 356 17.34 -9.09 -24.47
C LEU C 356 17.12 -10.33 -23.62
N SER C 357 16.42 -11.33 -24.15
CA SER C 357 16.21 -12.58 -23.43
C SER C 357 17.46 -13.45 -23.36
N GLY C 358 18.51 -13.10 -24.11
CA GLY C 358 19.73 -13.88 -24.10
C GLY C 358 19.96 -14.60 -25.42
N ASN C 359 20.65 -15.74 -25.36
CA ASN C 359 20.89 -16.52 -26.57
C ASN C 359 19.58 -17.09 -27.09
N ILE C 360 19.37 -16.99 -28.40
CA ILE C 360 18.15 -17.44 -29.05
C ILE C 360 18.50 -18.57 -30.02
N LYS C 361 17.90 -19.73 -29.80
CA LYS C 361 18.10 -20.88 -30.68
C LYS C 361 16.83 -21.71 -30.68
N PHE C 362 16.40 -22.12 -31.87
CA PHE C 362 15.15 -22.85 -32.05
C PHE C 362 15.45 -24.28 -32.48
N ASP C 363 14.65 -25.22 -31.97
CA ASP C 363 14.80 -26.62 -32.31
C ASP C 363 13.96 -26.92 -33.55
N GLN C 364 13.78 -28.21 -33.86
CA GLN C 364 12.97 -28.60 -35.00
C GLN C 364 11.51 -28.23 -34.80
N ASN C 365 11.04 -28.22 -33.55
CA ASN C 365 9.64 -27.92 -33.25
C ASN C 365 9.39 -26.45 -32.98
N GLY C 366 10.41 -25.60 -33.04
CA GLY C 366 10.26 -24.18 -32.80
C GLY C 366 10.43 -23.75 -31.37
N LYS C 367 10.53 -24.68 -30.42
CA LYS C 367 10.76 -24.32 -29.03
C LYS C 367 12.19 -23.85 -28.83
N ARG C 368 12.35 -22.86 -27.96
CA ARG C 368 13.66 -22.28 -27.71
C ARG C 368 14.55 -23.26 -26.96
N ILE C 369 15.83 -23.29 -27.35
CA ILE C 369 16.82 -24.17 -26.74
C ILE C 369 18.05 -23.34 -26.41
N ASN C 370 18.92 -23.92 -25.56
CA ASN C 370 20.18 -23.30 -25.15
C ASN C 370 19.94 -21.92 -24.53
N TYR C 371 18.96 -21.86 -23.63
CA TYR C 371 18.61 -20.64 -22.93
C TYR C 371 18.96 -20.75 -21.45
N THR C 372 19.19 -19.60 -20.84
CA THR C 372 19.48 -19.51 -19.41
C THR C 372 18.44 -18.64 -18.73
N ILE C 373 17.95 -19.11 -17.59
CA ILE C 373 16.95 -18.39 -16.80
C ILE C 373 17.60 -18.00 -15.48
N ASN C 374 17.60 -16.70 -15.18
CA ASN C 374 18.25 -16.21 -13.97
C ASN C 374 17.32 -16.36 -12.78
N ILE C 375 17.81 -16.99 -11.72
CA ILE C 375 17.06 -17.19 -10.49
C ILE C 375 17.48 -16.12 -9.50
N MET C 376 16.52 -15.35 -9.00
CA MET C 376 16.78 -14.25 -8.09
C MET C 376 15.82 -14.32 -6.91
N GLU C 377 16.26 -13.77 -5.78
CA GLU C 377 15.39 -13.50 -4.64
C GLU C 377 15.32 -11.99 -4.42
N LEU C 378 14.48 -11.61 -3.46
CA LEU C 378 14.26 -10.21 -3.13
C LEU C 378 14.87 -9.94 -1.76
N LYS C 379 15.90 -9.11 -1.72
CA LYS C 379 16.59 -8.74 -0.50
C LYS C 379 16.31 -7.28 -0.17
N THR C 380 16.72 -6.88 1.04
CA THR C 380 16.48 -5.51 1.49
C THR C 380 17.16 -4.48 0.60
N ASN C 381 18.21 -4.87 -0.12
CA ASN C 381 18.90 -3.97 -1.03
C ASN C 381 18.49 -4.18 -2.48
N GLY C 382 17.46 -4.98 -2.74
CA GLY C 382 16.98 -5.20 -4.08
C GLY C 382 17.21 -6.61 -4.57
N PRO C 383 16.60 -6.96 -5.71
CA PRO C 383 16.80 -8.30 -6.26
C PRO C 383 18.25 -8.53 -6.69
N ARG C 384 18.69 -9.77 -6.56
CA ARG C 384 20.06 -10.15 -6.91
C ARG C 384 20.05 -11.50 -7.59
N LYS C 385 20.79 -11.62 -8.69
CA LYS C 385 20.86 -12.86 -9.44
C LYS C 385 21.83 -13.80 -8.75
N ILE C 386 21.31 -14.90 -8.21
CA ILE C 386 22.15 -15.85 -7.49
C ILE C 386 22.59 -17.03 -8.35
N GLY C 387 22.01 -17.20 -9.53
CA GLY C 387 22.41 -18.30 -10.38
C GLY C 387 21.59 -18.32 -11.65
N TYR C 388 21.82 -19.36 -12.44
CA TYR C 388 21.13 -19.55 -13.71
C TYR C 388 20.68 -20.99 -13.84
N TRP C 389 19.61 -21.18 -14.63
CA TRP C 389 19.09 -22.51 -14.91
C TRP C 389 19.24 -22.80 -16.40
N SER C 390 19.51 -24.05 -16.73
CA SER C 390 19.65 -24.48 -18.12
C SER C 390 19.03 -25.86 -18.27
N GLU C 391 18.77 -26.22 -19.53
CA GLU C 391 18.32 -27.58 -19.81
C GLU C 391 19.47 -28.57 -19.70
N VAL C 392 20.64 -28.21 -20.24
CA VAL C 392 21.79 -29.11 -20.21
C VAL C 392 22.33 -29.24 -18.78
N ASP C 393 22.37 -28.14 -18.04
CA ASP C 393 22.90 -28.13 -16.68
C ASP C 393 21.82 -27.70 -15.71
N LYS C 394 21.76 -28.36 -14.57
CA LYS C 394 20.76 -28.06 -13.56
C LYS C 394 21.04 -26.70 -12.93
N MET C 395 20.24 -26.35 -11.92
CA MET C 395 20.39 -25.07 -11.25
C MET C 395 21.81 -24.92 -10.70
N VAL C 396 22.41 -23.76 -10.95
CA VAL C 396 23.79 -23.50 -10.57
C VAL C 396 23.80 -22.31 -9.61
N VAL C 397 24.50 -22.47 -8.49
CA VAL C 397 24.57 -21.44 -7.46
C VAL C 397 25.86 -20.65 -7.64
N THR C 398 25.76 -19.34 -7.45
CA THR C 398 26.92 -18.46 -7.54
C THR C 398 27.26 -17.89 -6.16
N ASN D 25 -27.83 45.00 12.18
CA ASN D 25 -27.46 44.28 13.40
C ASN D 25 -26.35 43.27 13.11
N SER D 26 -25.66 43.46 11.99
CA SER D 26 -24.59 42.56 11.60
C SER D 26 -23.41 42.70 12.55
N ILE D 27 -22.78 41.56 12.86
CA ILE D 27 -21.62 41.50 13.74
C ILE D 27 -20.43 41.03 12.93
N GLN D 28 -19.33 41.78 13.01
CA GLN D 28 -18.12 41.48 12.24
C GLN D 28 -17.13 40.73 13.12
N ILE D 29 -16.65 39.60 12.61
CA ILE D 29 -15.65 38.79 13.29
C ILE D 29 -14.49 38.55 12.33
N GLY D 30 -13.38 38.06 12.88
CA GLY D 30 -12.20 37.78 12.09
C GLY D 30 -11.98 36.30 11.88
N GLY D 31 -11.16 35.95 10.89
CA GLY D 31 -10.86 34.56 10.62
C GLY D 31 -9.44 34.32 10.15
N LEU D 32 -8.72 33.44 10.83
CA LEU D 32 -7.37 33.06 10.47
C LEU D 32 -7.36 31.58 10.10
N PHE D 33 -6.91 31.26 8.90
CA PHE D 33 -6.87 29.89 8.45
C PHE D 33 -5.55 29.58 7.79
N PRO D 34 -5.04 28.36 7.95
CA PRO D 34 -3.81 27.97 7.27
C PRO D 34 -4.04 27.75 5.79
N ARG D 35 -2.94 27.72 5.04
CA ARG D 35 -2.97 27.48 3.60
C ARG D 35 -3.04 25.98 3.38
N GLY D 36 -4.26 25.45 3.30
CA GLY D 36 -4.46 24.03 3.12
C GLY D 36 -5.62 23.47 3.90
N ALA D 37 -6.15 24.26 4.84
CA ALA D 37 -7.28 23.82 5.67
C ALA D 37 -8.59 24.15 4.95
N ASP D 38 -8.78 23.49 3.81
CA ASP D 38 -9.98 23.72 3.00
C ASP D 38 -11.22 23.12 3.65
N GLN D 39 -11.09 21.92 4.23
CA GLN D 39 -12.24 21.29 4.87
C GLN D 39 -12.70 22.09 6.08
N GLU D 40 -11.76 22.67 6.82
CA GLU D 40 -12.13 23.52 7.95
C GLU D 40 -12.91 24.74 7.49
N TYR D 41 -12.49 25.37 6.39
CA TYR D 41 -13.23 26.51 5.86
C TYR D 41 -14.61 26.09 5.36
N SER D 42 -14.70 24.93 4.72
CA SER D 42 -15.99 24.44 4.25
C SER D 42 -16.94 24.19 5.42
N ALA D 43 -16.43 23.59 6.50
CA ALA D 43 -17.25 23.38 7.69
C ALA D 43 -17.64 24.72 8.33
N PHE D 44 -16.73 25.69 8.28
CA PHE D 44 -17.05 27.02 8.79
C PHE D 44 -18.21 27.63 8.02
N ARG D 45 -18.19 27.51 6.70
CA ARG D 45 -19.27 28.05 5.87
C ARG D 45 -20.57 27.29 6.10
N VAL D 46 -20.48 25.97 6.26
CA VAL D 46 -21.68 25.18 6.53
C VAL D 46 -22.32 25.59 7.86
N GLY D 47 -21.49 25.77 8.89
CA GLY D 47 -22.02 26.27 10.15
C GLY D 47 -22.59 27.66 10.02
N MET D 48 -21.95 28.50 9.21
CA MET D 48 -22.43 29.86 9.00
C MET D 48 -23.82 29.87 8.38
N VAL D 49 -24.04 29.03 7.37
CA VAL D 49 -25.36 28.98 6.73
C VAL D 49 -26.37 28.30 7.64
N GLN D 50 -25.94 27.32 8.44
CA GLN D 50 -26.87 26.65 9.36
C GLN D 50 -27.38 27.62 10.43
N PHE D 51 -26.46 28.34 11.07
CA PHE D 51 -26.82 29.30 12.11
C PHE D 51 -26.86 30.73 11.57
N SER D 52 -27.35 30.88 10.34
CA SER D 52 -27.30 32.18 9.67
C SER D 52 -28.03 33.25 10.45
N THR D 53 -29.34 33.11 10.62
CA THR D 53 -30.13 34.16 11.24
C THR D 53 -31.13 33.59 12.23
N SER D 54 -31.08 34.12 13.45
CA SER D 54 -32.16 34.00 14.43
C SER D 54 -32.70 35.36 14.83
N GLU D 55 -31.81 36.30 15.15
CA GLU D 55 -32.18 37.70 15.33
C GLU D 55 -31.16 38.65 14.71
N PHE D 56 -30.11 38.14 14.07
CA PHE D 56 -29.05 38.93 13.45
C PHE D 56 -28.25 38.01 12.55
N ARG D 57 -27.12 38.51 12.05
CA ARG D 57 -26.24 37.71 11.21
C ARG D 57 -24.81 38.15 11.45
N LEU D 58 -23.87 37.26 11.13
CA LEU D 58 -22.44 37.52 11.30
C LEU D 58 -21.78 37.81 9.97
N THR D 59 -20.64 38.49 10.04
CA THR D 59 -19.88 38.87 8.84
C THR D 59 -18.41 38.62 9.09
N PRO D 60 -17.90 37.45 8.70
CA PRO D 60 -16.50 37.11 8.94
C PRO D 60 -15.57 37.66 7.87
N HIS D 61 -14.35 37.96 8.31
CA HIS D 61 -13.26 38.40 7.44
C HIS D 61 -12.16 37.35 7.48
N ILE D 62 -12.07 36.56 6.43
CA ILE D 62 -11.12 35.44 6.37
C ILE D 62 -9.79 35.93 5.84
N ASP D 63 -8.71 35.48 6.47
CA ASP D 63 -7.35 35.85 6.07
C ASP D 63 -6.50 34.59 6.10
N ASN D 64 -6.37 33.92 4.95
CA ASN D 64 -5.55 32.73 4.84
C ASN D 64 -4.08 33.10 4.93
N LEU D 65 -3.33 32.39 5.77
CA LEU D 65 -1.95 32.74 6.03
C LEU D 65 -1.21 31.53 6.58
N GLU D 66 0.12 31.59 6.54
CA GLU D 66 0.95 30.56 7.14
C GLU D 66 0.84 30.66 8.65
N VAL D 67 0.14 29.70 9.27
CA VAL D 67 -0.16 29.78 10.69
C VAL D 67 1.08 29.61 11.55
N ALA D 68 2.16 29.04 11.00
CA ALA D 68 3.38 28.83 11.76
C ALA D 68 4.29 30.05 11.77
N ASN D 69 3.99 31.08 10.99
CA ASN D 69 4.81 32.28 10.93
C ASN D 69 4.27 33.30 11.92
N SER D 70 5.06 33.60 12.95
CA SER D 70 4.61 34.53 13.98
C SER D 70 4.42 35.93 13.42
N PHE D 71 5.28 36.38 12.50
CA PHE D 71 5.12 37.70 11.92
C PHE D 71 3.82 37.81 11.12
N ALA D 72 3.55 36.81 10.28
CA ALA D 72 2.32 36.83 9.50
C ALA D 72 1.10 36.76 10.40
N VAL D 73 1.17 35.94 11.45
CA VAL D 73 0.07 35.85 12.41
C VAL D 73 -0.16 37.21 13.08
N THR D 74 0.91 37.88 13.49
CA THR D 74 0.78 39.19 14.09
C THR D 74 0.17 40.20 13.12
N ASN D 75 0.59 40.15 11.86
CA ASN D 75 0.05 41.06 10.85
C ASN D 75 -1.44 40.82 10.67
N ALA D 76 -1.86 39.56 10.58
CA ALA D 76 -3.27 39.25 10.44
C ALA D 76 -4.07 39.72 11.66
N PHE D 77 -3.53 39.48 12.85
CA PHE D 77 -4.22 39.90 14.08
C PHE D 77 -4.39 41.41 14.11
N CYS D 78 -3.33 42.15 13.75
CA CYS D 78 -3.40 43.60 13.79
C CYS D 78 -4.34 44.14 12.72
N SER D 79 -4.32 43.56 11.53
CA SER D 79 -5.25 44.00 10.48
C SER D 79 -6.70 43.77 10.90
N GLN D 80 -6.98 42.61 11.49
CA GLN D 80 -8.35 42.32 11.92
C GLN D 80 -8.75 43.21 13.09
N PHE D 81 -7.83 43.50 14.00
CA PHE D 81 -8.15 44.40 15.11
C PHE D 81 -8.42 45.80 14.61
N SER D 82 -7.64 46.28 13.63
CA SER D 82 -7.91 47.59 13.04
C SER D 82 -9.24 47.59 12.28
N ARG D 83 -9.63 46.46 11.70
CA ARG D 83 -10.94 46.35 11.08
C ARG D 83 -12.07 46.37 12.09
N GLY D 84 -11.77 46.25 13.39
CA GLY D 84 -12.78 46.32 14.42
C GLY D 84 -13.64 45.07 14.53
N VAL D 85 -13.00 43.92 14.69
CA VAL D 85 -13.70 42.65 14.83
C VAL D 85 -14.09 42.45 16.28
N TYR D 86 -15.32 41.95 16.50
CA TYR D 86 -15.78 41.68 17.85
C TYR D 86 -15.11 40.44 18.44
N ALA D 87 -14.86 39.43 17.62
CA ALA D 87 -14.20 38.21 18.05
C ALA D 87 -13.37 37.67 16.89
N ILE D 88 -12.40 36.83 17.22
CA ILE D 88 -11.49 36.27 16.23
C ILE D 88 -11.53 34.75 16.32
N PHE D 89 -11.67 34.10 15.18
CA PHE D 89 -11.57 32.65 15.07
C PHE D 89 -10.36 32.31 14.21
N GLY D 90 -9.55 31.37 14.69
CA GLY D 90 -8.36 31.00 13.95
C GLY D 90 -7.61 29.90 14.66
N PHE D 91 -6.57 29.42 13.97
CA PHE D 91 -5.73 28.36 14.47
C PHE D 91 -4.40 28.95 14.94
N TYR D 92 -3.57 28.10 15.56
CA TYR D 92 -2.20 28.49 15.89
C TYR D 92 -1.36 27.24 16.01
N ASP D 93 -0.05 27.43 15.95
CA ASP D 93 0.93 26.36 16.07
C ASP D 93 1.72 26.54 17.36
N LYS D 94 2.63 25.59 17.63
CA LYS D 94 3.45 25.67 18.83
C LYS D 94 4.35 26.91 18.80
N LYS D 95 4.71 27.38 17.61
CA LYS D 95 5.55 28.56 17.46
C LYS D 95 4.75 29.83 17.21
N SER D 96 3.42 29.76 17.32
CA SER D 96 2.58 30.94 17.12
C SER D 96 1.47 31.05 18.15
N VAL D 97 1.49 30.25 19.21
CA VAL D 97 0.43 30.28 20.22
C VAL D 97 0.65 31.40 21.22
N ASN D 98 1.91 31.65 21.57
CA ASN D 98 2.21 32.71 22.55
C ASN D 98 1.79 34.07 22.04
N THR D 99 1.99 34.34 20.75
CA THR D 99 1.61 35.63 20.19
C THR D 99 0.10 35.84 20.30
N ILE D 100 -0.68 34.82 19.94
CA ILE D 100 -2.14 34.92 20.06
C ILE D 100 -2.55 35.13 21.50
N THR D 101 -2.00 34.32 22.41
CA THR D 101 -2.42 34.43 23.81
C THR D 101 -2.08 35.80 24.37
N SER D 102 -0.87 36.30 24.11
CA SER D 102 -0.46 37.59 24.63
C SER D 102 -1.29 38.72 24.04
N PHE D 103 -1.48 38.73 22.72
CA PHE D 103 -2.25 39.79 22.08
C PHE D 103 -3.70 39.79 22.56
N CYS D 104 -4.32 38.61 22.65
CA CYS D 104 -5.70 38.54 23.11
C CYS D 104 -5.82 38.97 24.56
N GLY D 105 -4.86 38.56 25.41
CA GLY D 105 -4.92 38.99 26.80
C GLY D 105 -4.75 40.48 26.97
N THR D 106 -3.86 41.08 26.18
CA THR D 106 -3.58 42.51 26.33
C THR D 106 -4.60 43.39 25.63
N LEU D 107 -5.37 42.86 24.67
CA LEU D 107 -6.36 43.65 23.96
C LEU D 107 -7.79 43.28 24.31
N HIS D 108 -8.00 42.30 25.19
CA HIS D 108 -9.34 41.87 25.60
C HIS D 108 -10.19 41.50 24.39
N VAL D 109 -9.59 40.77 23.46
CA VAL D 109 -10.27 40.26 22.27
C VAL D 109 -10.27 38.75 22.35
N SER D 110 -11.45 38.14 22.26
CA SER D 110 -11.57 36.70 22.38
C SER D 110 -10.99 36.01 21.16
N PHE D 111 -10.59 34.74 21.35
CA PHE D 111 -9.99 33.94 20.29
C PHE D 111 -10.51 32.52 20.42
N ILE D 112 -11.54 32.20 19.65
CA ILE D 112 -12.08 30.85 19.61
C ILE D 112 -11.23 30.02 18.65
N THR D 113 -10.70 28.90 19.15
CA THR D 113 -9.80 28.09 18.33
C THR D 113 -10.08 26.60 18.50
N PRO D 114 -9.93 25.83 17.44
CA PRO D 114 -9.94 24.36 17.55
C PRO D 114 -8.56 23.72 17.69
N SER D 115 -7.50 24.52 17.86
CA SER D 115 -6.16 23.98 17.96
C SER D 115 -5.93 23.36 19.33
N PHE D 116 -4.69 22.94 19.57
CA PHE D 116 -4.36 22.27 20.81
C PHE D 116 -4.55 23.24 21.99
N PRO D 117 -5.02 22.76 23.13
CA PRO D 117 -5.18 23.65 24.29
C PRO D 117 -3.83 24.17 24.76
N THR D 118 -3.85 25.40 25.27
CA THR D 118 -2.63 26.02 25.76
C THR D 118 -2.15 25.36 27.04
N ASP D 119 -0.84 25.32 27.21
CA ASP D 119 -0.22 24.73 28.40
C ASP D 119 -0.27 25.73 29.54
N GLY D 120 -1.41 25.77 30.21
CA GLY D 120 -1.64 26.66 31.32
C GLY D 120 -2.99 27.32 31.20
N THR D 121 -3.12 28.48 31.82
CA THR D 121 -4.34 29.28 31.76
C THR D 121 -4.05 30.59 31.02
N HIS D 122 -4.98 30.98 30.15
CA HIS D 122 -4.84 32.20 29.37
C HIS D 122 -6.22 32.82 29.19
N PRO D 123 -6.42 34.07 29.59
CA PRO D 123 -7.73 34.71 29.40
C PRO D 123 -7.97 35.06 27.94
N PHE D 124 -9.25 35.26 27.64
CA PHE D 124 -9.69 35.69 26.31
C PHE D 124 -9.32 34.69 25.21
N VAL D 125 -9.20 33.42 25.57
CA VAL D 125 -8.97 32.35 24.61
C VAL D 125 -9.98 31.25 24.88
N ILE D 126 -10.78 30.92 23.88
CA ILE D 126 -11.79 29.87 24.02
C ILE D 126 -11.32 28.63 23.30
N GLN D 127 -10.67 27.72 24.03
CA GLN D 127 -10.11 26.51 23.44
C GLN D 127 -11.22 25.47 23.29
N MET D 128 -11.40 24.97 22.07
CA MET D 128 -12.47 24.03 21.78
C MET D 128 -12.02 22.57 21.72
N ARG D 129 -10.72 22.31 21.75
CA ARG D 129 -10.25 20.94 21.70
C ARG D 129 -10.16 20.37 23.11
N PRO D 130 -10.91 19.31 23.43
CA PRO D 130 -10.82 18.71 24.77
C PRO D 130 -9.44 18.11 25.01
N ASP D 131 -9.02 18.13 26.27
CA ASP D 131 -7.73 17.57 26.63
C ASP D 131 -7.72 16.06 26.44
N LEU D 132 -6.56 15.53 26.07
CA LEU D 132 -6.39 14.11 25.81
C LEU D 132 -5.48 13.41 26.81
N LYS D 133 -4.80 14.16 27.68
CA LYS D 133 -3.86 13.55 28.62
C LYS D 133 -4.58 12.59 29.55
N GLY D 134 -5.72 13.01 30.11
CA GLY D 134 -6.45 12.15 31.03
C GLY D 134 -6.95 10.88 30.37
N ALA D 135 -7.54 11.02 29.17
CA ALA D 135 -8.04 9.84 28.46
C ALA D 135 -6.91 8.90 28.09
N LEU D 136 -5.77 9.44 27.64
CA LEU D 136 -4.63 8.59 27.29
C LEU D 136 -4.09 7.85 28.50
N LEU D 137 -3.95 8.53 29.63
CA LEU D 137 -3.46 7.87 30.84
C LEU D 137 -4.45 6.81 31.31
N SER D 138 -5.75 7.11 31.23
CA SER D 138 -6.75 6.13 31.63
C SER D 138 -6.71 4.90 30.72
N LEU D 139 -6.53 5.10 29.41
CA LEU D 139 -6.44 3.97 28.50
C LEU D 139 -5.19 3.14 28.76
N ILE D 140 -4.06 3.80 29.06
CA ILE D 140 -2.85 3.05 29.38
C ILE D 140 -3.05 2.23 30.65
N GLU D 141 -3.69 2.83 31.66
CA GLU D 141 -3.98 2.08 32.89
C GLU D 141 -4.90 0.90 32.60
N TYR D 142 -5.92 1.11 31.76
CA TYR D 142 -6.85 0.04 31.43
C TYR D 142 -6.16 -1.11 30.72
N TYR D 143 -5.26 -0.79 29.79
CA TYR D 143 -4.50 -1.82 29.10
C TYR D 143 -3.41 -2.44 29.98
N GLN D 144 -3.08 -1.79 31.11
CA GLN D 144 -2.08 -2.30 32.05
C GLN D 144 -0.72 -2.48 31.36
N TRP D 145 -0.18 -1.36 30.90
CA TRP D 145 1.09 -1.35 30.19
C TRP D 145 2.22 -0.96 31.13
N ASP D 146 3.38 -1.59 30.96
CA ASP D 146 4.57 -1.29 31.73
C ASP D 146 5.74 -0.78 30.90
N LYS D 147 5.85 -1.22 29.65
CA LYS D 147 6.92 -0.78 28.76
C LYS D 147 6.29 -0.44 27.41
N PHE D 148 5.99 0.83 27.20
CA PHE D 148 5.40 1.30 25.95
C PHE D 148 6.23 2.44 25.39
N ALA D 149 6.46 2.40 24.08
CA ALA D 149 7.15 3.49 23.40
C ALA D 149 6.20 4.65 23.18
N TYR D 150 6.78 5.83 22.96
CA TYR D 150 6.00 7.06 22.79
C TYR D 150 6.61 7.84 21.64
N LEU D 151 6.05 7.67 20.44
CA LEU D 151 6.52 8.39 19.26
C LEU D 151 5.79 9.72 19.20
N TYR D 152 6.42 10.76 19.72
CA TYR D 152 5.85 12.09 19.76
C TYR D 152 6.39 12.95 18.63
N ASP D 153 5.60 13.94 18.23
CA ASP D 153 5.94 14.88 17.18
C ASP D 153 5.76 16.30 17.70
N SER D 154 6.72 17.17 17.39
CA SER D 154 6.74 18.52 17.94
C SER D 154 5.95 19.47 17.05
N ASP D 155 4.63 19.26 17.01
CA ASP D 155 3.74 20.16 16.30
C ASP D 155 2.74 20.79 17.26
N ARG D 156 2.04 19.96 18.03
CA ARG D 156 1.03 20.43 18.96
C ARG D 156 1.59 20.71 20.35
N GLY D 157 2.90 20.56 20.55
CA GLY D 157 3.51 20.71 21.84
C GLY D 157 3.92 19.37 22.44
N LEU D 158 4.66 19.46 23.55
CA LEU D 158 5.13 18.29 24.26
C LEU D 158 4.42 18.10 25.60
N SER D 159 3.26 18.72 25.80
CA SER D 159 2.58 18.63 27.09
C SER D 159 2.14 17.21 27.40
N THR D 160 1.63 16.49 26.40
CA THR D 160 1.22 15.11 26.62
C THR D 160 2.42 14.22 26.93
N LEU D 161 3.54 14.44 26.25
CA LEU D 161 4.76 13.70 26.56
C LEU D 161 5.21 13.98 27.99
N GLN D 162 5.17 15.24 28.42
CA GLN D 162 5.53 15.57 29.79
C GLN D 162 4.62 14.86 30.78
N ALA D 163 3.30 14.91 30.53
CA ALA D 163 2.34 14.29 31.44
C ALA D 163 2.57 12.80 31.54
N VAL D 164 2.81 12.14 30.41
CA VAL D 164 3.09 10.70 30.47
C VAL D 164 4.42 10.45 31.18
N LEU D 165 5.34 11.42 31.14
CA LEU D 165 6.61 11.25 31.84
C LEU D 165 6.40 11.28 33.36
N ASP D 166 5.66 12.27 33.88
CA ASP D 166 5.39 12.25 35.31
C ASP D 166 4.54 11.03 35.70
N SER D 167 3.61 10.62 34.85
CA SER D 167 2.83 9.43 35.16
C SER D 167 3.72 8.19 35.24
N ALA D 168 4.67 8.07 34.32
CA ALA D 168 5.62 6.95 34.36
C ALA D 168 6.48 7.02 35.62
N ALA D 169 6.88 8.23 36.01
CA ALA D 169 7.65 8.38 37.25
C ALA D 169 6.85 7.93 38.46
N GLU D 170 5.55 8.25 38.49
CA GLU D 170 4.69 7.91 39.62
C GLU D 170 4.04 6.55 39.50
N LYS D 171 4.26 5.82 38.41
CA LYS D 171 3.65 4.50 38.23
C LYS D 171 4.65 3.44 37.78
N LYS D 172 5.93 3.76 37.74
CA LYS D 172 6.99 2.81 37.40
C LYS D 172 6.75 2.19 36.01
N TRP D 173 6.79 3.05 35.00
CA TRP D 173 6.70 2.65 33.60
C TRP D 173 8.05 2.79 32.93
N GLN D 174 8.21 2.10 31.80
CA GLN D 174 9.41 2.17 30.98
C GLN D 174 9.02 2.79 29.64
N VAL D 175 9.07 4.11 29.57
CA VAL D 175 8.69 4.86 28.38
C VAL D 175 9.91 5.13 27.54
N THR D 176 9.86 4.76 26.27
CA THR D 176 10.93 5.03 25.31
C THR D 176 10.43 6.10 24.35
N ALA D 177 10.59 7.36 24.76
CA ALA D 177 10.10 8.48 23.96
C ALA D 177 11.05 8.72 22.79
N ILE D 178 10.50 8.80 21.58
CA ILE D 178 11.26 9.04 20.37
C ILE D 178 10.59 10.15 19.59
N ASN D 179 11.38 11.11 19.13
CA ASN D 179 10.88 12.23 18.34
C ASN D 179 10.88 11.85 16.86
N VAL D 180 9.73 12.03 16.21
CA VAL D 180 9.59 11.72 14.79
C VAL D 180 9.22 12.98 14.03
N GLY D 181 9.64 14.14 14.54
CA GLY D 181 9.24 15.40 13.97
C GLY D 181 10.26 16.04 13.06
N ASN D 182 11.54 15.98 13.43
CA ASN D 182 12.60 16.67 12.70
C ASN D 182 13.22 15.76 11.64
N ILE D 183 12.36 15.29 10.73
CA ILE D 183 12.80 14.50 9.57
C ILE D 183 12.14 15.08 8.33
N ASN D 184 12.92 15.13 7.24
CA ASN D 184 12.45 15.70 5.98
C ASN D 184 11.82 14.62 5.11
N ASN D 185 11.21 15.07 4.01
CA ASN D 185 10.64 14.16 3.02
C ASN D 185 11.67 13.66 2.03
N ASP D 186 12.79 13.13 2.53
CA ASP D 186 13.81 12.54 1.69
C ASP D 186 14.41 11.26 2.26
N LYS D 187 14.36 11.06 3.57
CA LYS D 187 14.82 9.83 4.22
C LYS D 187 13.77 9.32 5.20
N LYS D 188 12.50 9.60 4.94
CA LYS D 188 11.43 9.15 5.81
C LYS D 188 11.42 7.63 5.92
N ASP D 189 11.51 6.94 4.78
CA ASP D 189 11.47 5.49 4.79
C ASP D 189 12.62 4.91 5.60
N GLU D 190 13.85 5.39 5.35
CA GLU D 190 15.00 4.87 6.06
C GLU D 190 14.92 5.16 7.55
N THR D 191 14.51 6.38 7.91
CA THR D 191 14.44 6.75 9.32
C THR D 191 13.40 5.91 10.07
N TYR D 192 12.20 5.80 9.51
CA TYR D 192 11.17 5.00 10.17
C TYR D 192 11.57 3.53 10.24
N ARG D 193 12.15 3.00 9.16
CA ARG D 193 12.59 1.61 9.16
C ARG D 193 13.62 1.36 10.25
N SER D 194 14.64 2.21 10.33
CA SER D 194 15.68 2.02 11.33
C SER D 194 15.11 2.16 12.74
N LEU D 195 14.21 3.12 12.94
CA LEU D 195 13.53 3.26 14.22
C LEU D 195 12.85 1.96 14.62
N PHE D 196 12.14 1.33 13.67
CA PHE D 196 11.41 0.13 14.03
C PHE D 196 12.32 -1.09 14.19
N GLN D 197 13.43 -1.17 13.45
CA GLN D 197 14.39 -2.24 13.74
C GLN D 197 14.98 -2.07 15.13
N ASP D 198 15.24 -0.81 15.54
CA ASP D 198 15.69 -0.55 16.89
C ASP D 198 14.63 -0.98 17.92
N LEU D 199 13.37 -0.67 17.64
CA LEU D 199 12.30 -1.09 18.54
C LEU D 199 12.22 -2.61 18.64
N GLU D 200 12.43 -3.30 17.52
CA GLU D 200 12.51 -4.76 17.55
C GLU D 200 13.71 -5.24 18.36
N LEU D 201 14.84 -4.54 18.27
CA LEU D 201 16.03 -4.94 19.01
C LEU D 201 15.78 -4.90 20.51
N LYS D 202 15.18 -3.82 21.01
CA LYS D 202 14.73 -3.91 22.41
C LYS D 202 13.38 -4.62 22.57
N LYS D 203 12.83 -5.20 21.50
CA LYS D 203 11.66 -6.08 21.59
C LYS D 203 10.48 -5.36 22.24
N GLU D 204 10.04 -4.29 21.58
CA GLU D 204 9.03 -3.39 22.14
C GLU D 204 7.81 -3.44 21.21
N ARG D 205 6.72 -4.03 21.70
CA ARG D 205 5.54 -4.26 20.87
C ARG D 205 4.44 -3.23 21.09
N ARG D 206 4.46 -2.50 22.19
CA ARG D 206 3.43 -1.51 22.49
C ARG D 206 3.97 -0.12 22.15
N VAL D 207 3.29 0.55 21.22
CA VAL D 207 3.73 1.83 20.69
C VAL D 207 2.56 2.81 20.73
N ILE D 208 2.83 4.03 21.18
CA ILE D 208 1.83 5.10 21.22
C ILE D 208 2.22 6.16 20.20
N LEU D 209 1.27 6.55 19.36
CA LEU D 209 1.49 7.56 18.34
C LEU D 209 0.74 8.83 18.75
N ASP D 210 1.49 9.85 19.13
CA ASP D 210 0.94 11.16 19.48
C ASP D 210 1.06 12.15 18.34
N CYS D 211 0.93 11.68 17.11
CA CYS D 211 1.13 12.51 15.92
C CYS D 211 -0.20 12.88 15.28
N GLU D 212 -0.13 13.78 14.30
CA GLU D 212 -1.30 14.24 13.58
C GLU D 212 -1.64 13.24 12.48
N ARG D 213 -2.62 13.59 11.64
CA ARG D 213 -3.15 12.64 10.66
C ARG D 213 -2.07 12.22 9.65
N ASP D 214 -1.37 13.19 9.07
CA ASP D 214 -0.37 12.86 8.06
C ASP D 214 0.77 12.05 8.65
N LYS D 215 1.23 12.42 9.84
CA LYS D 215 2.34 11.69 10.46
C LYS D 215 1.94 10.27 10.83
N VAL D 216 0.73 10.08 11.38
CA VAL D 216 0.31 8.72 11.70
C VAL D 216 0.07 7.92 10.44
N ASN D 217 -0.37 8.56 9.35
CA ASN D 217 -0.49 7.85 8.08
C ASN D 217 0.87 7.38 7.59
N ASP D 218 1.90 8.24 7.68
CA ASP D 218 3.24 7.84 7.27
C ASP D 218 3.76 6.70 8.14
N ILE D 219 3.54 6.79 9.45
CA ILE D 219 4.00 5.75 10.36
C ILE D 219 3.30 4.43 10.07
N VAL D 220 1.99 4.49 9.82
CA VAL D 220 1.23 3.28 9.52
C VAL D 220 1.70 2.66 8.20
N ASP D 221 1.94 3.49 7.19
CA ASP D 221 2.45 2.97 5.93
C ASP D 221 3.81 2.29 6.13
N GLN D 222 4.69 2.90 6.92
CA GLN D 222 6.01 2.32 7.12
C GLN D 222 5.94 1.02 7.92
N VAL D 223 5.10 0.97 8.94
CA VAL D 223 5.00 -0.26 9.73
C VAL D 223 4.38 -1.37 8.89
N ILE D 224 3.43 -1.04 8.02
CA ILE D 224 2.90 -2.04 7.10
C ILE D 224 4.00 -2.53 6.16
N THR D 225 4.79 -1.61 5.61
CA THR D 225 5.85 -1.99 4.68
C THR D 225 6.86 -2.92 5.34
N ILE D 226 7.25 -2.62 6.57
CA ILE D 226 8.22 -3.48 7.27
C ILE D 226 7.57 -4.71 7.89
N GLY D 227 6.24 -4.77 7.93
CA GLY D 227 5.55 -5.95 8.42
C GLY D 227 5.57 -6.10 9.92
N LYS D 228 5.06 -5.09 10.64
CA LYS D 228 4.93 -5.15 12.08
C LYS D 228 3.52 -4.82 12.55
N HIS D 229 2.53 -4.95 11.66
CA HIS D 229 1.13 -4.78 12.02
C HIS D 229 0.42 -6.10 12.26
N VAL D 230 1.17 -7.20 12.36
CA VAL D 230 0.63 -8.53 12.58
C VAL D 230 0.34 -8.72 14.06
N LYS D 231 -0.34 -9.81 14.39
CA LYS D 231 -0.69 -10.11 15.78
C LYS D 231 0.55 -10.08 16.66
N GLY D 232 0.38 -9.55 17.88
CA GLY D 232 1.48 -9.37 18.81
C GLY D 232 1.93 -7.94 18.97
N TYR D 233 1.27 -6.99 18.31
CA TYR D 233 1.59 -5.57 18.42
C TYR D 233 0.36 -4.80 18.86
N HIS D 234 0.59 -3.66 19.50
CA HIS D 234 -0.50 -2.78 19.92
C HIS D 234 -0.10 -1.34 19.65
N TYR D 235 -1.02 -0.59 19.06
CA TYR D 235 -0.80 0.82 18.74
C TYR D 235 -1.95 1.65 19.27
N ILE D 236 -1.62 2.81 19.82
CA ILE D 236 -2.61 3.76 20.31
C ILE D 236 -2.45 5.04 19.51
N ILE D 237 -3.52 5.46 18.83
CA ILE D 237 -3.51 6.69 18.06
C ILE D 237 -3.96 7.81 18.99
N ALA D 238 -2.99 8.59 19.48
CA ALA D 238 -3.27 9.62 20.49
C ALA D 238 -3.71 10.91 19.81
N ASN D 239 -4.90 10.84 19.20
CA ASN D 239 -5.55 12.02 18.66
C ASN D 239 -7.06 11.77 18.65
N LEU D 240 -7.82 12.86 18.61
CA LEU D 240 -9.28 12.73 18.58
C LEU D 240 -9.78 12.22 17.24
N GLY D 241 -8.96 12.27 16.20
CA GLY D 241 -9.35 11.77 14.89
C GLY D 241 -8.92 10.36 14.64
N PHE D 242 -9.48 9.41 15.39
CA PHE D 242 -9.11 8.00 15.22
C PHE D 242 -9.49 7.51 13.82
N THR D 243 -10.72 7.76 13.40
CA THR D 243 -11.18 7.29 12.09
C THR D 243 -10.85 8.27 10.96
N ASP D 244 -10.33 9.46 11.27
CA ASP D 244 -10.00 10.41 10.22
C ASP D 244 -8.90 9.89 9.32
N GLY D 245 -7.95 9.13 9.85
CA GLY D 245 -6.94 8.49 9.05
C GLY D 245 -7.47 7.27 8.33
N ASP D 246 -6.59 6.67 7.54
CA ASP D 246 -6.95 5.47 6.76
C ASP D 246 -6.59 4.25 7.59
N LEU D 247 -7.55 3.75 8.35
CA LEU D 247 -7.36 2.57 9.19
C LEU D 247 -7.63 1.27 8.46
N LEU D 248 -8.14 1.33 7.23
CA LEU D 248 -8.43 0.12 6.47
C LEU D 248 -7.17 -0.66 6.13
N LYS D 249 -6.01 0.01 6.10
CA LYS D 249 -4.77 -0.68 5.76
C LYS D 249 -4.33 -1.63 6.88
N ILE D 250 -4.54 -1.25 8.13
CA ILE D 250 -4.15 -2.08 9.27
C ILE D 250 -5.35 -2.81 9.88
N GLN D 251 -6.51 -2.75 9.23
CA GLN D 251 -7.70 -3.39 9.78
C GLN D 251 -7.54 -4.90 9.84
N PHE D 252 -6.97 -5.50 8.79
CA PHE D 252 -6.86 -6.95 8.68
C PHE D 252 -5.47 -7.47 9.05
N GLY D 253 -4.61 -6.61 9.59
CA GLY D 253 -3.29 -7.08 9.98
C GLY D 253 -3.32 -8.07 11.13
N GLY D 254 -4.17 -7.82 12.12
CA GLY D 254 -4.28 -8.68 13.28
C GLY D 254 -3.74 -8.12 14.58
N ALA D 255 -3.27 -6.88 14.58
CA ALA D 255 -2.74 -6.25 15.78
C ALA D 255 -3.77 -5.27 16.34
N ASN D 256 -3.76 -5.13 17.67
CA ASN D 256 -4.65 -4.16 18.31
C ASN D 256 -4.33 -2.76 17.82
N VAL D 257 -5.36 -2.00 17.46
CA VAL D 257 -5.22 -0.61 17.05
C VAL D 257 -6.29 0.17 17.81
N SER D 258 -5.89 0.81 18.90
CA SER D 258 -6.80 1.61 19.71
C SER D 258 -6.69 3.08 19.33
N GLY D 259 -7.59 3.88 19.89
CA GLY D 259 -7.58 5.30 19.61
C GLY D 259 -8.72 5.99 20.33
N PHE D 260 -8.81 7.30 20.10
CA PHE D 260 -9.82 8.15 20.70
C PHE D 260 -10.59 8.87 19.60
N GLN D 261 -11.91 8.97 19.77
CA GLN D 261 -12.76 9.67 18.82
C GLN D 261 -13.69 10.60 19.56
N ILE D 262 -13.81 11.83 19.07
CA ILE D 262 -14.61 12.86 19.74
C ILE D 262 -16.01 13.01 19.16
N VAL D 263 -16.23 12.59 17.91
CA VAL D 263 -17.54 12.68 17.27
C VAL D 263 -18.11 11.27 17.14
N ASP D 264 -19.38 11.11 17.51
CA ASP D 264 -20.05 9.82 17.48
C ASP D 264 -20.96 9.79 16.26
N TYR D 265 -20.57 9.04 15.23
CA TYR D 265 -21.34 8.98 14.00
C TYR D 265 -22.67 8.26 14.16
N ASP D 266 -22.89 7.58 15.28
CA ASP D 266 -24.17 6.94 15.56
C ASP D 266 -25.12 7.85 16.32
N ASP D 267 -24.72 9.09 16.60
CA ASP D 267 -25.54 10.06 17.30
C ASP D 267 -26.49 10.74 16.30
N SER D 268 -27.64 11.16 16.80
CA SER D 268 -28.66 11.74 15.92
C SER D 268 -28.16 13.00 15.22
N LEU D 269 -27.56 13.92 15.99
CA LEU D 269 -27.10 15.18 15.41
C LEU D 269 -26.01 14.95 14.39
N VAL D 270 -25.05 14.07 14.71
CA VAL D 270 -23.96 13.80 13.78
C VAL D 270 -24.47 13.13 12.52
N SER D 271 -25.42 12.20 12.67
CA SER D 271 -25.97 11.52 11.50
C SER D 271 -26.73 12.49 10.60
N LYS D 272 -27.54 13.37 11.18
CA LYS D 272 -28.26 14.36 10.39
C LYS D 272 -27.29 15.30 9.68
N PHE D 273 -26.25 15.76 10.41
CA PHE D 273 -25.27 16.64 9.78
C PHE D 273 -24.54 15.93 8.65
N ILE D 274 -24.19 14.67 8.83
CA ILE D 274 -23.49 13.93 7.78
C ILE D 274 -24.39 13.71 6.58
N GLU D 275 -25.68 13.45 6.81
CA GLU D 275 -26.61 13.33 5.70
C GLU D 275 -26.70 14.63 4.92
N ARG D 276 -26.72 15.77 5.62
CA ARG D 276 -26.77 17.05 4.92
C ARG D 276 -25.43 17.39 4.26
N TRP D 277 -24.32 16.90 4.80
CA TRP D 277 -22.98 17.33 4.41
C TRP D 277 -22.38 16.47 3.29
N SER D 278 -22.72 15.19 3.21
CA SER D 278 -22.14 14.32 2.19
C SER D 278 -22.71 14.62 0.82
N THR D 279 -23.95 15.12 0.75
CA THR D 279 -24.58 15.42 -0.53
C THR D 279 -23.97 16.63 -1.22
N LEU D 280 -23.11 17.39 -0.54
CA LEU D 280 -22.54 18.59 -1.12
C LEU D 280 -21.54 18.23 -2.21
N GLU D 281 -20.97 19.27 -2.84
CA GLU D 281 -20.05 19.12 -3.95
C GLU D 281 -18.67 19.63 -3.58
N GLU D 282 -17.64 19.05 -4.18
CA GLU D 282 -16.26 19.42 -3.91
C GLU D 282 -15.80 20.62 -4.70
N LYS D 283 -16.70 21.32 -5.39
CA LYS D 283 -16.34 22.52 -6.13
C LYS D 283 -16.41 23.76 -5.24
N GLU D 284 -17.59 24.03 -4.68
CA GLU D 284 -17.75 25.15 -3.77
C GLU D 284 -17.42 24.80 -2.33
N TYR D 285 -17.45 23.50 -1.97
CA TYR D 285 -17.16 23.04 -0.61
C TYR D 285 -16.10 21.95 -0.72
N PRO D 286 -14.82 22.34 -0.80
CA PRO D 286 -13.76 21.34 -0.90
C PRO D 286 -13.74 20.41 0.30
N GLY D 287 -13.50 19.13 0.04
CA GLY D 287 -13.47 18.14 1.11
C GLY D 287 -14.79 18.00 1.84
N ALA D 288 -15.91 18.01 1.11
CA ALA D 288 -17.23 17.93 1.72
C ALA D 288 -18.12 16.97 0.93
N HIS D 289 -17.55 15.85 0.49
CA HIS D 289 -18.32 14.82 -0.20
C HIS D 289 -17.94 13.44 0.32
N THR D 290 -17.74 13.33 1.63
CA THR D 290 -17.35 12.08 2.26
C THR D 290 -18.20 11.85 3.51
N ALA D 291 -18.33 10.58 3.88
CA ALA D 291 -19.12 10.21 5.04
C ALA D 291 -18.42 10.56 6.36
N THR D 292 -17.14 10.91 6.32
CA THR D 292 -16.37 11.23 7.51
C THR D 292 -15.95 12.70 7.48
N ILE D 293 -15.89 13.29 8.67
CA ILE D 293 -15.48 14.68 8.84
C ILE D 293 -14.41 14.74 9.91
N LYS D 294 -13.34 15.50 9.66
CA LYS D 294 -12.27 15.64 10.62
C LYS D 294 -12.76 16.36 11.88
N TYR D 295 -12.13 16.03 13.01
CA TYR D 295 -12.54 16.64 14.26
C TYR D 295 -12.23 18.13 14.30
N THR D 296 -11.20 18.57 13.58
CA THR D 296 -10.91 19.99 13.51
C THR D 296 -12.04 20.75 12.82
N SER D 297 -12.54 20.22 11.71
CA SER D 297 -13.66 20.86 11.02
C SER D 297 -14.95 20.74 11.84
N ALA D 298 -15.12 19.63 12.55
CA ALA D 298 -16.27 19.51 13.46
C ALA D 298 -16.22 20.60 14.52
N LEU D 299 -15.04 20.84 15.09
CA LEU D 299 -14.87 21.89 16.09
C LEU D 299 -15.05 23.27 15.46
N THR D 300 -14.70 23.43 14.19
CA THR D 300 -15.03 24.67 13.48
C THR D 300 -16.54 24.89 13.45
N TYR D 301 -17.29 23.84 13.14
CA TYR D 301 -18.76 23.93 13.13
C TYR D 301 -19.27 24.31 14.52
N ASP D 302 -18.82 23.60 15.55
CA ASP D 302 -19.27 23.93 16.90
C ASP D 302 -18.80 25.29 17.36
N ALA D 303 -17.69 25.80 16.82
CA ALA D 303 -17.23 27.14 17.17
C ALA D 303 -18.12 28.20 16.56
N VAL D 304 -18.56 27.98 15.32
CA VAL D 304 -19.57 28.86 14.72
C VAL D 304 -20.82 28.84 15.58
N GLN D 305 -21.26 27.65 15.99
CA GLN D 305 -22.44 27.56 16.85
C GLN D 305 -22.24 28.30 18.17
N VAL D 306 -21.06 28.16 18.78
CA VAL D 306 -20.79 28.79 20.06
C VAL D 306 -20.79 30.30 19.93
N MET D 307 -20.15 30.83 18.89
CA MET D 307 -20.15 32.28 18.67
C MET D 307 -21.57 32.79 18.45
N THR D 308 -22.36 32.08 17.63
CA THR D 308 -23.73 32.51 17.40
C THR D 308 -24.55 32.51 18.68
N GLU D 309 -24.41 31.46 19.49
CA GLU D 309 -25.15 31.38 20.74
C GLU D 309 -24.73 32.48 21.71
N ALA D 310 -23.42 32.75 21.79
CA ALA D 310 -22.94 33.79 22.70
C ALA D 310 -23.47 35.16 22.30
N PHE D 311 -23.44 35.48 21.00
CA PHE D 311 -23.96 36.76 20.57
C PHE D 311 -25.47 36.85 20.71
N ARG D 312 -26.18 35.73 20.52
CA ARG D 312 -27.62 35.72 20.77
C ARG D 312 -27.93 35.98 22.23
N ASN D 313 -27.18 35.36 23.14
CA ASN D 313 -27.37 35.62 24.56
C ASN D 313 -27.06 37.07 24.90
N LEU D 314 -26.02 37.63 24.30
CA LEU D 314 -25.70 39.04 24.53
C LEU D 314 -26.84 39.94 24.08
N ARG D 315 -27.40 39.67 22.90
CA ARG D 315 -28.53 40.46 22.42
C ARG D 315 -29.75 40.30 23.34
N LYS D 316 -30.00 39.08 23.81
CA LYS D 316 -31.13 38.85 24.69
C LYS D 316 -30.96 39.56 26.03
N GLN D 317 -29.71 39.68 26.51
CA GLN D 317 -29.46 40.41 27.74
C GLN D 317 -29.51 41.92 27.56
N ARG D 318 -29.56 42.40 26.31
CA ARG D 318 -29.62 43.83 25.99
C ARG D 318 -28.40 44.57 26.55
N ILE D 319 -27.23 44.10 26.14
CA ILE D 319 -25.94 44.72 26.48
C ILE D 319 -25.41 45.39 25.22
N GLU D 320 -25.04 46.66 25.34
CA GLU D 320 -24.52 47.43 24.21
C GLU D 320 -23.05 47.09 24.01
N ILE D 321 -22.73 46.48 22.87
CA ILE D 321 -21.36 46.09 22.55
C ILE D 321 -20.81 46.85 21.35
N SER D 322 -21.63 47.59 20.61
CA SER D 322 -21.16 48.30 19.44
C SER D 322 -20.12 49.34 19.80
N ARG D 323 -19.09 49.45 18.96
CA ARG D 323 -18.02 50.40 19.22
C ARG D 323 -18.53 51.83 19.16
N ARG D 324 -17.99 52.68 20.04
CA ARG D 324 -18.29 54.11 19.97
C ARG D 324 -17.50 54.80 18.87
N GLY D 325 -16.51 54.12 18.30
CA GLY D 325 -15.71 54.67 17.22
C GLY D 325 -14.79 53.64 16.61
N ASN D 326 -13.66 54.09 16.07
CA ASN D 326 -12.68 53.16 15.51
C ASN D 326 -12.03 52.34 16.61
N ALA D 327 -11.61 51.12 16.25
CA ALA D 327 -11.00 50.23 17.23
C ALA D 327 -9.69 50.80 17.76
N GLY D 328 -8.86 51.37 16.87
CA GLY D 328 -7.59 51.95 17.26
C GLY D 328 -6.44 51.29 16.54
N ASP D 329 -5.30 51.23 17.23
CA ASP D 329 -4.06 50.71 16.67
C ASP D 329 -3.64 49.45 17.42
N CYS D 330 -3.03 48.51 16.67
CA CYS D 330 -2.54 47.28 17.27
C CYS D 330 -1.44 47.57 18.31
N LEU D 331 -0.46 48.38 17.94
CA LEU D 331 0.71 48.62 18.77
C LEU D 331 0.66 49.99 19.45
N ALA D 332 -0.53 50.43 19.84
CA ALA D 332 -0.68 51.70 20.52
C ALA D 332 -0.11 51.63 21.93
N ASN D 333 0.42 52.76 22.40
CA ASN D 333 0.99 52.86 23.74
C ASN D 333 0.26 53.96 24.50
N PRO D 334 -0.44 53.63 25.58
CA PRO D 334 -0.63 52.30 26.15
C PRO D 334 -1.73 51.52 25.45
N ALA D 335 -1.66 50.20 25.45
CA ALA D 335 -2.70 49.36 24.84
C ALA D 335 -3.93 49.40 25.72
N VAL D 336 -4.92 50.19 25.32
CA VAL D 336 -6.16 50.34 26.08
C VAL D 336 -7.17 49.34 25.53
N PRO D 337 -7.66 48.40 26.34
CA PRO D 337 -8.73 47.51 25.90
C PRO D 337 -10.11 48.05 26.25
N TRP D 338 -11.07 47.79 25.37
CA TRP D 338 -12.42 48.25 25.62
C TRP D 338 -13.04 47.51 26.81
N GLY D 339 -14.05 48.14 27.41
CA GLY D 339 -14.71 47.55 28.56
C GLY D 339 -15.67 46.43 28.20
N GLN D 340 -15.96 46.25 26.92
CA GLN D 340 -16.85 45.18 26.49
C GLN D 340 -16.13 43.86 26.22
N GLY D 341 -14.79 43.86 26.26
CA GLY D 341 -14.06 42.62 26.04
C GLY D 341 -14.33 41.59 27.11
N VAL D 342 -14.39 42.03 28.37
CA VAL D 342 -14.69 41.10 29.46
C VAL D 342 -16.10 40.54 29.31
N GLU D 343 -17.04 41.38 28.88
CA GLU D 343 -18.41 40.91 28.66
C GLU D 343 -18.46 39.89 27.52
N ILE D 344 -17.73 40.16 26.44
CA ILE D 344 -17.67 39.21 25.32
C ILE D 344 -17.09 37.88 25.78
N GLU D 345 -16.00 37.93 26.55
CA GLU D 345 -15.37 36.70 27.04
C GLU D 345 -16.31 35.93 27.95
N ARG D 346 -17.01 36.63 28.86
CA ARG D 346 -17.93 35.95 29.76
C ARG D 346 -19.08 35.32 28.99
N ALA D 347 -19.62 36.03 28.00
CA ALA D 347 -20.71 35.48 27.20
C ALA D 347 -20.26 34.25 26.42
N LEU D 348 -19.04 34.29 25.88
CA LEU D 348 -18.54 33.14 25.13
C LEU D 348 -18.28 31.95 26.04
N LYS D 349 -17.79 32.20 27.26
CA LYS D 349 -17.51 31.11 28.18
C LYS D 349 -18.74 30.61 28.93
N GLN D 350 -19.85 31.33 28.86
CA GLN D 350 -21.06 30.99 29.61
C GLN D 350 -22.07 30.19 28.80
N VAL D 351 -21.73 29.77 27.59
CA VAL D 351 -22.65 29.05 26.74
C VAL D 351 -22.50 27.55 26.98
N GLN D 352 -23.63 26.83 26.93
CA GLN D 352 -23.65 25.37 27.03
C GLN D 352 -24.55 24.85 25.91
N VAL D 353 -23.96 24.28 24.87
CA VAL D 353 -24.68 23.79 23.71
C VAL D 353 -24.25 22.35 23.43
N GLU D 354 -24.99 21.71 22.54
CA GLU D 354 -24.68 20.37 22.08
C GLU D 354 -24.29 20.42 20.61
N GLY D 355 -23.12 19.88 20.29
CA GLY D 355 -22.62 19.91 18.93
C GLY D 355 -22.14 18.57 18.41
N LEU D 356 -21.32 18.60 17.36
CA LEU D 356 -20.78 17.36 16.81
C LEU D 356 -19.88 16.65 17.82
N SER D 357 -19.05 17.41 18.54
CA SER D 357 -18.16 16.82 19.53
C SER D 357 -18.92 16.32 20.75
N GLY D 358 -20.14 16.79 20.98
CA GLY D 358 -20.92 16.41 22.13
C GLY D 358 -21.28 17.61 22.98
N ASN D 359 -21.42 17.38 24.28
CA ASN D 359 -21.72 18.46 25.21
C ASN D 359 -20.57 19.46 25.23
N ILE D 360 -20.92 20.74 25.14
CA ILE D 360 -19.93 21.82 25.10
C ILE D 360 -20.19 22.73 26.30
N LYS D 361 -19.16 22.91 27.13
CA LYS D 361 -19.25 23.78 28.29
C LYS D 361 -17.84 24.19 28.68
N PHE D 362 -17.65 25.48 28.93
CA PHE D 362 -16.33 26.03 29.23
C PHE D 362 -16.26 26.49 30.67
N ASP D 363 -15.09 26.32 31.27
CA ASP D 363 -14.85 26.79 32.63
C ASP D 363 -14.28 28.21 32.56
N GLN D 364 -13.82 28.73 33.71
CA GLN D 364 -13.36 30.11 33.77
C GLN D 364 -12.08 30.34 32.97
N ASN D 365 -11.32 29.28 32.68
CA ASN D 365 -10.06 29.40 31.95
C ASN D 365 -10.23 29.23 30.44
N GLY D 366 -11.43 28.98 29.96
CA GLY D 366 -11.67 28.78 28.55
C GLY D 366 -11.52 27.35 28.06
N LYS D 367 -11.10 26.43 28.92
CA LYS D 367 -10.98 25.03 28.53
C LYS D 367 -12.37 24.41 28.40
N ARG D 368 -12.42 23.14 28.03
CA ARG D 368 -13.67 22.41 27.85
C ARG D 368 -13.87 21.44 29.01
N ILE D 369 -15.06 21.46 29.60
CA ILE D 369 -15.40 20.60 30.72
C ILE D 369 -16.71 19.89 30.39
N ASN D 370 -16.97 18.83 31.15
CA ASN D 370 -18.16 18.00 30.96
C ASN D 370 -18.25 17.44 29.54
N TYR D 371 -17.10 17.07 28.99
CA TYR D 371 -17.03 16.47 27.67
C TYR D 371 -16.90 14.95 27.78
N THR D 372 -16.87 14.28 26.64
CA THR D 372 -16.80 12.83 26.59
C THR D 372 -16.00 12.41 25.37
N ILE D 373 -14.98 11.58 25.58
CA ILE D 373 -14.14 11.05 24.52
C ILE D 373 -14.43 9.56 24.39
N ASN D 374 -14.85 9.13 23.21
CA ASN D 374 -15.21 7.74 22.97
C ASN D 374 -13.97 6.94 22.59
N ILE D 375 -13.62 5.96 23.42
CA ILE D 375 -12.48 5.08 23.14
C ILE D 375 -12.94 4.01 22.17
N MET D 376 -12.19 3.84 21.08
CA MET D 376 -12.57 2.91 20.02
C MET D 376 -11.40 1.99 19.70
N GLU D 377 -11.74 0.83 19.13
CA GLU D 377 -10.76 -0.17 18.73
C GLU D 377 -11.03 -0.57 17.29
N LEU D 378 -9.96 -0.97 16.58
CA LEU D 378 -10.05 -1.33 15.18
C LEU D 378 -10.14 -2.84 15.06
N LYS D 379 -11.37 -3.35 15.07
CA LYS D 379 -11.62 -4.76 14.84
C LYS D 379 -11.62 -5.04 13.33
N THR D 380 -11.61 -6.34 13.00
CA THR D 380 -11.55 -6.73 11.59
C THR D 380 -12.80 -6.31 10.82
N ASN D 381 -13.92 -6.08 11.49
CA ASN D 381 -15.12 -5.61 10.82
C ASN D 381 -15.21 -4.10 10.75
N GLY D 382 -14.28 -3.38 11.40
CA GLY D 382 -14.30 -1.94 11.39
C GLY D 382 -14.05 -1.38 12.78
N PRO D 383 -13.96 -0.05 12.88
CA PRO D 383 -13.76 0.59 14.19
C PRO D 383 -15.03 0.57 15.02
N ARG D 384 -14.98 -0.08 16.17
CA ARG D 384 -16.12 -0.22 17.07
C ARG D 384 -15.80 0.42 18.40
N LYS D 385 -16.71 1.26 18.88
CA LYS D 385 -16.54 1.90 20.18
C LYS D 385 -16.64 0.88 21.31
N ILE D 386 -15.74 0.99 22.29
CA ILE D 386 -15.76 0.12 23.46
C ILE D 386 -16.09 0.86 24.73
N GLY D 387 -16.18 2.18 24.71
CA GLY D 387 -16.52 2.93 25.90
C GLY D 387 -16.22 4.39 25.72
N TYR D 388 -16.44 5.14 26.79
CA TYR D 388 -16.25 6.57 26.81
C TYR D 388 -15.44 6.99 28.03
N TRP D 389 -14.73 8.11 27.90
CA TRP D 389 -13.97 8.68 29.00
C TRP D 389 -14.49 10.09 29.28
N SER D 390 -14.82 10.35 30.53
CA SER D 390 -15.26 11.66 30.98
C SER D 390 -14.21 12.27 31.90
N GLU D 391 -14.49 13.48 32.38
CA GLU D 391 -13.58 14.11 33.34
C GLU D 391 -13.91 13.71 34.78
N VAL D 392 -15.20 13.62 35.12
CA VAL D 392 -15.58 13.22 36.47
C VAL D 392 -15.47 11.72 36.64
N ASP D 393 -15.59 10.96 35.56
CA ASP D 393 -15.49 9.50 35.59
C ASP D 393 -14.37 9.06 34.69
N LYS D 394 -13.64 8.02 35.13
CA LYS D 394 -12.52 7.50 34.36
C LYS D 394 -13.05 6.66 33.20
N MET D 395 -12.16 5.93 32.53
CA MET D 395 -12.54 5.10 31.40
C MET D 395 -13.61 4.09 31.81
N VAL D 396 -14.65 3.99 30.97
CA VAL D 396 -15.77 3.09 31.21
C VAL D 396 -15.83 2.10 30.05
N VAL D 397 -15.92 0.81 30.37
CA VAL D 397 -15.92 -0.24 29.38
C VAL D 397 -17.36 -0.64 29.07
N THR D 398 -17.68 -0.71 27.78
CA THR D 398 -19.03 -1.08 27.34
C THR D 398 -18.97 -2.21 26.31
C1 NAG E . 31.43 10.52 43.61
C2 NAG E . 31.02 9.29 42.83
C3 NAG E . 31.86 8.08 43.26
C4 NAG E . 33.35 8.42 43.16
C5 NAG E . 33.67 9.74 43.87
C6 NAG E . 35.09 10.19 43.64
C7 NAG E . 28.99 8.72 44.12
C8 NAG E . 27.51 8.45 44.03
N2 NAG E . 29.59 9.00 42.96
O3 NAG E . 31.54 6.97 42.43
O4 NAG E . 34.11 7.40 43.80
O5 NAG E . 32.81 10.78 43.40
O6 NAG E . 35.13 11.28 42.72
O7 NAG E . 29.59 8.67 45.19
C1 NAG E . 34.54 6.35 42.90
C2 NAG E . 34.02 5.02 43.44
C3 NAG E . 34.42 3.88 42.51
C4 NAG E . 33.96 4.18 41.08
C5 NAG E . 34.48 5.53 40.63
C6 NAG E . 33.96 5.94 39.27
C7 NAG E . 33.90 5.23 45.89
C8 NAG E . 34.55 4.89 47.19
N2 NAG E . 34.51 4.78 44.79
O3 NAG E . 33.82 2.67 42.97
O4 NAG E . 34.45 3.17 40.20
O5 NAG E . 34.06 6.55 41.55
O6 NAG E . 32.91 5.08 38.83
O7 NAG E . 32.87 5.89 45.83
C1 NAG F . -15.13 -53.23 -1.94
C2 NAG F . -14.67 -52.28 -0.84
C3 NAG F . -14.92 -52.90 0.53
C4 NAG F . -16.38 -53.31 0.67
C5 NAG F . -16.79 -54.20 -0.50
C6 NAG F . -18.27 -54.53 -0.50
C7 NAG F . -12.25 -52.78 -0.98
C8 NAG F . -10.89 -52.18 -1.15
N2 NAG F . -13.27 -51.91 -1.00
O3 NAG F . -14.57 -51.94 1.55
O4 NAG F . -16.57 -54.04 1.87
O5 NAG F . -16.52 -53.54 -1.74
O6 NAG F . -19.00 -53.64 0.35
O7 NAG F . -12.41 -53.98 -0.82
C1 NAG F . -17.01 -53.21 2.97
C2 NAG F . -16.01 -53.38 4.11
C3 NAG F . -16.39 -52.52 5.30
C4 NAG F . -16.58 -51.06 4.87
C5 NAG F . -17.56 -50.98 3.69
C6 NAG F . -17.69 -49.58 3.13
C7 NAG F . -16.89 -55.53 4.99
C8 NAG F . -16.54 -56.94 5.33
N2 NAG F . -15.88 -54.78 4.50
O3 NAG F . -15.38 -52.60 6.29
O4 NAG F . -17.11 -50.30 5.95
O5 NAG F . -17.11 -51.81 2.62
O6 NAG F . -18.17 -49.60 1.79
O7 NAG F . -18.02 -55.08 5.14
C1 BMA F . -16.06 -49.53 6.57
C2 BMA F . -16.66 -48.21 7.09
C3 BMA F . -15.64 -47.45 7.94
C4 BMA F . -15.01 -48.36 9.00
C5 BMA F . -14.39 -49.58 8.31
C6 BMA F . -13.75 -50.55 9.29
O2 BMA F . -17.79 -48.47 7.93
O3 BMA F . -16.23 -46.32 8.58
O4 BMA F . -13.99 -47.65 9.70
O5 BMA F . -15.44 -50.28 7.63
O6 BMA F . -13.04 -51.53 8.56
C1 NAG G . 14.45 -18.41 3.35
C2 NAG G . 13.85 -19.63 4.03
C3 NAG G . 14.81 -20.19 5.08
C4 NAG G . 16.17 -20.47 4.44
C5 NAG G . 16.69 -19.21 3.78
C6 NAG G . 18.00 -19.40 3.06
C7 NAG G . 11.52 -20.16 4.58
C8 NAG G . 10.27 -19.68 5.25
N2 NAG G . 12.56 -19.32 4.62
O3 NAG G . 14.25 -21.36 5.64
O4 NAG G . 17.10 -20.93 5.41
O5 NAG G . 15.74 -18.73 2.80
O6 NAG G . 19.06 -18.73 3.71
O7 NAG G . 11.59 -21.25 4.03
C1 NAG G . 17.11 -22.37 5.45
C2 NAG G . 18.49 -22.92 5.05
C3 NAG G . 18.52 -24.43 5.19
C4 NAG G . 18.07 -24.86 6.57
C5 NAG G . 16.71 -24.25 6.90
C6 NAG G . 16.24 -24.54 8.31
C7 NAG G . 20.08 -22.48 3.22
C8 NAG G . 20.23 -22.04 1.80
N2 NAG G . 18.83 -22.51 3.69
O3 NAG G . 19.84 -24.91 4.94
O4 NAG G . 17.94 -26.28 6.62
O5 NAG G . 16.79 -22.82 6.78
O6 NAG G . 15.67 -25.83 8.41
O7 NAG G . 21.04 -22.78 3.92
C1 BMA G . 18.91 -26.81 7.56
C2 BMA G . 18.28 -28.04 8.26
C3 BMA G . 19.32 -28.71 9.16
C4 BMA G . 20.64 -28.97 8.41
C5 BMA G . 21.14 -27.66 7.78
C6 BMA G . 22.43 -27.83 6.99
O2 BMA G . 17.87 -29.00 7.31
O3 BMA G . 18.83 -29.93 9.70
O4 BMA G . 21.61 -29.47 9.30
O5 BMA G . 20.12 -27.16 6.89
O6 BMA G . 22.11 -28.50 5.77
C1 NAG H . -3.85 -7.08 22.21
C2 NAG H . -2.91 -7.02 23.41
C3 NAG H . -2.85 -8.37 24.11
C4 NAG H . -4.24 -8.86 24.48
C5 NAG H . -5.15 -8.83 23.25
C6 NAG H . -6.58 -9.15 23.58
C7 NAG H . -0.77 -7.22 22.17
C8 NAG H . 0.56 -6.57 21.92
N2 NAG H . -1.58 -6.57 23.02
O3 NAG H . -2.03 -8.26 25.27
O4 NAG H . -4.18 -10.17 24.99
O5 NAG H . -5.14 -7.52 22.65
O6 NAG H . -7.36 -7.97 23.76
O7 NAG H . -1.10 -8.27 21.64
C1 NAG H . -4.29 -10.17 26.43
C2 NAG H . -4.70 -11.56 26.89
C3 NAG H . -4.75 -11.63 28.41
C4 NAG H . -3.45 -11.14 29.02
C5 NAG H . -3.11 -9.75 28.48
C6 NAG H . -1.76 -9.25 28.95
C7 NAG H . -7.13 -11.35 26.50
C8 NAG H . -8.31 -11.94 25.79
N2 NAG H . -5.96 -11.98 26.30
O3 NAG H . -5.00 -12.97 28.82
O4 NAG H . -3.56 -11.08 30.43
O5 NAG H . -3.05 -9.79 27.05
O6 NAG H . -1.90 -8.15 29.84
O7 NAG H . -7.22 -10.35 27.19
C1 NAG I . 24.60 -21.65 -26.29
C2 NAG I . 25.60 -22.38 -27.17
C3 NAG I . 27.03 -21.93 -26.85
C4 NAG I . 27.14 -20.41 -26.94
C5 NAG I . 26.07 -19.77 -26.05
C6 NAG I . 26.05 -18.26 -26.17
C7 NAG I . 25.41 -24.67 -28.05
C8 NAG I . 25.28 -26.12 -27.70
N2 NAG I . 25.48 -23.82 -27.01
O3 NAG I . 27.93 -22.54 -27.77
O4 NAG I . 28.43 -19.99 -26.51
O5 NAG I . 24.78 -20.23 -26.43
O6 NAG I . 25.53 -17.84 -27.42
O7 NAG I . 25.45 -24.28 -29.20
#